data_6AGY
# 
_entry.id   6AGY 
# 
_audit_conform.dict_name       mmcif_pdbx.dic 
_audit_conform.dict_version    5.380 
_audit_conform.dict_location   http://mmcif.pdb.org/dictionaries/ascii/mmcif_pdbx.dic 
# 
loop_
_database_2.database_id 
_database_2.database_code 
_database_2.pdbx_database_accession 
_database_2.pdbx_DOI 
PDB   6AGY         pdb_00006agy 10.2210/pdb6agy/pdb 
WWPDB D_1300008726 ?            ?                   
# 
_pdbx_database_status.status_code                     REL 
_pdbx_database_status.status_code_sf                  REL 
_pdbx_database_status.status_code_mr                  ? 
_pdbx_database_status.entry_id                        6AGY 
_pdbx_database_status.recvd_initial_deposition_date   2018-08-15 
_pdbx_database_status.SG_entry                        N 
_pdbx_database_status.deposit_site                    PDBJ 
_pdbx_database_status.process_site                    PDBJ 
_pdbx_database_status.status_code_cs                  ? 
_pdbx_database_status.methods_development_category    ? 
_pdbx_database_status.pdb_format_compatible           Y 
_pdbx_database_status.status_code_nmr_data            ? 
# 
loop_
_audit_author.name 
_audit_author.pdbx_ordinal 
_audit_author.identifier_ORCID 
'Hu, Y.'  1 ? 
'Han, L.' 2 ? 
# 
_citation.abstract                  ? 
_citation.abstract_id_CAS           ? 
_citation.book_id_ISBN              ? 
_citation.book_publisher            ? 
_citation.book_publisher_city       ? 
_citation.book_title                ? 
_citation.coordinate_linkage        ? 
_citation.country                   US 
_citation.database_id_Medline       ? 
_citation.details                   ? 
_citation.id                        primary 
_citation.journal_abbrev            'Biochem. Biophys. Res. Commun.' 
_citation.journal_id_ASTM           BBRCA9 
_citation.journal_id_CSD            0146 
_citation.journal_id_ISSN           1090-2104 
_citation.journal_full              ? 
_citation.journal_issue             ? 
_citation.journal_volume            511 
_citation.language                  ? 
_citation.page_first                148 
_citation.page_last                 153 
_citation.title                     
'Characterization of crystal structure and key residues of Aspergillus fumigatus nucleoside diphosphate kinase.' 
_citation.year                      2019 
_citation.database_id_CSD           ? 
_citation.pdbx_database_id_DOI      10.1016/j.bbrc.2019.01.126 
_citation.pdbx_database_id_PubMed   30773256 
_citation.unpublished_flag          ? 
# 
loop_
_citation_author.citation_id 
_citation_author.name 
_citation_author.ordinal 
_citation_author.identifier_ORCID 
primary 'Hu, Y.'  1 ? 
primary 'Jia, X.' 2 ? 
primary 'Lu, Z.'  3 ? 
primary 'Han, L.' 4 ? 
# 
_cell.angle_alpha                  90.00 
_cell.angle_alpha_esd              ? 
_cell.angle_beta                   90.00 
_cell.angle_beta_esd               ? 
_cell.angle_gamma                  120.00 
_cell.angle_gamma_esd              ? 
_cell.entry_id                     6AGY 
_cell.details                      ? 
_cell.formula_units_Z              ? 
_cell.length_a                     70.756 
_cell.length_a_esd                 ? 
_cell.length_b                     70.756 
_cell.length_b_esd                 ? 
_cell.length_c                     53.095 
_cell.length_c_esd                 ? 
_cell.volume                       ? 
_cell.volume_esd                   ? 
_cell.Z_PDB                        6 
_cell.reciprocal_angle_alpha       ? 
_cell.reciprocal_angle_beta        ? 
_cell.reciprocal_angle_gamma       ? 
_cell.reciprocal_angle_alpha_esd   ? 
_cell.reciprocal_angle_beta_esd    ? 
_cell.reciprocal_angle_gamma_esd   ? 
_cell.reciprocal_length_a          ? 
_cell.reciprocal_length_b          ? 
_cell.reciprocal_length_c          ? 
_cell.reciprocal_length_a_esd      ? 
_cell.reciprocal_length_b_esd      ? 
_cell.reciprocal_length_c_esd      ? 
_cell.pdbx_unique_axis             ? 
# 
_symmetry.entry_id                         6AGY 
_symmetry.cell_setting                     ? 
_symmetry.Int_Tables_number                149 
_symmetry.space_group_name_Hall            ? 
_symmetry.space_group_name_H-M             'P 3 1 2' 
_symmetry.pdbx_full_space_group_name_H-M   ? 
# 
loop_
_entity.id 
_entity.type 
_entity.src_method 
_entity.pdbx_description 
_entity.formula_weight 
_entity.pdbx_number_of_molecules 
_entity.pdbx_ec 
_entity.pdbx_mutation 
_entity.pdbx_fragment 
_entity.details 
1 polymer man 'Nucleoside diphosphate kinase' 18023.617 1   2.7.4.6 ? ? ? 
2 water   nat water                           18.015    184 ?       ? ? ? 
# 
_entity_name_com.entity_id   1 
_entity_name_com.name        'NDP kinase' 
# 
_entity_poly.entity_id                      1 
_entity_poly.type                           'polypeptide(L)' 
_entity_poly.nstd_linkage                   no 
_entity_poly.nstd_monomer                   no 
_entity_poly.pdbx_seq_one_letter_code       
;MSNEQTFIAIKPDGVQRGLIGPIISRFENRGFKLVAMKLVSPPQSQLEQHYADLSDKPFFKGLVSYMLSGPICAMVWEGR
DVVKTGRTILGATNPLASAPGTIRGDFAIDVGRNVCHGSDSVENAKKEIALWFKPEELISWKSATFDWVYEKALEHHHHH
H
;
_entity_poly.pdbx_seq_one_letter_code_can   
;MSNEQTFIAIKPDGVQRGLIGPIISRFENRGFKLVAMKLVSPPQSQLEQHYADLSDKPFFKGLVSYMLSGPICAMVWEGR
DVVKTGRTILGATNPLASAPGTIRGDFAIDVGRNVCHGSDSVENAKKEIALWFKPEELISWKSATFDWVYEKALEHHHHH
H
;
_entity_poly.pdbx_strand_id                 A 
_entity_poly.pdbx_target_identifier         ? 
# 
loop_
_entity_poly_seq.entity_id 
_entity_poly_seq.num 
_entity_poly_seq.mon_id 
_entity_poly_seq.hetero 
1 1   MET n 
1 2   SER n 
1 3   ASN n 
1 4   GLU n 
1 5   GLN n 
1 6   THR n 
1 7   PHE n 
1 8   ILE n 
1 9   ALA n 
1 10  ILE n 
1 11  LYS n 
1 12  PRO n 
1 13  ASP n 
1 14  GLY n 
1 15  VAL n 
1 16  GLN n 
1 17  ARG n 
1 18  GLY n 
1 19  LEU n 
1 20  ILE n 
1 21  GLY n 
1 22  PRO n 
1 23  ILE n 
1 24  ILE n 
1 25  SER n 
1 26  ARG n 
1 27  PHE n 
1 28  GLU n 
1 29  ASN n 
1 30  ARG n 
1 31  GLY n 
1 32  PHE n 
1 33  LYS n 
1 34  LEU n 
1 35  VAL n 
1 36  ALA n 
1 37  MET n 
1 38  LYS n 
1 39  LEU n 
1 40  VAL n 
1 41  SER n 
1 42  PRO n 
1 43  PRO n 
1 44  GLN n 
1 45  SER n 
1 46  GLN n 
1 47  LEU n 
1 48  GLU n 
1 49  GLN n 
1 50  HIS n 
1 51  TYR n 
1 52  ALA n 
1 53  ASP n 
1 54  LEU n 
1 55  SER n 
1 56  ASP n 
1 57  LYS n 
1 58  PRO n 
1 59  PHE n 
1 60  PHE n 
1 61  LYS n 
1 62  GLY n 
1 63  LEU n 
1 64  VAL n 
1 65  SER n 
1 66  TYR n 
1 67  MET n 
1 68  LEU n 
1 69  SER n 
1 70  GLY n 
1 71  PRO n 
1 72  ILE n 
1 73  CYS n 
1 74  ALA n 
1 75  MET n 
1 76  VAL n 
1 77  TRP n 
1 78  GLU n 
1 79  GLY n 
1 80  ARG n 
1 81  ASP n 
1 82  VAL n 
1 83  VAL n 
1 84  LYS n 
1 85  THR n 
1 86  GLY n 
1 87  ARG n 
1 88  THR n 
1 89  ILE n 
1 90  LEU n 
1 91  GLY n 
1 92  ALA n 
1 93  THR n 
1 94  ASN n 
1 95  PRO n 
1 96  LEU n 
1 97  ALA n 
1 98  SER n 
1 99  ALA n 
1 100 PRO n 
1 101 GLY n 
1 102 THR n 
1 103 ILE n 
1 104 ARG n 
1 105 GLY n 
1 106 ASP n 
1 107 PHE n 
1 108 ALA n 
1 109 ILE n 
1 110 ASP n 
1 111 VAL n 
1 112 GLY n 
1 113 ARG n 
1 114 ASN n 
1 115 VAL n 
1 116 CYS n 
1 117 HIS n 
1 118 GLY n 
1 119 SER n 
1 120 ASP n 
1 121 SER n 
1 122 VAL n 
1 123 GLU n 
1 124 ASN n 
1 125 ALA n 
1 126 LYS n 
1 127 LYS n 
1 128 GLU n 
1 129 ILE n 
1 130 ALA n 
1 131 LEU n 
1 132 TRP n 
1 133 PHE n 
1 134 LYS n 
1 135 PRO n 
1 136 GLU n 
1 137 GLU n 
1 138 LEU n 
1 139 ILE n 
1 140 SER n 
1 141 TRP n 
1 142 LYS n 
1 143 SER n 
1 144 ALA n 
1 145 THR n 
1 146 PHE n 
1 147 ASP n 
1 148 TRP n 
1 149 VAL n 
1 150 TYR n 
1 151 GLU n 
1 152 LYS n 
1 153 ALA n 
1 154 LEU n 
1 155 GLU n 
1 156 HIS n 
1 157 HIS n 
1 158 HIS n 
1 159 HIS n 
1 160 HIS n 
1 161 HIS n 
# 
_entity_src_gen.entity_id                          1 
_entity_src_gen.pdbx_src_id                        1 
_entity_src_gen.pdbx_alt_source_flag               sample 
_entity_src_gen.pdbx_seq_type                      'Biological sequence' 
_entity_src_gen.pdbx_beg_seq_num                   1 
_entity_src_gen.pdbx_end_seq_num                   161 
_entity_src_gen.gene_src_common_name               'Aspergillus fumigatus' 
_entity_src_gen.gene_src_genus                     ? 
_entity_src_gen.pdbx_gene_src_gene                 ? 
_entity_src_gen.gene_src_species                   ? 
_entity_src_gen.gene_src_strain                    Af293 
_entity_src_gen.gene_src_tissue                    ? 
_entity_src_gen.gene_src_tissue_fraction           ? 
_entity_src_gen.gene_src_details                   ? 
_entity_src_gen.pdbx_gene_src_fragment             ? 
_entity_src_gen.pdbx_gene_src_scientific_name      'Aspergillus fumigatus Af293' 
_entity_src_gen.pdbx_gene_src_ncbi_taxonomy_id     330879 
_entity_src_gen.pdbx_gene_src_variant              ? 
_entity_src_gen.pdbx_gene_src_cell_line            ? 
_entity_src_gen.pdbx_gene_src_atcc                 ? 
_entity_src_gen.pdbx_gene_src_organ                ? 
_entity_src_gen.pdbx_gene_src_organelle            ? 
_entity_src_gen.pdbx_gene_src_cell                 ? 
_entity_src_gen.pdbx_gene_src_cellular_location    ? 
_entity_src_gen.host_org_common_name               ? 
_entity_src_gen.pdbx_host_org_scientific_name      'Escherichia coli' 
_entity_src_gen.pdbx_host_org_ncbi_taxonomy_id     562 
_entity_src_gen.host_org_genus                     ? 
_entity_src_gen.pdbx_host_org_gene                 ? 
_entity_src_gen.pdbx_host_org_organ                ? 
_entity_src_gen.host_org_species                   ? 
_entity_src_gen.pdbx_host_org_tissue               ? 
_entity_src_gen.pdbx_host_org_tissue_fraction      ? 
_entity_src_gen.pdbx_host_org_strain               ? 
_entity_src_gen.pdbx_host_org_variant              ? 
_entity_src_gen.pdbx_host_org_cell_line            ? 
_entity_src_gen.pdbx_host_org_atcc                 ? 
_entity_src_gen.pdbx_host_org_culture_collection   ? 
_entity_src_gen.pdbx_host_org_cell                 ? 
_entity_src_gen.pdbx_host_org_organelle            ? 
_entity_src_gen.pdbx_host_org_cellular_location    ? 
_entity_src_gen.pdbx_host_org_vector_type          ? 
_entity_src_gen.pdbx_host_org_vector               ? 
_entity_src_gen.host_org_details                   ? 
_entity_src_gen.expression_system_id               ? 
_entity_src_gen.plasmid_name                       ? 
_entity_src_gen.plasmid_details                    ? 
_entity_src_gen.pdbx_description                   ? 
# 
_struct_ref.id                         1 
_struct_ref.db_name                    UNP 
_struct_ref.db_code                    NDK_ASPFU 
_struct_ref.pdbx_db_accession          Q7Z8P9 
_struct_ref.pdbx_db_isoform            ? 
_struct_ref.entity_id                  1 
_struct_ref.pdbx_seq_one_letter_code   
;MSNEQTFIAIKPDGVQRGLIGPIISRFENRGFKLVAMKLVSPPQSQLEQHYADLSDKPFFKGLVSYMLSGPICAMVWEGR
DVVKTGRTILGATNPLASAPGTIRGDFAIDVGRNVCHGSDSVENAKKEIALWFKPEELISWKSATFDWVYEKA
;
_struct_ref.pdbx_align_begin           1 
# 
_struct_ref_seq.align_id                      1 
_struct_ref_seq.ref_id                        1 
_struct_ref_seq.pdbx_PDB_id_code              6AGY 
_struct_ref_seq.pdbx_strand_id                A 
_struct_ref_seq.seq_align_beg                 1 
_struct_ref_seq.pdbx_seq_align_beg_ins_code   ? 
_struct_ref_seq.seq_align_end                 153 
_struct_ref_seq.pdbx_seq_align_end_ins_code   ? 
_struct_ref_seq.pdbx_db_accession             Q7Z8P9 
_struct_ref_seq.db_align_beg                  1 
_struct_ref_seq.pdbx_db_align_beg_ins_code    ? 
_struct_ref_seq.db_align_end                  153 
_struct_ref_seq.pdbx_db_align_end_ins_code    ? 
_struct_ref_seq.pdbx_auth_seq_align_beg       1 
_struct_ref_seq.pdbx_auth_seq_align_end       153 
# 
loop_
_struct_ref_seq_dif.align_id 
_struct_ref_seq_dif.pdbx_pdb_id_code 
_struct_ref_seq_dif.mon_id 
_struct_ref_seq_dif.pdbx_pdb_strand_id 
_struct_ref_seq_dif.seq_num 
_struct_ref_seq_dif.pdbx_pdb_ins_code 
_struct_ref_seq_dif.pdbx_seq_db_name 
_struct_ref_seq_dif.pdbx_seq_db_accession_code 
_struct_ref_seq_dif.db_mon_id 
_struct_ref_seq_dif.pdbx_seq_db_seq_num 
_struct_ref_seq_dif.details 
_struct_ref_seq_dif.pdbx_auth_seq_num 
_struct_ref_seq_dif.pdbx_ordinal 
1 6AGY LEU A 154 ? UNP Q7Z8P9 ? ? 'expression tag' 154 1 
1 6AGY GLU A 155 ? UNP Q7Z8P9 ? ? 'expression tag' 155 2 
1 6AGY HIS A 156 ? UNP Q7Z8P9 ? ? 'expression tag' 156 3 
1 6AGY HIS A 157 ? UNP Q7Z8P9 ? ? 'expression tag' 157 4 
1 6AGY HIS A 158 ? UNP Q7Z8P9 ? ? 'expression tag' 158 5 
1 6AGY HIS A 159 ? UNP Q7Z8P9 ? ? 'expression tag' 159 6 
1 6AGY HIS A 160 ? UNP Q7Z8P9 ? ? 'expression tag' 160 7 
1 6AGY HIS A 161 ? UNP Q7Z8P9 ? ? 'expression tag' 161 8 
# 
loop_
_chem_comp.id 
_chem_comp.type 
_chem_comp.mon_nstd_flag 
_chem_comp.name 
_chem_comp.pdbx_synonyms 
_chem_comp.formula 
_chem_comp.formula_weight 
ALA 'L-peptide linking' y ALANINE         ? 'C3 H7 N O2'     89.093  
ARG 'L-peptide linking' y ARGININE        ? 'C6 H15 N4 O2 1' 175.209 
ASN 'L-peptide linking' y ASPARAGINE      ? 'C4 H8 N2 O3'    132.118 
ASP 'L-peptide linking' y 'ASPARTIC ACID' ? 'C4 H7 N O4'     133.103 
CYS 'L-peptide linking' y CYSTEINE        ? 'C3 H7 N O2 S'   121.158 
GLN 'L-peptide linking' y GLUTAMINE       ? 'C5 H10 N2 O3'   146.144 
GLU 'L-peptide linking' y 'GLUTAMIC ACID' ? 'C5 H9 N O4'     147.129 
GLY 'peptide linking'   y GLYCINE         ? 'C2 H5 N O2'     75.067  
HIS 'L-peptide linking' y HISTIDINE       ? 'C6 H10 N3 O2 1' 156.162 
HOH non-polymer         . WATER           ? 'H2 O'           18.015  
ILE 'L-peptide linking' y ISOLEUCINE      ? 'C6 H13 N O2'    131.173 
LEU 'L-peptide linking' y LEUCINE         ? 'C6 H13 N O2'    131.173 
LYS 'L-peptide linking' y LYSINE          ? 'C6 H15 N2 O2 1' 147.195 
MET 'L-peptide linking' y METHIONINE      ? 'C5 H11 N O2 S'  149.211 
PHE 'L-peptide linking' y PHENYLALANINE   ? 'C9 H11 N O2'    165.189 
PRO 'L-peptide linking' y PROLINE         ? 'C5 H9 N O2'     115.130 
SER 'L-peptide linking' y SERINE          ? 'C3 H7 N O3'     105.093 
THR 'L-peptide linking' y THREONINE       ? 'C4 H9 N O3'     119.119 
TRP 'L-peptide linking' y TRYPTOPHAN      ? 'C11 H12 N2 O2'  204.225 
TYR 'L-peptide linking' y TYROSINE        ? 'C9 H11 N O3'    181.189 
VAL 'L-peptide linking' y VALINE          ? 'C5 H11 N O2'    117.146 
# 
_exptl.absorpt_coefficient_mu     ? 
_exptl.absorpt_correction_T_max   ? 
_exptl.absorpt_correction_T_min   ? 
_exptl.absorpt_correction_type    ? 
_exptl.absorpt_process_details    ? 
_exptl.entry_id                   6AGY 
_exptl.crystals_number            1 
_exptl.details                    ? 
_exptl.method                     'X-RAY DIFFRACTION' 
_exptl.method_details             ? 
# 
_exptl_crystal.colour                      ? 
_exptl_crystal.density_diffrn              ? 
_exptl_crystal.density_Matthews            2.13 
_exptl_crystal.density_method              ? 
_exptl_crystal.density_percent_sol         42.22 
_exptl_crystal.description                 'THE ENTRY CONTAINS FRIEDEL PAIRS IN I/F_PLUS/MINUS COLUMNS.' 
_exptl_crystal.F_000                       ? 
_exptl_crystal.id                          1 
_exptl_crystal.preparation                 ? 
_exptl_crystal.size_max                    ? 
_exptl_crystal.size_mid                    ? 
_exptl_crystal.size_min                    ? 
_exptl_crystal.size_rad                    ? 
_exptl_crystal.colour_lustre               ? 
_exptl_crystal.colour_modifier             ? 
_exptl_crystal.colour_primary              ? 
_exptl_crystal.density_meas                ? 
_exptl_crystal.density_meas_esd            ? 
_exptl_crystal.density_meas_gt             ? 
_exptl_crystal.density_meas_lt             ? 
_exptl_crystal.density_meas_temp           ? 
_exptl_crystal.density_meas_temp_esd       ? 
_exptl_crystal.density_meas_temp_gt        ? 
_exptl_crystal.density_meas_temp_lt        ? 
_exptl_crystal.pdbx_crystal_image_url      ? 
_exptl_crystal.pdbx_crystal_image_format   ? 
_exptl_crystal.pdbx_mosaicity              ? 
_exptl_crystal.pdbx_mosaicity_esd          ? 
# 
_exptl_crystal_grow.apparatus       ? 
_exptl_crystal_grow.atmosphere      ? 
_exptl_crystal_grow.crystal_id      1 
_exptl_crystal_grow.details         ? 
_exptl_crystal_grow.method          'VAPOR DIFFUSION, HANGING DROP' 
_exptl_crystal_grow.method_ref      ? 
_exptl_crystal_grow.pH              6.8 
_exptl_crystal_grow.pressure        ? 
_exptl_crystal_grow.pressure_esd    ? 
_exptl_crystal_grow.seeding         ? 
_exptl_crystal_grow.seeding_ref     ? 
_exptl_crystal_grow.temp            289 
_exptl_crystal_grow.temp_details    ? 
_exptl_crystal_grow.temp_esd        ? 
_exptl_crystal_grow.time            ? 
_exptl_crystal_grow.pdbx_details    '0.1M HEPES pH 6.8, 1.2M sodium citrate' 
_exptl_crystal_grow.pdbx_pH_range   ? 
# 
_diffrn.ambient_environment              ? 
_diffrn.ambient_temp                     180 
_diffrn.ambient_temp_details             ? 
_diffrn.ambient_temp_esd                 ? 
_diffrn.crystal_id                       1 
_diffrn.crystal_support                  ? 
_diffrn.crystal_treatment                ? 
_diffrn.details                          ? 
_diffrn.id                               1 
_diffrn.ambient_pressure                 ? 
_diffrn.ambient_pressure_esd             ? 
_diffrn.ambient_pressure_gt              ? 
_diffrn.ambient_pressure_lt              ? 
_diffrn.ambient_temp_gt                  ? 
_diffrn.ambient_temp_lt                  ? 
_diffrn.pdbx_serial_crystal_experiment   N 
# 
_diffrn_detector.details                      ? 
_diffrn_detector.detector                     CCD 
_diffrn_detector.diffrn_id                    1 
_diffrn_detector.type                         'RAYONIX SX-165mm' 
_diffrn_detector.area_resol_mean              ? 
_diffrn_detector.dtime                        ? 
_diffrn_detector.pdbx_frames_total            ? 
_diffrn_detector.pdbx_collection_time_total   ? 
_diffrn_detector.pdbx_collection_date         2018-06-21 
_diffrn_detector.pdbx_frequency               ? 
# 
_diffrn_radiation.collimation                      ? 
_diffrn_radiation.diffrn_id                        1 
_diffrn_radiation.filter_edge                      ? 
_diffrn_radiation.inhomogeneity                    ? 
_diffrn_radiation.monochromator                    ? 
_diffrn_radiation.polarisn_norm                    ? 
_diffrn_radiation.polarisn_ratio                   ? 
_diffrn_radiation.probe                            ? 
_diffrn_radiation.type                             ? 
_diffrn_radiation.xray_symbol                      ? 
_diffrn_radiation.wavelength_id                    1 
_diffrn_radiation.pdbx_monochromatic_or_laue_m_l   M 
_diffrn_radiation.pdbx_wavelength_list             ? 
_diffrn_radiation.pdbx_wavelength                  ? 
_diffrn_radiation.pdbx_diffrn_protocol             'SINGLE WAVELENGTH' 
_diffrn_radiation.pdbx_analyzer                    ? 
_diffrn_radiation.pdbx_scattering_type             x-ray 
# 
_diffrn_radiation_wavelength.id           1 
_diffrn_radiation_wavelength.wavelength   1.5420 
_diffrn_radiation_wavelength.wt           1.0 
# 
_diffrn_source.current                     ? 
_diffrn_source.details                     ? 
_diffrn_source.diffrn_id                   1 
_diffrn_source.power                       ? 
_diffrn_source.size                        ? 
_diffrn_source.source                      'ROTATING ANODE' 
_diffrn_source.target                      ? 
_diffrn_source.type                        'RIGAKU MICROMAX-007 HF' 
_diffrn_source.voltage                     ? 
_diffrn_source.take-off_angle              ? 
_diffrn_source.pdbx_wavelength_list        1.5420 
_diffrn_source.pdbx_wavelength             ? 
_diffrn_source.pdbx_synchrotron_beamline   ? 
_diffrn_source.pdbx_synchrotron_site       ? 
# 
_reflns.B_iso_Wilson_estimate            14.65 
_reflns.entry_id                         6AGY 
_reflns.data_reduction_details           ? 
_reflns.data_reduction_method            ? 
_reflns.d_resolution_high                1.8 
_reflns.d_resolution_low                 50 
_reflns.details                          ? 
_reflns.limit_h_max                      ? 
_reflns.limit_h_min                      ? 
_reflns.limit_k_max                      ? 
_reflns.limit_k_min                      ? 
_reflns.limit_l_max                      ? 
_reflns.limit_l_min                      ? 
_reflns.number_all                       ? 
_reflns.number_obs                       14227 
_reflns.observed_criterion               ? 
_reflns.observed_criterion_F_max         ? 
_reflns.observed_criterion_F_min         ? 
_reflns.observed_criterion_I_max         ? 
_reflns.observed_criterion_I_min         ? 
_reflns.observed_criterion_sigma_F       ? 
_reflns.observed_criterion_sigma_I       ? 
_reflns.percent_possible_obs             97.67 
_reflns.R_free_details                   ? 
_reflns.Rmerge_F_all                     ? 
_reflns.Rmerge_F_obs                     ? 
_reflns.Friedel_coverage                 ? 
_reflns.number_gt                        ? 
_reflns.threshold_expression             ? 
_reflns.pdbx_redundancy                  10.8 
_reflns.pdbx_Rmerge_I_obs                0.07438 
_reflns.pdbx_Rmerge_I_all                ? 
_reflns.pdbx_Rsym_value                  ? 
_reflns.pdbx_netI_over_av_sigmaI         ? 
_reflns.pdbx_netI_over_sigmaI            26.57 
_reflns.pdbx_res_netI_over_av_sigmaI_2   ? 
_reflns.pdbx_res_netI_over_sigmaI_2      ? 
_reflns.pdbx_chi_squared                 ? 
_reflns.pdbx_scaling_rejects             ? 
_reflns.pdbx_d_res_high_opt              ? 
_reflns.pdbx_d_res_low_opt               ? 
_reflns.pdbx_d_res_opt_method            ? 
_reflns.phase_calculation_details        ? 
_reflns.pdbx_Rrim_I_all                  0.07809 
_reflns.pdbx_Rpim_I_all                  0.02362 
_reflns.pdbx_d_opt                       ? 
_reflns.pdbx_number_measured_all         ? 
_reflns.pdbx_diffrn_id                   1 
_reflns.pdbx_ordinal                     1 
_reflns.pdbx_CC_half                     0.999 
_reflns.pdbx_R_split                     ? 
# 
_reflns_shell.d_res_high                  1.8 
_reflns_shell.d_res_low                   1.864 
_reflns_shell.meanI_over_sigI_all         ? 
_reflns_shell.meanI_over_sigI_obs         5.08 
_reflns_shell.number_measured_all         ? 
_reflns_shell.number_measured_obs         ? 
_reflns_shell.number_possible             ? 
_reflns_shell.number_unique_all           ? 
_reflns_shell.number_unique_obs           1406 
_reflns_shell.percent_possible_all        94.10 
_reflns_shell.percent_possible_obs        ? 
_reflns_shell.Rmerge_F_all                ? 
_reflns_shell.Rmerge_F_obs                ? 
_reflns_shell.Rmerge_I_all                ? 
_reflns_shell.Rmerge_I_obs                0.4399 
_reflns_shell.meanI_over_sigI_gt          ? 
_reflns_shell.meanI_over_uI_all           ? 
_reflns_shell.meanI_over_uI_gt            ? 
_reflns_shell.number_measured_gt          ? 
_reflns_shell.number_unique_gt            ? 
_reflns_shell.percent_possible_gt         ? 
_reflns_shell.Rmerge_F_gt                 ? 
_reflns_shell.Rmerge_I_gt                 ? 
_reflns_shell.pdbx_redundancy             10.5 
_reflns_shell.pdbx_Rsym_value             ? 
_reflns_shell.pdbx_chi_squared            ? 
_reflns_shell.pdbx_netI_over_sigmaI_all   ? 
_reflns_shell.pdbx_netI_over_sigmaI_obs   ? 
_reflns_shell.pdbx_Rrim_I_all             0.4623 
_reflns_shell.pdbx_Rpim_I_all             0.1416 
_reflns_shell.pdbx_rejects                ? 
_reflns_shell.pdbx_ordinal                1 
_reflns_shell.pdbx_diffrn_id              1 
_reflns_shell.pdbx_CC_half                0.948 
_reflns_shell.pdbx_R_split                ? 
# 
_refine.aniso_B[1][1]                            ? 
_refine.aniso_B[1][2]                            ? 
_refine.aniso_B[1][3]                            ? 
_refine.aniso_B[2][2]                            ? 
_refine.aniso_B[2][3]                            ? 
_refine.aniso_B[3][3]                            ? 
_refine.B_iso_max                                ? 
_refine.B_iso_mean                               ? 
_refine.B_iso_min                                ? 
_refine.correlation_coeff_Fo_to_Fc               ? 
_refine.correlation_coeff_Fo_to_Fc_free          ? 
_refine.details                                  ? 
_refine.diff_density_max                         ? 
_refine.diff_density_max_esd                     ? 
_refine.diff_density_min                         ? 
_refine.diff_density_min_esd                     ? 
_refine.diff_density_rms                         ? 
_refine.diff_density_rms_esd                     ? 
_refine.entry_id                                 6AGY 
_refine.pdbx_refine_id                           'X-RAY DIFFRACTION' 
_refine.ls_abs_structure_details                 ? 
_refine.ls_abs_structure_Flack                   ? 
_refine.ls_abs_structure_Flack_esd               ? 
_refine.ls_abs_structure_Rogers                  ? 
_refine.ls_abs_structure_Rogers_esd              ? 
_refine.ls_d_res_high                            1.800 
_refine.ls_d_res_low                             26.547 
_refine.ls_extinction_coef                       ? 
_refine.ls_extinction_coef_esd                   ? 
_refine.ls_extinction_expression                 ? 
_refine.ls_extinction_method                     ? 
_refine.ls_goodness_of_fit_all                   ? 
_refine.ls_goodness_of_fit_all_esd               ? 
_refine.ls_goodness_of_fit_obs                   ? 
_refine.ls_goodness_of_fit_obs_esd               ? 
_refine.ls_hydrogen_treatment                    ? 
_refine.ls_matrix_type                           ? 
_refine.ls_number_constraints                    ? 
_refine.ls_number_parameters                     ? 
_refine.ls_number_reflns_all                     ? 
_refine.ls_number_reflns_obs                     13936 
_refine.ls_number_reflns_R_free                  1400 
_refine.ls_number_reflns_R_work                  ? 
_refine.ls_number_restraints                     ? 
_refine.ls_percent_reflns_obs                    97.73 
_refine.ls_percent_reflns_R_free                 10.05 
_refine.ls_R_factor_all                          ? 
_refine.ls_R_factor_obs                          0.1407 
_refine.ls_R_factor_R_free                       0.1702 
_refine.ls_R_factor_R_free_error                 ? 
_refine.ls_R_factor_R_free_error_details         ? 
_refine.ls_R_factor_R_work                       0.1374 
_refine.ls_R_Fsqd_factor_obs                     ? 
_refine.ls_R_I_factor_obs                        ? 
_refine.ls_redundancy_reflns_all                 ? 
_refine.ls_redundancy_reflns_obs                 ? 
_refine.ls_restrained_S_all                      ? 
_refine.ls_restrained_S_obs                      ? 
_refine.ls_shift_over_esd_max                    ? 
_refine.ls_shift_over_esd_mean                   ? 
_refine.ls_structure_factor_coef                 ? 
_refine.ls_weighting_details                     ? 
_refine.ls_weighting_scheme                      ? 
_refine.ls_wR_factor_all                         ? 
_refine.ls_wR_factor_obs                         ? 
_refine.ls_wR_factor_R_free                      ? 
_refine.ls_wR_factor_R_work                      ? 
_refine.occupancy_max                            ? 
_refine.occupancy_min                            ? 
_refine.solvent_model_details                    'FLAT BULK SOLVENT MODEL' 
_refine.solvent_model_param_bsol                 ? 
_refine.solvent_model_param_ksol                 ? 
_refine.ls_R_factor_gt                           ? 
_refine.ls_goodness_of_fit_gt                    ? 
_refine.ls_goodness_of_fit_ref                   ? 
_refine.ls_shift_over_su_max                     ? 
_refine.ls_shift_over_su_max_lt                  ? 
_refine.ls_shift_over_su_mean                    ? 
_refine.ls_shift_over_su_mean_lt                 ? 
_refine.pdbx_ls_sigma_I                          ? 
_refine.pdbx_ls_sigma_F                          0.00 
_refine.pdbx_ls_sigma_Fsqd                       ? 
_refine.pdbx_data_cutoff_high_absF               ? 
_refine.pdbx_data_cutoff_high_rms_absF           ? 
_refine.pdbx_data_cutoff_low_absF                ? 
_refine.pdbx_isotropic_thermal_model             ? 
_refine.pdbx_ls_cross_valid_method               'FREE R-VALUE' 
_refine.pdbx_method_to_determine_struct          'MOLECULAR REPLACEMENT' 
_refine.pdbx_starting_model                      4FKX 
_refine.pdbx_stereochemistry_target_values       ML 
_refine.pdbx_R_Free_selection_details            ? 
_refine.pdbx_stereochem_target_val_spec_case     ? 
_refine.pdbx_overall_ESU_R                       ? 
_refine.pdbx_overall_ESU_R_Free                  ? 
_refine.pdbx_solvent_vdw_probe_radii             1.11 
_refine.pdbx_solvent_ion_probe_radii             ? 
_refine.pdbx_solvent_shrinkage_radii             0.90 
_refine.pdbx_real_space_R                        ? 
_refine.pdbx_density_correlation                 ? 
_refine.pdbx_pd_number_of_powder_patterns        ? 
_refine.pdbx_pd_number_of_points                 ? 
_refine.pdbx_pd_meas_number_of_points            ? 
_refine.pdbx_pd_proc_ls_prof_R_factor            ? 
_refine.pdbx_pd_proc_ls_prof_wR_factor           ? 
_refine.pdbx_pd_Marquardt_correlation_coeff      ? 
_refine.pdbx_pd_Fsqrd_R_factor                   ? 
_refine.pdbx_pd_ls_matrix_band_width             ? 
_refine.pdbx_overall_phase_error                 14.77 
_refine.pdbx_overall_SU_R_free_Cruickshank_DPI   ? 
_refine.pdbx_overall_SU_R_free_Blow_DPI          ? 
_refine.pdbx_overall_SU_R_Blow_DPI               ? 
_refine.pdbx_TLS_residual_ADP_flag               ? 
_refine.pdbx_diffrn_id                           1 
_refine.overall_SU_B                             ? 
_refine.overall_SU_ML                            0.15 
_refine.overall_SU_R_Cruickshank_DPI             ? 
_refine.overall_SU_R_free                        ? 
_refine.overall_FOM_free_R_set                   ? 
_refine.overall_FOM_work_R_set                   ? 
_refine.pdbx_average_fsc_overall                 ? 
_refine.pdbx_average_fsc_work                    ? 
_refine.pdbx_average_fsc_free                    ? 
# 
_refine_hist.pdbx_refine_id                   'X-RAY DIFFRACTION' 
_refine_hist.cycle_id                         LAST 
_refine_hist.pdbx_number_atoms_protein        1161 
_refine_hist.pdbx_number_atoms_nucleic_acid   0 
_refine_hist.pdbx_number_atoms_ligand         0 
_refine_hist.number_atoms_solvent             184 
_refine_hist.number_atoms_total               1345 
_refine_hist.d_res_high                       1.800 
_refine_hist.d_res_low                        26.547 
# 
loop_
_refine_ls_restr.pdbx_refine_id 
_refine_ls_restr.criterion 
_refine_ls_restr.dev_ideal 
_refine_ls_restr.dev_ideal_target 
_refine_ls_restr.number 
_refine_ls_restr.rejects 
_refine_ls_restr.type 
_refine_ls_restr.weight 
_refine_ls_restr.pdbx_restraint_function 
'X-RAY DIFFRACTION' ? 0.005 ? 1190 ? f_bond_d           ? ? 
'X-RAY DIFFRACTION' ? 0.799 ? 1612 ? f_angle_d          ? ? 
'X-RAY DIFFRACTION' ? 8.968 ? 708  ? f_dihedral_angle_d ? ? 
'X-RAY DIFFRACTION' ? 0.051 ? 175  ? f_chiral_restr     ? ? 
'X-RAY DIFFRACTION' ? 0.005 ? 207  ? f_plane_restr      ? ? 
# 
loop_
_refine_ls_shell.pdbx_refine_id 
_refine_ls_shell.d_res_high 
_refine_ls_shell.d_res_low 
_refine_ls_shell.number_reflns_all 
_refine_ls_shell.number_reflns_obs 
_refine_ls_shell.number_reflns_R_free 
_refine_ls_shell.number_reflns_R_work 
_refine_ls_shell.percent_reflns_obs 
_refine_ls_shell.percent_reflns_R_free 
_refine_ls_shell.R_factor_all 
_refine_ls_shell.R_factor_obs 
_refine_ls_shell.R_factor_R_free 
_refine_ls_shell.R_factor_R_free_error 
_refine_ls_shell.R_factor_R_work 
_refine_ls_shell.redundancy_reflns_all 
_refine_ls_shell.redundancy_reflns_obs 
_refine_ls_shell.wR_factor_all 
_refine_ls_shell.wR_factor_obs 
_refine_ls_shell.wR_factor_R_free 
_refine_ls_shell.wR_factor_R_work 
_refine_ls_shell.pdbx_total_number_of_bins_used 
_refine_ls_shell.pdbx_phase_error 
_refine_ls_shell.pdbx_fsc_work 
_refine_ls_shell.pdbx_fsc_free 
'X-RAY DIFFRACTION' 1.7998 1.8641  . . 138 1193 94.00  . . . 0.1980 . 0.1546 . . . . . . . . . . 
'X-RAY DIFFRACTION' 1.8641 1.9387  . . 137 1200 95.00  . . . 0.2060 . 0.1396 . . . . . . . . . . 
'X-RAY DIFFRACTION' 1.9387 2.0269  . . 139 1249 98.00  . . . 0.1687 . 0.1215 . . . . . . . . . . 
'X-RAY DIFFRACTION' 2.0269 2.1337  . . 138 1239 98.00  . . . 0.1860 . 0.1284 . . . . . . . . . . 
'X-RAY DIFFRACTION' 2.1337 2.2674  . . 139 1256 98.00  . . . 0.1657 . 0.1278 . . . . . . . . . . 
'X-RAY DIFFRACTION' 2.2674 2.4423  . . 139 1252 98.00  . . . 0.1665 . 0.1249 . . . . . . . . . . 
'X-RAY DIFFRACTION' 2.4423 2.6879  . . 143 1268 99.00  . . . 0.1691 . 0.1349 . . . . . . . . . . 
'X-RAY DIFFRACTION' 2.6879 3.0763  . . 138 1287 99.00  . . . 0.1895 . 0.1423 . . . . . . . . . . 
'X-RAY DIFFRACTION' 3.0763 3.8739  . . 143 1285 100.00 . . . 0.1467 . 0.1293 . . . . . . . . . . 
'X-RAY DIFFRACTION' 3.8739 26.5504 . . 146 1307 98.00  . . . 0.1646 . 0.1562 . . . . . . . . . . 
# 
_struct.entry_id                     6AGY 
_struct.title                        'Aspergillus fumigatus Af293 NDK' 
_struct.pdbx_model_details           ? 
_struct.pdbx_formula_weight          ? 
_struct.pdbx_formula_weight_method   ? 
_struct.pdbx_model_type_details      ? 
_struct.pdbx_CASP_flag               N 
# 
_struct_keywords.entry_id        6AGY 
_struct_keywords.text            'Kinase, Transferase' 
_struct_keywords.pdbx_keywords   TRANSFERASE 
# 
loop_
_struct_asym.id 
_struct_asym.pdbx_blank_PDB_chainid_flag 
_struct_asym.pdbx_modified 
_struct_asym.entity_id 
_struct_asym.details 
A N N 1 ? 
B N N 2 ? 
# 
loop_
_struct_conf.conf_type_id 
_struct_conf.id 
_struct_conf.pdbx_PDB_helix_id 
_struct_conf.beg_label_comp_id 
_struct_conf.beg_label_asym_id 
_struct_conf.beg_label_seq_id 
_struct_conf.pdbx_beg_PDB_ins_code 
_struct_conf.end_label_comp_id 
_struct_conf.end_label_asym_id 
_struct_conf.end_label_seq_id 
_struct_conf.pdbx_end_PDB_ins_code 
_struct_conf.beg_auth_comp_id 
_struct_conf.beg_auth_asym_id 
_struct_conf.beg_auth_seq_id 
_struct_conf.end_auth_comp_id 
_struct_conf.end_auth_asym_id 
_struct_conf.end_auth_seq_id 
_struct_conf.pdbx_PDB_helix_class 
_struct_conf.details 
_struct_conf.pdbx_PDB_helix_length 
HELX_P HELX_P1  AA1 LYS A 11  ? ARG A 17  ? LYS A 11  ARG A 17  1 ? 7  
HELX_P HELX_P2  AA2 LEU A 19  ? GLY A 31  ? LEU A 19  GLY A 31  1 ? 13 
HELX_P HELX_P3  AA3 PRO A 43  ? TYR A 51  ? PRO A 43  TYR A 51  1 ? 9  
HELX_P HELX_P4  AA4 ALA A 52  ? SER A 55  ? ALA A 52  SER A 55  5 ? 4  
HELX_P HELX_P5  AA5 PHE A 59  ? LEU A 68  ? PHE A 59  LEU A 68  1 ? 10 
HELX_P HELX_P6  AA6 ASP A 81  ? GLY A 91  ? ASP A 81  GLY A 91  1 ? 11 
HELX_P HELX_P7  AA7 ASN A 94  ? SER A 98  ? ASN A 94  SER A 98  5 ? 5  
HELX_P HELX_P8  AA8 THR A 102 ? ALA A 108 ? THR A 102 ALA A 108 1 ? 7  
HELX_P HELX_P9  AA9 ASP A 110 ? ASN A 114 ? ASP A 110 ASN A 114 5 ? 5  
HELX_P HELX_P10 AB1 SER A 121 ? PHE A 133 ? SER A 121 PHE A 133 1 ? 13 
HELX_P HELX_P11 AB2 LYS A 134 ? LEU A 138 ? LYS A 134 LEU A 138 5 ? 5  
HELX_P HELX_P12 AB3 THR A 145 ? TYR A 150 ? THR A 145 TYR A 150 1 ? 6  
# 
_struct_conf_type.id          HELX_P 
_struct_conf_type.criteria    ? 
_struct_conf_type.reference   ? 
# 
_struct_sheet.id               AA1 
_struct_sheet.type             ? 
_struct_sheet.number_strands   4 
_struct_sheet.details          ? 
# 
loop_
_struct_sheet_order.sheet_id 
_struct_sheet_order.range_id_1 
_struct_sheet_order.range_id_2 
_struct_sheet_order.offset 
_struct_sheet_order.sense 
AA1 1 2 ? anti-parallel 
AA1 2 3 ? anti-parallel 
AA1 3 4 ? anti-parallel 
# 
loop_
_struct_sheet_range.sheet_id 
_struct_sheet_range.id 
_struct_sheet_range.beg_label_comp_id 
_struct_sheet_range.beg_label_asym_id 
_struct_sheet_range.beg_label_seq_id 
_struct_sheet_range.pdbx_beg_PDB_ins_code 
_struct_sheet_range.end_label_comp_id 
_struct_sheet_range.end_label_asym_id 
_struct_sheet_range.end_label_seq_id 
_struct_sheet_range.pdbx_end_PDB_ins_code 
_struct_sheet_range.beg_auth_comp_id 
_struct_sheet_range.beg_auth_asym_id 
_struct_sheet_range.beg_auth_seq_id 
_struct_sheet_range.end_auth_comp_id 
_struct_sheet_range.end_auth_asym_id 
_struct_sheet_range.end_auth_seq_id 
AA1 1 LYS A 33  ? VAL A 40  ? LYS A 33  VAL A 40  
AA1 2 ILE A 72  ? GLU A 78  ? ILE A 72  GLU A 78  
AA1 3 GLN A 5   ? ILE A 10  ? GLN A 5   ILE A 10  
AA1 4 CYS A 116 ? GLY A 118 ? CYS A 116 GLY A 118 
# 
loop_
_pdbx_struct_sheet_hbond.sheet_id 
_pdbx_struct_sheet_hbond.range_id_1 
_pdbx_struct_sheet_hbond.range_id_2 
_pdbx_struct_sheet_hbond.range_1_label_atom_id 
_pdbx_struct_sheet_hbond.range_1_label_comp_id 
_pdbx_struct_sheet_hbond.range_1_label_asym_id 
_pdbx_struct_sheet_hbond.range_1_label_seq_id 
_pdbx_struct_sheet_hbond.range_1_PDB_ins_code 
_pdbx_struct_sheet_hbond.range_1_auth_atom_id 
_pdbx_struct_sheet_hbond.range_1_auth_comp_id 
_pdbx_struct_sheet_hbond.range_1_auth_asym_id 
_pdbx_struct_sheet_hbond.range_1_auth_seq_id 
_pdbx_struct_sheet_hbond.range_2_label_atom_id 
_pdbx_struct_sheet_hbond.range_2_label_comp_id 
_pdbx_struct_sheet_hbond.range_2_label_asym_id 
_pdbx_struct_sheet_hbond.range_2_label_seq_id 
_pdbx_struct_sheet_hbond.range_2_PDB_ins_code 
_pdbx_struct_sheet_hbond.range_2_auth_atom_id 
_pdbx_struct_sheet_hbond.range_2_auth_comp_id 
_pdbx_struct_sheet_hbond.range_2_auth_asym_id 
_pdbx_struct_sheet_hbond.range_2_auth_seq_id 
AA1 1 2 N VAL A 40 ? N VAL A 40 O ILE A 72  ? O ILE A 72  
AA1 2 3 O CYS A 73 ? O CYS A 73 N ILE A 10  ? N ILE A 10  
AA1 3 4 N ALA A 9  ? N ALA A 9  O HIS A 117 ? O HIS A 117 
# 
_atom_sites.entry_id                    6AGY 
_atom_sites.fract_transf_matrix[1][1]   -0.00981572 
_atom_sites.fract_transf_matrix[1][2]   -0.01300798 
_atom_sites.fract_transf_matrix[1][3]   0.00087826 
_atom_sites.fract_transf_matrix[2][1]   -0.00225943 
_atom_sites.fract_transf_matrix[2][2]   -0.00756790 
_atom_sites.fract_transf_matrix[2][3]   0.01428046 
_atom_sites.fract_transf_matrix[3][1]   -0.01462658 
_atom_sites.fract_transf_matrix[3][2]   0.01128462 
_atom_sites.fract_transf_matrix[3][3]   0.00366607 
_atom_sites.fract_transf_vector[1]      0.457997 
_atom_sites.fract_transf_vector[2]      0.481592 
_atom_sites.fract_transf_vector[3]      0.222211 
# 
loop_
_atom_type.symbol 
C 
H 
N 
O 
S 
# 
loop_
_atom_site.group_PDB 
_atom_site.id 
_atom_site.type_symbol 
_atom_site.label_atom_id 
_atom_site.label_alt_id 
_atom_site.label_comp_id 
_atom_site.label_asym_id 
_atom_site.label_entity_id 
_atom_site.label_seq_id 
_atom_site.pdbx_PDB_ins_code 
_atom_site.Cartn_x 
_atom_site.Cartn_y 
_atom_site.Cartn_z 
_atom_site.occupancy 
_atom_site.B_iso_or_equiv 
_atom_site.pdbx_formal_charge 
_atom_site.auth_seq_id 
_atom_site.auth_comp_id 
_atom_site.auth_asym_id 
_atom_site.auth_atom_id 
_atom_site.pdbx_PDB_model_num 
ATOM   1    N N   . SER A 1 2   ? -11.112 -10.840 10.998  1.00 35.54 ? 2   SER A N   1 
ATOM   2    C CA  . SER A 1 2   ? -9.710  -11.065 10.660  1.00 34.00 ? 2   SER A CA  1 
ATOM   3    C C   . SER A 1 2   ? -9.510  -11.379 9.172   1.00 27.56 ? 2   SER A C   1 
ATOM   4    O O   . SER A 1 2   ? -8.390  -11.656 8.742   1.00 40.99 ? 2   SER A O   1 
ATOM   5    C CB  . SER A 1 2   ? -9.143  -12.196 11.515  1.00 36.72 ? 2   SER A CB  1 
ATOM   6    O OG  . SER A 1 2   ? -10.059 -13.274 11.586  1.00 42.65 ? 2   SER A OG  1 
ATOM   7    N N   . ASN A 1 3   ? -10.595 -11.324 8.394   1.00 36.43 ? 3   ASN A N   1 
ATOM   8    C CA  . ASN A 1 3   ? -10.566 -11.619 6.963   1.00 29.23 ? 3   ASN A CA  1 
ATOM   9    C C   . ASN A 1 3   ? -10.506 -10.374 6.090   1.00 20.33 ? 3   ASN A C   1 
ATOM   10   O O   . ASN A 1 3   ? -10.286 -10.496 4.881   1.00 21.69 ? 3   ASN A O   1 
ATOM   11   C CB  . ASN A 1 3   ? -11.796 -12.439 6.568   1.00 38.96 ? 3   ASN A CB  1 
ATOM   12   C CG  . ASN A 1 3   ? -11.781 -13.815 7.174   1.00 45.76 ? 3   ASN A CG  1 
ATOM   13   O OD1 . ASN A 1 3   ? -10.718 -14.412 7.337   1.00 45.80 ? 3   ASN A OD1 1 
ATOM   14   N ND2 . ASN A 1 3   ? -12.958 -14.328 7.522   1.00 61.87 ? 3   ASN A ND2 1 
ATOM   15   N N   . GLU A 1 4   ? -10.713 -9.198  6.667   1.00 18.86 ? 4   GLU A N   1 
ATOM   16   C CA  . GLU A 1 4   ? -10.568 -7.950  5.933   1.00 14.48 ? 4   GLU A CA  1 
ATOM   17   C C   . GLU A 1 4   ? -9.213  -7.893  5.245   1.00 10.85 ? 4   GLU A C   1 
ATOM   18   O O   . GLU A 1 4   ? -8.212  -8.359  5.791   1.00 11.09 ? 4   GLU A O   1 
ATOM   19   C CB  . GLU A 1 4   ? -10.713 -6.783  6.902   1.00 10.21 ? 4   GLU A CB  1 
ATOM   20   C CG  . GLU A 1 4   ? -10.752 -5.409  6.255   1.00 12.97 ? 4   GLU A CG  1 
ATOM   21   C CD  . GLU A 1 4   ? -11.133 -4.340  7.254   1.00 16.54 ? 4   GLU A CD  1 
ATOM   22   O OE1 . GLU A 1 4   ? -12.223 -4.442  7.863   1.00 13.76 ? 4   GLU A OE1 1 
ATOM   23   O OE2 . GLU A 1 4   ? -10.333 -3.405  7.450   1.00 13.19 ? 4   GLU A OE2 1 
ATOM   24   N N   . GLN A 1 5   ? -9.183  -7.300  4.050   1.00 9.91  ? 5   GLN A N   1 
ATOM   25   C CA  . GLN A 1 5   ? -7.946  -7.138  3.299   1.00 11.54 ? 5   GLN A CA  1 
ATOM   26   C C   . GLN A 1 5   ? -7.781  -5.694  2.851   1.00 12.96 ? 5   GLN A C   1 
ATOM   27   O O   . GLN A 1 5   ? -8.758  -4.981  2.607   1.00 12.05 ? 5   GLN A O   1 
ATOM   28   C CB  . GLN A 1 5   ? -7.916  -8.048  2.070   1.00 14.06 ? 5   GLN A CB  1 
ATOM   29   C CG  . GLN A 1 5   ? -7.998  -9.517  2.412   1.00 13.90 ? 5   GLN A CG  1 
ATOM   30   C CD  . GLN A 1 5   ? -8.249  -10.384 1.198   1.00 13.31 ? 5   GLN A CD  1 
ATOM   31   O OE1 . GLN A 1 5   ? -8.711  -9.909  0.158   1.00 14.17 ? 5   GLN A OE1 1 
ATOM   32   N NE2 . GLN A 1 5   ? -7.946  -11.662 1.323   1.00 13.77 ? 5   GLN A NE2 1 
ATOM   33   N N   . THR A 1 6   ? -6.527  -5.273  2.728   1.00 10.43 ? 6   THR A N   1 
ATOM   34   C CA  . THR A 1 6   ? -6.213  -3.968  2.173   1.00 10.38 ? 6   THR A CA  1 
ATOM   35   C C   . THR A 1 6   ? -5.068  -4.089  1.176   1.00 10.35 ? 6   THR A C   1 
ATOM   36   O O   . THR A 1 6   ? -4.243  -5.013  1.237   1.00 8.91  ? 6   THR A O   1 
ATOM   37   C CB  . THR A 1 6   ? -5.870  -2.950  3.279   1.00 12.78 ? 6   THR A CB  1 
ATOM   38   O OG1 . THR A 1 6   ? -5.904  -1.621  2.735   1.00 14.52 ? 6   THR A OG1 1 
ATOM   39   C CG2 . THR A 1 6   ? -4.503  -3.224  3.872   1.00 11.12 ? 6   THR A CG2 1 
ATOM   40   N N   . PHE A 1 7   ? -5.040  -3.129  0.248   1.00 10.03 ? 7   PHE A N   1 
ATOM   41   C CA  . PHE A 1 7   ? -3.976  -2.989  -0.739  1.00 9.67  ? 7   PHE A CA  1 
ATOM   42   C C   . PHE A 1 7   ? -2.957  -1.973  -0.227  1.00 11.30 ? 7   PHE A C   1 
ATOM   43   O O   . PHE A 1 7   ? -3.308  -0.816  0.044   1.00 12.09 ? 7   PHE A O   1 
ATOM   44   C CB  . PHE A 1 7   ? -4.546  -2.542  -2.086  1.00 10.92 ? 7   PHE A CB  1 
ATOM   45   C CG  . PHE A 1 7   ? -3.503  -2.299  -3.130  1.00 10.76 ? 7   PHE A CG  1 
ATOM   46   C CD1 . PHE A 1 7   ? -2.720  -3.336  -3.585  1.00 11.40 ? 7   PHE A CD1 1 
ATOM   47   C CD2 . PHE A 1 7   ? -3.308  -1.033  -3.664  1.00 10.94 ? 7   PHE A CD2 1 
ATOM   48   C CE1 . PHE A 1 7   ? -1.740  -3.127  -4.529  1.00 8.82  ? 7   PHE A CE1 1 
ATOM   49   C CE2 . PHE A 1 7   ? -2.330  -0.817  -4.627  1.00 8.33  ? 7   PHE A CE2 1 
ATOM   50   C CZ  . PHE A 1 7   ? -1.547  -1.866  -5.054  1.00 11.26 ? 7   PHE A CZ  1 
ATOM   51   N N   . ILE A 1 8   ? -1.710  -2.410  -0.076  1.00 7.86  ? 8   ILE A N   1 
ATOM   52   C CA  . ILE A 1 8   ? -0.596  -1.543  0.297   1.00 9.55  ? 8   ILE A CA  1 
ATOM   53   C C   . ILE A 1 8   ? 0.403   -1.596  -0.839  1.00 8.63  ? 8   ILE A C   1 
ATOM   54   O O   . ILE A 1 8   ? 0.787   -2.683  -1.278  1.00 10.39 ? 8   ILE A O   1 
ATOM   55   C CB  . ILE A 1 8   ? 0.083   -1.984  1.608   1.00 10.73 ? 8   ILE A CB  1 
ATOM   56   C CG1 . ILE A 1 8   ? -0.924  -2.104  2.756   1.00 10.71 ? 8   ILE A CG1 1 
ATOM   57   C CG2 . ILE A 1 8   ? 1.234   -1.041  1.969   1.00 9.96  ? 8   ILE A CG2 1 
ATOM   58   C CD1 . ILE A 1 8   ? -1.578  -0.789  3.162   1.00 10.74 ? 8   ILE A CD1 1 
ATOM   59   N N   . ALA A 1 9   ? 0.837   -0.436  -1.307  1.00 9.09  ? 9   ALA A N   1 
ATOM   60   C CA  . ALA A 1 9   ? 1.810   -0.393  -2.384  1.00 9.29  ? 9   ALA A CA  1 
ATOM   61   C C   . ALA A 1 9   ? 2.987   0.460   -1.956  1.00 10.12 ? 9   ALA A C   1 
ATOM   62   O O   . ALA A 1 9   ? 2.802   1.555   -1.435  1.00 16.03 ? 9   ALA A O   1 
ATOM   63   C CB  . ALA A 1 9   ? 1.205   0.162   -3.669  1.00 12.38 ? 9   ALA A CB  1 
ATOM   64   N N   . ILE A 1 10  ? 4.190   -0.050  -2.144  1.00 8.51  ? 10  ILE A N   1 
ATOM   65   C CA  . ILE A 1 10  ? 5.382   0.766   -1.989  1.00 7.08  ? 10  ILE A CA  1 
ATOM   66   C C   . ILE A 1 10  ? 5.635   1.445   -3.326  1.00 8.65  ? 10  ILE A C   1 
ATOM   67   O O   . ILE A 1 10  ? 5.879   0.770   -4.336  1.00 9.15  ? 10  ILE A O   1 
ATOM   68   C CB  . ILE A 1 10  ? 6.590   -0.062  -1.555  1.00 9.17  ? 10  ILE A CB  1 
ATOM   69   C CG1 . ILE A 1 10  ? 6.269   -0.814  -0.260  1.00 9.68  ? 10  ILE A CG1 1 
ATOM   70   C CG2 . ILE A 1 10  ? 7.792   0.867   -1.334  1.00 7.82  ? 10  ILE A CG2 1 
ATOM   71   C CD1 . ILE A 1 10  ? 7.340   -1.799  0.162   1.00 10.04 ? 10  ILE A CD1 1 
ATOM   72   N N   . LYS A 1 11  ? 5.579   2.771   -3.317  1.00 12.07 ? 11  LYS A N   1 
ATOM   73   C CA  . LYS A 1 11  ? 5.679   3.587   -4.521  1.00 10.89 ? 11  LYS A CA  1 
ATOM   74   C C   . LYS A 1 11  ? 7.120   3.634   -5.015  1.00 9.91  ? 11  LYS A C   1 
ATOM   75   O O   . LYS A 1 11  ? 8.043   3.187   -4.329  1.00 8.98  ? 11  LYS A O   1 
ATOM   76   C CB  . LYS A 1 11  ? 5.137   4.984   -4.221  1.00 10.32 ? 11  LYS A CB  1 
ATOM   77   C CG  . LYS A 1 11  ? 3.657   5.000   -3.819  1.00 11.21 ? 11  LYS A CG  1 
ATOM   78   C CD  . LYS A 1 11  ? 3.183   6.424   -3.532  1.00 13.13 ? 11  LYS A CD  1 
ATOM   79   C CE  . LYS A 1 11  ? 1.678   6.510   -3.272  1.00 15.03 ? 11  LYS A CE  1 
ATOM   80   N NZ  . LYS A 1 11  ? 1.305   7.888   -2.879  1.00 15.11 ? 11  LYS A NZ  1 
ATOM   81   N N   . PRO A 1 12  ? 7.349   4.144   -6.230  1.00 9.54  ? 12  PRO A N   1 
ATOM   82   C CA  . PRO A 1 12  ? 8.710   4.097   -6.786  1.00 8.07  ? 12  PRO A CA  1 
ATOM   83   C C   . PRO A 1 12  ? 9.750   4.758   -5.903  1.00 8.92  ? 12  PRO A C   1 
ATOM   84   O O   . PRO A 1 12  ? 10.899  4.292   -5.876  1.00 9.19  ? 12  PRO A O   1 
ATOM   85   C CB  . PRO A 1 12  ? 8.555   4.815   -8.130  1.00 10.66 ? 12  PRO A CB  1 
ATOM   86   C CG  . PRO A 1 12  ? 7.148   4.497   -8.520  1.00 9.65  ? 12  PRO A CG  1 
ATOM   87   C CD  . PRO A 1 12  ? 6.370   4.580   -7.239  1.00 9.09  ? 12  PRO A CD  1 
ATOM   88   N N   . ASP A 1 13  ? 9.380   5.810   -5.163  1.00 8.37  ? 13  ASP A N   1 
ATOM   89   C CA  . ASP A 1 13  ? 10.343  6.459   -4.276  1.00 9.01  ? 13  ASP A CA  1 
ATOM   90   C C   . ASP A 1 13  ? 10.704  5.559   -3.099  1.00 9.64  ? 13  ASP A C   1 
ATOM   91   O O   . ASP A 1 13  ? 11.859  5.549   -2.649  1.00 9.26  ? 13  ASP A O   1 
ATOM   92   C CB  . ASP A 1 13  ? 9.813   7.819   -3.791  1.00 9.60  ? 13  ASP A CB  1 
ATOM   93   C CG  . ASP A 1 13  ? 8.402   7.761   -3.228  1.00 13.08 ? 13  ASP A CG  1 
ATOM   94   O OD1 . ASP A 1 13  ? 7.525   7.111   -3.831  1.00 11.42 ? 13  ASP A OD1 1 
ATOM   95   O OD2 . ASP A 1 13  ? 8.154   8.396   -2.183  1.00 9.85  ? 13  ASP A OD2 1 
ATOM   96   N N   . GLY A 1 14  ? 9.740   4.792   -2.591  1.00 10.66 ? 14  GLY A N   1 
ATOM   97   C CA  . GLY A 1 14  ? 10.050  3.843   -1.527  1.00 9.49  ? 14  GLY A CA  1 
ATOM   98   C C   . GLY A 1 14  ? 10.983  2.741   -1.989  1.00 10.19 ? 14  GLY A C   1 
ATOM   99   O O   . GLY A 1 14  ? 11.912  2.352   -1.270  1.00 10.33 ? 14  GLY A O   1 
ATOM   100  N N   . VAL A 1 15  ? 10.755  2.224   -3.195  1.00 9.14  ? 15  VAL A N   1 
ATOM   101  C CA  . VAL A 1 15  ? 11.641  1.211   -3.757  1.00 9.71  ? 15  VAL A CA  1 
ATOM   102  C C   . VAL A 1 15  ? 13.032  1.798   -3.970  1.00 7.08  ? 15  VAL A C   1 
ATOM   103  O O   . VAL A 1 15  ? 14.043  1.191   -3.607  1.00 9.05  ? 15  VAL A O   1 
ATOM   104  C CB  . VAL A 1 15  ? 11.051  0.665   -5.072  1.00 10.06 ? 15  VAL A CB  1 
ATOM   105  C CG1 . VAL A 1 15  ? 12.036  -0.251  -5.785  1.00 8.54  ? 15  VAL A CG1 1 
ATOM   106  C CG2 . VAL A 1 15  ? 9.753   -0.066  -4.800  1.00 9.31  ? 15  VAL A CG2 1 
ATOM   107  N N   . GLN A 1 16  ? 13.095  2.990   -4.572  1.00 9.03  ? 16  GLN A N   1 
ATOM   108  C CA  . GLN A 1 16  ? 14.377  3.604   -4.913  1.00 9.88  ? 16  GLN A CA  1 
ATOM   109  C C   . GLN A 1 16  ? 15.212  3.874   -3.670  1.00 12.47 ? 16  GLN A C   1 
ATOM   110  O O   . GLN A 1 16  ? 16.445  3.747   -3.690  1.00 10.65 ? 16  GLN A O   1 
ATOM   111  C CB  . GLN A 1 16  ? 14.141  4.911   -5.663  1.00 9.10  ? 16  GLN A CB  1 
ATOM   112  C CG  . GLN A 1 16  ? 13.886  4.745   -7.147  1.00 9.36  ? 16  GLN A CG  1 
ATOM   113  C CD  . GLN A 1 16  ? 15.161  4.477   -7.921  1.00 11.44 ? 16  GLN A CD  1 
ATOM   114  O OE1 . GLN A 1 16  ? 16.233  4.339   -7.342  1.00 13.07 ? 16  GLN A OE1 1 
ATOM   115  N NE2 . GLN A 1 16  ? 15.050  4.416   -9.242  1.00 11.38 ? 16  GLN A NE2 1 
ATOM   116  N N   . ARG A 1 17  ? 14.560  4.268   -2.587  1.00 8.92  ? 17  ARG A N   1 
ATOM   117  C CA  . ARG A 1 17  ? 15.246  4.630   -1.357  1.00 10.52 ? 17  ARG A CA  1 
ATOM   118  C C   . ARG A 1 17  ? 15.499  3.437   -0.440  1.00 12.14 ? 17  ARG A C   1 
ATOM   119  O O   . ARG A 1 17  ? 15.941  3.627   0.696   1.00 10.16 ? 17  ARG A O   1 
ATOM   120  C CB  . ARG A 1 17  ? 14.444  5.719   -0.639  1.00 14.33 ? 17  ARG A CB  1 
ATOM   121  C CG  . ARG A 1 17  ? 14.458  7.039   -1.407  1.00 10.80 ? 17  ARG A CG  1 
ATOM   122  C CD  . ARG A 1 17  ? 13.579  8.082   -0.749  1.00 11.23 ? 17  ARG A CD  1 
ATOM   123  N NE  . ARG A 1 17  ? 14.053  8.345   0.606   1.00 12.53 ? 17  ARG A NE  1 
ATOM   124  C CZ  . ARG A 1 17  ? 13.284  8.690   1.629   1.00 11.91 ? 17  ARG A CZ  1 
ATOM   125  N NH1 . ARG A 1 17  ? 11.975  8.838   1.480   1.00 7.99  ? 17  ARG A NH1 1 
ATOM   126  N NH2 . ARG A 1 17  ? 13.836  8.881   2.816   1.00 13.64 ? 17  ARG A NH2 1 
ATOM   127  N N   . GLY A 1 18  ? 15.231  2.220   -0.901  1.00 10.93 ? 18  GLY A N   1 
ATOM   128  C CA  . GLY A 1 18  ? 15.629  1.032   -0.165  1.00 11.35 ? 18  GLY A CA  1 
ATOM   129  C C   . GLY A 1 18  ? 14.758  0.735   1.035   1.00 10.53 ? 18  GLY A C   1 
ATOM   130  O O   . GLY A 1 18  ? 15.261  0.250   2.059   1.00 13.50 ? 18  GLY A O   1 
ATOM   131  N N   . LEU A 1 19  ? 13.454  0.983   0.928   1.00 9.75  ? 19  LEU A N   1 
ATOM   132  C CA  . LEU A 1 19  ? 12.535  0.888   2.054   1.00 10.97 ? 19  LEU A CA  1 
ATOM   133  C C   . LEU A 1 19  ? 11.590  -0.311  1.967   1.00 10.66 ? 19  LEU A C   1 
ATOM   134  O O   . LEU A 1 19  ? 10.661  -0.406  2.771   1.00 9.00  ? 19  LEU A O   1 
ATOM   135  C CB  . LEU A 1 19  ? 11.727  2.186   2.166   1.00 8.79  ? 19  LEU A CB  1 
ATOM   136  C CG  . LEU A 1 19  ? 12.558  3.438   2.450   1.00 8.90  ? 19  LEU A CG  1 
ATOM   137  C CD1 . LEU A 1 19  ? 11.698  4.685   2.379   1.00 13.58 ? 19  LEU A CD1 1 
ATOM   138  C CD2 . LEU A 1 19  ? 13.231  3.356   3.818   1.00 19.16 ? 19  LEU A CD2 1 
ATOM   139  N N   . ILE A 1 20  ? 11.816  -1.251  1.045   1.00 9.36  ? 20  ILE A N   1 
ATOM   140  C CA  . ILE A 1 20  ? 10.907  -2.399  0.934   1.00 10.55 ? 20  ILE A CA  1 
ATOM   141  C C   . ILE A 1 20  ? 10.891  -3.209  2.232   1.00 10.85 ? 20  ILE A C   1 
ATOM   142  O O   . ILE A 1 20  ? 9.827   -3.499  2.805   1.00 8.81  ? 20  ILE A O   1 
ATOM   143  C CB  . ILE A 1 20  ? 11.294  -3.273  -0.272  1.00 10.95 ? 20  ILE A CB  1 
ATOM   144  C CG1 . ILE A 1 20  ? 11.121  -2.474  -1.572  1.00 9.47  ? 20  ILE A CG1 1 
ATOM   145  C CG2 . ILE A 1 20  ? 10.449  -4.543  -0.310  1.00 8.02  ? 20  ILE A CG2 1 
ATOM   146  C CD1 . ILE A 1 20  ? 11.706  -3.156  -2.798  1.00 11.99 ? 20  ILE A CD1 1 
ATOM   147  N N   . GLY A 1 21  ? 12.065  -3.595  2.704   1.00 12.25 ? 21  GLY A N   1 
ATOM   148  C CA  . GLY A 1 21  ? 12.177  -4.397  3.900   1.00 9.76  ? 21  GLY A CA  1 
ATOM   149  C C   . GLY A 1 21  ? 11.522  -3.766  5.118   1.00 9.50  ? 21  GLY A C   1 
ATOM   150  O O   . GLY A 1 21  ? 10.693  -4.380  5.800   1.00 11.37 ? 21  GLY A O   1 
ATOM   151  N N   . PRO A 1 22  ? 11.920  -2.535  5.439   1.00 8.85  ? 22  PRO A N   1 
ATOM   152  C CA  . PRO A 1 22  ? 11.335  -1.863  6.620   1.00 8.12  ? 22  PRO A CA  1 
ATOM   153  C C   . PRO A 1 22  ? 9.820   -1.742  6.574   1.00 10.04 ? 22  PRO A C   1 
ATOM   154  O O   . PRO A 1 22  ? 9.135   -1.943  7.594   1.00 10.69 ? 22  PRO A O   1 
ATOM   155  C CB  . PRO A 1 22  ? 12.011  -0.483  6.598   1.00 14.20 ? 22  PRO A CB  1 
ATOM   156  C CG  . PRO A 1 22  ? 13.257  -0.656  5.785   1.00 19.05 ? 22  PRO A CG  1 
ATOM   157  C CD  . PRO A 1 22  ? 13.030  -1.778  4.831   1.00 11.28 ? 22  PRO A CD  1 
ATOM   158  N N   . ILE A 1 23  ? 9.275   -1.402  5.403   1.00 8.58  ? 23  ILE A N   1 
ATOM   159  C CA  . ILE A 1 23  ? 7.833   -1.227  5.271   1.00 11.96 ? 23  ILE A CA  1 
ATOM   160  C C   . ILE A 1 23  ? 7.130   -2.556  5.470   1.00 10.63 ? 23  ILE A C   1 
ATOM   161  O O   . ILE A 1 23  ? 6.152   -2.646  6.219   1.00 9.68  ? 23  ILE A O   1 
ATOM   162  C CB  . ILE A 1 23  ? 7.491   -0.596  3.909   1.00 9.24  ? 23  ILE A CB  1 
ATOM   163  C CG1 . ILE A 1 23  ? 7.943   0.864   3.908   1.00 11.15 ? 23  ILE A CG1 1 
ATOM   164  C CG2 . ILE A 1 23  ? 5.988   -0.694  3.618   1.00 9.72  ? 23  ILE A CG2 1 
ATOM   165  C CD1 . ILE A 1 23  ? 7.846   1.540   2.559   1.00 12.83 ? 23  ILE A CD1 1 
ATOM   166  N N   . ILE A 1 24  ? 7.628   -3.609  4.819   1.00 9.49  ? 24  ILE A N   1 
ATOM   167  C CA  . ILE A 1 24  ? 7.053   -4.932  5.036   1.00 8.59  ? 24  ILE A CA  1 
ATOM   168  C C   . ILE A 1 24  ? 7.089   -5.277  6.519   1.00 9.87  ? 24  ILE A C   1 
ATOM   169  O O   . ILE A 1 24  ? 6.102   -5.777  7.078   1.00 9.56  ? 24  ILE A O   1 
ATOM   170  C CB  . ILE A 1 24  ? 7.783   -5.986  4.179   1.00 10.22 ? 24  ILE A CB  1 
ATOM   171  C CG1 . ILE A 1 24  ? 7.380   -5.815  2.708   1.00 10.46 ? 24  ILE A CG1 1 
ATOM   172  C CG2 . ILE A 1 24  ? 7.475   -7.404  4.684   1.00 13.85 ? 24  ILE A CG2 1 
ATOM   173  C CD1 . ILE A 1 24  ? 8.140   -6.680  1.725   1.00 10.19 ? 24  ILE A CD1 1 
ATOM   174  N N   . SER A 1 25  ? 8.215   -4.993  7.181   1.00 10.05 ? 25  SER A N   1 
ATOM   175  C CA  . SER A 1 25  ? 8.367   -5.354  8.587   1.00 11.10 ? 25  SER A CA  1 
ATOM   176  C C   . SER A 1 25  ? 7.319   -4.688  9.459   1.00 11.81 ? 25  SER A C   1 
ATOM   177  O O   . SER A 1 25  ? 6.881   -5.270  10.450  1.00 11.60 ? 25  SER A O   1 
ATOM   178  C CB  . SER A 1 25  ? 9.754   -4.986  9.092   1.00 12.21 ? 25  SER A CB  1 
ATOM   179  O OG  . SER A 1 25  ? 10.681  -5.998  8.789   1.00 13.92 ? 25  SER A OG  1 
ATOM   180  N N   . ARG A 1 26  ? 6.932   -3.452  9.149   1.00 10.46 ? 26  ARG A N   1 
ATOM   181  C CA  . ARG A 1 26  ? 5.924   -2.809  9.999   1.00 10.94 ? 26  ARG A CA  1 
ATOM   182  C C   . ARG A 1 26  ? 4.631   -3.631  10.052  1.00 12.35 ? 26  ARG A C   1 
ATOM   183  O O   . ARG A 1 26  ? 4.073   -3.890  11.136  1.00 13.75 ? 26  ARG A O   1 
ATOM   184  C CB  . ARG A 1 26  ? 5.636   -1.398  9.508   1.00 12.88 ? 26  ARG A CB  1 
ATOM   185  C CG  . ARG A 1 26  ? 6.844   -0.489  9.497   1.00 17.00 ? 26  ARG A CG  1 
ATOM   186  C CD  . ARG A 1 26  ? 7.382   -0.203  10.888  1.00 16.60 ? 26  ARG A CD  1 
ATOM   187  N NE  . ARG A 1 26  ? 8.596   0.590   10.790  1.00 14.29 ? 26  ARG A NE  1 
ATOM   188  C CZ  . ARG A 1 26  ? 8.647   1.916   10.856  1.00 13.16 ? 26  ARG A CZ  1 
ATOM   189  N NH1 . ARG A 1 26  ? 7.544   2.636   11.055  1.00 12.96 ? 26  ARG A NH1 1 
ATOM   190  N NH2 . ARG A 1 26  ? 9.819   2.523   10.751  1.00 16.79 ? 26  ARG A NH2 1 
ATOM   191  N N   . PHE A 1 27  ? 4.152   -4.068  8.884   1.00 11.68 ? 27  PHE A N   1 
ATOM   192  C CA  . PHE A 1 27  ? 2.925   -4.859  8.806   1.00 10.97 ? 27  PHE A CA  1 
ATOM   193  C C   . PHE A 1 27  ? 3.140   -6.263  9.354   1.00 11.20 ? 27  PHE A C   1 
ATOM   194  O O   . PHE A 1 27  ? 2.278   -6.809  10.056  1.00 9.68  ? 27  PHE A O   1 
ATOM   195  C CB  . PHE A 1 27  ? 2.435   -4.913  7.358   1.00 13.53 ? 27  PHE A CB  1 
ATOM   196  C CG  . PHE A 1 27  ? 1.800   -3.632  6.896   1.00 8.24  ? 27  PHE A CG  1 
ATOM   197  C CD1 . PHE A 1 27  ? 2.573   -2.605  6.383   1.00 9.72  ? 27  PHE A CD1 1 
ATOM   198  C CD2 . PHE A 1 27  ? 0.440   -3.442  7.024   1.00 11.49 ? 27  PHE A CD2 1 
ATOM   199  C CE1 . PHE A 1 27  ? 1.999   -1.414  5.990   1.00 14.57 ? 27  PHE A CE1 1 
ATOM   200  C CE2 . PHE A 1 27  ? -0.144  -2.245  6.629   1.00 9.81  ? 27  PHE A CE2 1 
ATOM   201  C CZ  . PHE A 1 27  ? 0.642   -1.235  6.113   1.00 11.82 ? 27  PHE A CZ  1 
ATOM   202  N N   . GLU A 1 28  ? 4.294   -6.852  9.050   1.00 10.09 ? 28  GLU A N   1 
ATOM   203  C CA  . GLU A 1 28  ? 4.603   -8.208  9.491   1.00 11.10 ? 28  GLU A CA  1 
ATOM   204  C C   . GLU A 1 28  ? 4.688   -8.277  11.016  1.00 13.21 ? 28  GLU A C   1 
ATOM   205  O O   . GLU A 1 28  ? 4.091   -9.153  11.653  1.00 8.71  ? 28  GLU A O   1 
ATOM   206  C CB  . GLU A 1 28  ? 5.915   -8.638  8.835   1.00 13.44 ? 28  GLU A CB  1 
ATOM   207  C CG  . GLU A 1 28  ? 6.158   -10.116 8.723   1.00 14.95 ? 28  GLU A CG  1 
ATOM   208  C CD  . GLU A 1 28  ? 7.393   -10.433 7.871   1.00 13.34 ? 28  GLU A CD  1 
ATOM   209  O OE1 . GLU A 1 28  ? 8.274   -9.552  7.725   1.00 10.42 ? 28  GLU A OE1 1 
ATOM   210  O OE2 . GLU A 1 28  ? 7.472   -11.561 7.348   1.00 10.21 ? 28  GLU A OE2 1 
ATOM   211  N N   . ASN A 1 29  ? 5.394   -7.325  11.623  1.00 10.17 ? 29  ASN A N   1 
ATOM   212  C CA  . ASN A 1 29  ? 5.562   -7.311  13.066  1.00 10.52 ? 29  ASN A CA  1 
ATOM   213  C C   . ASN A 1 29  ? 4.260   -7.037  13.782  1.00 10.34 ? 29  ASN A C   1 
ATOM   214  O O   . ASN A 1 29  ? 4.080   -7.498  14.922  1.00 10.69 ? 29  ASN A O   1 
ATOM   215  C CB  . ASN A 1 29  ? 6.593   -6.264  13.454  1.00 11.85 ? 29  ASN A CB  1 
ATOM   216  C CG  . ASN A 1 29  ? 7.996   -6.654  13.040  1.00 14.49 ? 29  ASN A CG  1 
ATOM   217  O OD1 . ASN A 1 29  ? 8.242   -7.787  12.640  1.00 16.67 ? 29  ASN A OD1 1 
ATOM   218  N ND2 . ASN A 1 29  ? 8.919   -5.719  13.135  1.00 15.46 ? 29  ASN A ND2 1 
ATOM   219  N N   . ARG A 1 30  ? 3.354   -6.279  13.143  1.00 9.45  ? 30  ARG A N   1 
ATOM   220  C CA  . ARG A 1 30  ? 2.063   -5.988  13.763  1.00 11.06 ? 30  ARG A CA  1 
ATOM   221  C C   . ARG A 1 30  ? 1.188   -7.233  13.931  1.00 14.61 ? 30  ARG A C   1 
ATOM   222  O O   . ARG A 1 30  ? 0.315   -7.249  14.814  1.00 12.23 ? 30  ARG A O   1 
ATOM   223  C CB  . ARG A 1 30  ? 1.326   -4.931  12.932  1.00 11.15 ? 30  ARG A CB  1 
ATOM   224  C CG  . ARG A 1 30  ? 0.109   -4.311  13.622  1.00 11.88 ? 30  ARG A CG  1 
ATOM   225  C CD  . ARG A 1 30  ? 0.478   -3.285  14.700  1.00 12.46 ? 30  ARG A CD  1 
ATOM   226  N NE  . ARG A 1 30  ? -0.725  -2.914  15.445  1.00 12.90 ? 30  ARG A NE  1 
ATOM   227  C CZ  . ARG A 1 30  ? -1.335  -1.734  15.417  1.00 15.07 ? 30  ARG A CZ  1 
ATOM   228  N NH1 . ARG A 1 30  ? -0.852  -0.719  14.709  1.00 13.47 ? 30  ARG A NH1 1 
ATOM   229  N NH2 . ARG A 1 30  ? -2.443  -1.572  16.127  1.00 14.94 ? 30  ARG A NH2 1 
ATOM   230  N N   . GLY A 1 31  ? 1.396   -8.267  13.113  1.00 10.96 ? 31  GLY A N   1 
ATOM   231  C CA  . GLY A 1 31  ? 0.570   -9.462  13.123  1.00 11.66 ? 31  GLY A CA  1 
ATOM   232  C C   . GLY A 1 31  ? -0.320  -9.643  11.908  1.00 10.53 ? 31  GLY A C   1 
ATOM   233  O O   . GLY A 1 31  ? -1.076  -10.621 11.855  1.00 12.25 ? 31  GLY A O   1 
ATOM   234  N N   . PHE A 1 32  ? -0.260  -8.746  10.932  1.00 10.65 ? 32  PHE A N   1 
ATOM   235  C CA  . PHE A 1 32  ? -1.061  -8.903  9.732   1.00 10.97 ? 32  PHE A CA  1 
ATOM   236  C C   . PHE A 1 32  ? -0.440  -9.947  8.819   1.00 11.42 ? 32  PHE A C   1 
ATOM   237  O O   . PHE A 1 32  ? 0.756   -10.236 8.882   1.00 10.32 ? 32  PHE A O   1 
ATOM   238  C CB  . PHE A 1 32  ? -1.202  -7.572  9.000   1.00 11.14 ? 32  PHE A CB  1 
ATOM   239  C CG  . PHE A 1 32  ? -2.025  -6.569  9.745   1.00 12.14 ? 32  PHE A CG  1 
ATOM   240  C CD1 . PHE A 1 32  ? -3.331  -6.845  10.070  1.00 11.69 ? 32  PHE A CD1 1 
ATOM   241  C CD2 . PHE A 1 32  ? -1.492  -5.350  10.128  1.00 14.16 ? 32  PHE A CD2 1 
ATOM   242  C CE1 . PHE A 1 32  ? -4.096  -5.932  10.766  1.00 11.14 ? 32  PHE A CE1 1 
ATOM   243  C CE2 . PHE A 1 32  ? -2.262  -4.429  10.822  1.00 12.99 ? 32  PHE A CE2 1 
ATOM   244  C CZ  . PHE A 1 32  ? -3.565  -4.730  11.138  1.00 13.58 ? 32  PHE A CZ  1 
ATOM   245  N N   . LYS A 1 33  ? -1.279  -10.527 7.966   1.00 11.03 ? 33  LYS A N   1 
ATOM   246  C CA  . LYS A 1 33  ? -0.888  -11.649 7.130   1.00 10.63 ? 33  LYS A CA  1 
ATOM   247  C C   . LYS A 1 33  ? -0.735  -11.182 5.695   1.00 9.11  ? 33  LYS A C   1 
ATOM   248  O O   . LYS A 1 33  ? -1.676  -10.628 5.117   1.00 10.51 ? 33  LYS A O   1 
ATOM   249  C CB  . LYS A 1 33  ? -1.918  -12.775 7.194   1.00 11.92 ? 33  LYS A CB  1 
ATOM   250  C CG  . LYS A 1 33  ? -1.548  -13.960 6.297   1.00 11.09 ? 33  LYS A CG  1 
ATOM   251  C CD  . LYS A 1 33  ? -2.464  -15.156 6.512   1.00 11.57 ? 33  LYS A CD  1 
ATOM   252  C CE  . LYS A 1 33  ? -3.923  -14.822 6.264   1.00 15.20 ? 33  LYS A CE  1 
ATOM   253  N NZ  . LYS A 1 33  ? -4.788  -16.012 6.466   1.00 14.94 ? 33  LYS A NZ  1 
ATOM   254  N N   . LEU A 1 34  ? 0.440   -11.418 5.122   1.00 10.73 ? 34  LEU A N   1 
ATOM   255  C CA  . LEU A 1 34  ? 0.668   -11.122 3.717   1.00 8.82  ? 34  LEU A CA  1 
ATOM   256  C C   . LEU A 1 34  ? 0.034   -12.225 2.886   1.00 9.52  ? 34  LEU A C   1 
ATOM   257  O O   . LEU A 1 34  ? 0.439   -13.385 2.991   1.00 9.71  ? 34  LEU A O   1 
ATOM   258  C CB  . LEU A 1 34  ? 2.161   -11.027 3.419   1.00 10.88 ? 34  LEU A CB  1 
ATOM   259  C CG  . LEU A 1 34  ? 2.525   -10.615 1.993   1.00 8.03  ? 34  LEU A CG  1 
ATOM   260  C CD1 . LEU A 1 34  ? 2.103   -9.184  1.708   1.00 9.08  ? 34  LEU A CD1 1 
ATOM   261  C CD2 . LEU A 1 34  ? 4.005   -10.791 1.752   1.00 9.29  ? 34  LEU A CD2 1 
ATOM   262  N N   . VAL A 1 35  ? -0.952  -11.867 2.062   1.00 10.57 ? 35  VAL A N   1 
ATOM   263  C CA  . VAL A 1 35  ? -1.623  -12.842 1.206   1.00 9.44  ? 35  VAL A CA  1 
ATOM   264  C C   . VAL A 1 35  ? -1.348  -12.609 -0.270  1.00 9.60  ? 35  VAL A C   1 
ATOM   265  O O   . VAL A 1 35  ? -1.641  -13.501 -1.080  1.00 11.92 ? 35  VAL A O   1 
ATOM   266  C CB  . VAL A 1 35  ? -3.145  -12.882 1.467   1.00 13.77 ? 35  VAL A CB  1 
ATOM   267  C CG1 . VAL A 1 35  ? -3.423  -13.322 2.905   1.00 11.79 ? 35  VAL A CG1 1 
ATOM   268  C CG2 . VAL A 1 35  ? -3.788  -11.537 1.200   1.00 15.44 ? 35  VAL A CG2 1 
ATOM   269  N N   . ALA A 1 36  ? -0.788  -11.458 -0.655  1.00 10.78 ? 36  ALA A N   1 
ATOM   270  C CA  . ALA A 1 36  ? -0.338  -11.332 -2.040  1.00 8.30  ? 36  ALA A CA  1 
ATOM   271  C C   . ALA A 1 36  ? 0.795   -10.324 -2.098  1.00 7.90  ? 36  ALA A C   1 
ATOM   272  O O   . ALA A 1 36  ? 0.810   -9.370  -1.328  1.00 9.23  ? 36  ALA A O   1 
ATOM   273  C CB  . ALA A 1 36  ? -1.474  -10.908 -2.981  1.00 10.27 ? 36  ALA A CB  1 
ATOM   274  N N   . MET A 1 37  ? 1.736   -10.541 -3.016  1.00 10.08 ? 37  MET A N   1 
ATOM   275  C CA  . MET A 1 37  ? 2.796   -9.567  -3.235  1.00 10.11 ? 37  MET A CA  1 
ATOM   276  C C   . MET A 1 37  ? 3.448   -9.789  -4.589  1.00 9.51  ? 37  MET A C   1 
ATOM   277  O O   . MET A 1 37  ? 3.689   -10.931 -4.988  1.00 11.18 ? 37  MET A O   1 
ATOM   278  C CB  . MET A 1 37  ? 3.868   -9.640  -2.143  1.00 8.36  ? 37  MET A CB  1 
ATOM   279  C CG  . MET A 1 37  ? 4.949   -8.580  -2.294  1.00 11.29 ? 37  MET A CG  1 
ATOM   280  S SD  . MET A 1 37  ? 5.883   -8.330  -0.762  1.00 10.68 ? 37  MET A SD  1 
ATOM   281  C CE  . MET A 1 37  ? 6.703   -9.915  -0.649  1.00 11.76 ? 37  MET A CE  1 
ATOM   282  N N   . LYS A 1 38  ? 3.768   -8.689  -5.269  1.00 9.98  ? 38  LYS A N   1 
ATOM   283  C CA  . LYS A 1 38  ? 4.606   -8.768  -6.461  1.00 10.20 ? 38  LYS A CA  1 
ATOM   284  C C   . LYS A 1 38  ? 5.261   -7.423  -6.729  1.00 11.30 ? 38  LYS A C   1 
ATOM   285  O O   . LYS A 1 38  ? 4.684   -6.366  -6.449  1.00 11.18 ? 38  LYS A O   1 
ATOM   286  C CB  . LYS A 1 38  ? 3.801   -9.209  -7.688  1.00 12.55 ? 38  LYS A CB  1 
ATOM   287  C CG  . LYS A 1 38  ? 2.641   -8.312  -8.026  1.00 13.41 ? 38  LYS A CG  1 
ATOM   288  C CD  . LYS A 1 38  ? 1.824   -8.891  -9.189  1.00 18.52 ? 38  LYS A CD  1 
ATOM   289  C CE  . LYS A 1 38  ? 0.549   -8.101  -9.412  1.00 14.71 ? 38  LYS A CE  1 
ATOM   290  N NZ  . LYS A 1 38  ? -0.285  -8.723  -10.473 1.00 15.94 ? 38  LYS A NZ  1 
ATOM   291  N N   . LEU A 1 39  ? 6.477   -7.479  -7.271  1.00 10.88 ? 39  LEU A N   1 
ATOM   292  C CA  . LEU A 1 39  ? 7.134   -6.294  -7.807  1.00 9.19  ? 39  LEU A CA  1 
ATOM   293  C C   . LEU A 1 39  ? 6.659   -6.109  -9.239  1.00 8.11  ? 39  LEU A C   1 
ATOM   294  O O   . LEU A 1 39  ? 6.747   -7.031  -10.049 1.00 9.78  ? 39  LEU A O   1 
ATOM   295  C CB  . LEU A 1 39  ? 8.659   -6.426  -7.762  1.00 10.42 ? 39  LEU A CB  1 
ATOM   296  C CG  . LEU A 1 39  ? 9.449   -5.136  -8.013  1.00 9.08  ? 39  LEU A CG  1 
ATOM   297  C CD1 . LEU A 1 39  ? 9.416   -4.239  -6.801  1.00 11.94 ? 39  LEU A CD1 1 
ATOM   298  C CD2 . LEU A 1 39  ? 10.890  -5.454  -8.400  1.00 13.30 ? 39  LEU A CD2 1 
ATOM   299  N N   . VAL A 1 40  ? 6.133   -4.926  -9.548  1.00 10.21 ? 40  VAL A N   1 
ATOM   300  C CA  . VAL A 1 40  ? 5.515   -4.698  -10.847 1.00 10.96 ? 40  VAL A CA  1 
ATOM   301  C C   . VAL A 1 40  ? 5.831   -3.291  -11.333 1.00 11.92 ? 40  VAL A C   1 
ATOM   302  O O   . VAL A 1 40  ? 6.038   -2.367  -10.544 1.00 13.01 ? 40  VAL A O   1 
ATOM   303  C CB  . VAL A 1 40  ? 3.981   -4.922  -10.806 1.00 12.12 ? 40  VAL A CB  1 
ATOM   304  C CG1 . VAL A 1 40  ? 3.686   -6.387  -10.688 1.00 24.63 ? 40  VAL A CG1 1 
ATOM   305  C CG2 . VAL A 1 40  ? 3.335   -4.144  -9.651  1.00 11.15 ? 40  VAL A CG2 1 
ATOM   306  N N   . SER A 1 41  ? 5.855   -3.141  -12.655 1.00 11.51 ? 41  SER A N   1 
ATOM   307  C CA  . SER A 1 41  ? 5.925   -1.847  -13.325 1.00 12.02 ? 41  SER A CA  1 
ATOM   308  C C   . SER A 1 41  ? 4.669   -1.807  -14.190 1.00 13.87 ? 41  SER A C   1 
ATOM   309  O O   . SER A 1 41  ? 4.707   -2.175  -15.370 1.00 12.71 ? 41  SER A O   1 
ATOM   310  C CB  . SER A 1 41  ? 7.214   -1.697  -14.131 1.00 18.63 ? 41  SER A CB  1 
ATOM   311  O OG  . SER A 1 41  ? 7.341   -0.386  -14.652 1.00 35.06 ? 41  SER A OG  1 
ATOM   312  N N   . PRO A 1 42  ? 3.532   -1.426  -13.620 1.00 13.21 ? 42  PRO A N   1 
ATOM   313  C CA  . PRO A 1 42  ? 2.254   -1.636  -14.300 1.00 14.52 ? 42  PRO A CA  1 
ATOM   314  C C   . PRO A 1 42  ? 2.078   -0.683  -15.464 1.00 18.41 ? 42  PRO A C   1 
ATOM   315  O O   . PRO A 1 42  ? 2.746   0.360   -15.537 1.00 11.79 ? 42  PRO A O   1 
ATOM   316  C CB  . PRO A 1 42  ? 1.214   -1.375  -13.203 1.00 11.94 ? 42  PRO A CB  1 
ATOM   317  C CG  . PRO A 1 42  ? 1.918   -0.547  -12.181 1.00 18.68 ? 42  PRO A CG  1 
ATOM   318  C CD  . PRO A 1 42  ? 3.361   -0.958  -12.236 1.00 11.94 ? 42  PRO A CD  1 
ATOM   319  N N   . PRO A 1 43  ? 1.185   -1.012  -16.397 1.00 12.69 ? 43  PRO A N   1 
ATOM   320  C CA  . PRO A 1 43  ? 0.910   -0.101  -17.509 1.00 15.59 ? 43  PRO A CA  1 
ATOM   321  C C   . PRO A 1 43  ? 0.273   1.196   -17.039 1.00 12.88 ? 43  PRO A C   1 
ATOM   322  O O   . PRO A 1 43  ? -0.407  1.258   -16.013 1.00 13.14 ? 43  PRO A O   1 
ATOM   323  C CB  . PRO A 1 43  ? -0.063  -0.891  -18.389 1.00 15.48 ? 43  PRO A CB  1 
ATOM   324  C CG  . PRO A 1 43  ? 0.114   -2.324  -17.987 1.00 17.23 ? 43  PRO A CG  1 
ATOM   325  C CD  . PRO A 1 43  ? 0.447   -2.282  -16.532 1.00 13.68 ? 43  PRO A CD  1 
ATOM   326  N N   . GLN A 1 44  ? 0.460   2.233   -17.859 1.00 13.37 ? 44  GLN A N   1 
ATOM   327  C CA  . GLN A 1 44  ? -0.127  3.540   -17.569 1.00 10.29 ? 44  GLN A CA  1 
ATOM   328  C C   . GLN A 1 44  ? -1.633  3.456   -17.357 1.00 12.71 ? 44  GLN A C   1 
ATOM   329  O O   . GLN A 1 44  ? -2.178  4.134   -16.478 1.00 12.62 ? 44  GLN A O   1 
ATOM   330  C CB  . GLN A 1 44  ? 0.191   4.513   -18.703 1.00 11.87 ? 44  GLN A CB  1 
ATOM   331  C CG  . GLN A 1 44  ? -0.370  5.883   -18.482 1.00 14.80 ? 44  GLN A CG  1 
ATOM   332  C CD  . GLN A 1 44  ? 0.178   6.906   -19.455 1.00 20.88 ? 44  GLN A CD  1 
ATOM   333  O OE1 . GLN A 1 44  ? 1.298   6.774   -19.934 1.00 18.57 ? 44  GLN A OE1 1 
ATOM   334  N NE2 . GLN A 1 44  ? -0.617  7.927   -19.756 1.00 23.17 ? 44  GLN A NE2 1 
ATOM   335  N N   . SER A 1 45  ? -2.326  2.652   -18.169 1.00 13.86 ? 45  SER A N   1 
ATOM   336  C CA  . SER A 1 45  ? -3.774  2.527   -18.040 1.00 13.57 ? 45  SER A CA  1 
ATOM   337  C C   . SER A 1 45  ? -4.172  2.057   -16.646 1.00 15.32 ? 45  SER A C   1 
ATOM   338  O O   . SER A 1 45  ? -5.177  2.519   -16.086 1.00 13.68 ? 45  SER A O   1 
ATOM   339  C CB  . SER A 1 45  ? -4.315  1.564   -19.100 1.00 13.65 ? 45  SER A CB  1 
ATOM   340  O OG  . SER A 1 45  ? -3.795  0.256   -18.961 1.00 14.84 ? 45  SER A OG  1 
ATOM   341  N N   . GLN A 1 46  ? -3.395  1.141   -16.072 1.00 13.54 ? 46  GLN A N   1 
ATOM   342  C CA  . GLN A 1 46  ? -3.715  0.631   -14.745 1.00 12.51 ? 46  GLN A CA  1 
ATOM   343  C C   . GLN A 1 46  ? -3.556  1.718   -13.688 1.00 9.02  ? 46  GLN A C   1 
ATOM   344  O O   . GLN A 1 46  ? -4.383  1.828   -12.778 1.00 11.38 ? 46  GLN A O   1 
ATOM   345  C CB  . GLN A 1 46  ? -2.830  -0.571  -14.426 1.00 12.12 ? 46  GLN A CB  1 
ATOM   346  C CG  . GLN A 1 46  ? -3.210  -1.269  -13.135 1.00 12.79 ? 46  GLN A CG  1 
ATOM   347  C CD  . GLN A 1 46  ? -2.318  -2.431  -12.836 1.00 14.64 ? 46  GLN A CD  1 
ATOM   348  O OE1 . GLN A 1 46  ? -1.996  -3.221  -13.721 1.00 13.88 ? 46  GLN A OE1 1 
ATOM   349  N NE2 . GLN A 1 46  ? -1.885  -2.535  -11.584 1.00 12.84 ? 46  GLN A NE2 1 
ATOM   350  N N   . LEU A 1 47  ? -2.496  2.520   -13.790 1.00 9.21  ? 47  LEU A N   1 
ATOM   351  C CA  . LEU A 1 47  ? -2.295  3.607   -12.841 1.00 11.60 ? 47  LEU A CA  1 
ATOM   352  C C   . LEU A 1 47  ? -3.372  4.670   -12.990 1.00 15.85 ? 47  LEU A C   1 
ATOM   353  O O   . LEU A 1 47  ? -3.811  5.259   -11.994 1.00 12.85 ? 47  LEU A O   1 
ATOM   354  C CB  . LEU A 1 47  ? -0.904  4.212   -13.039 1.00 9.69  ? 47  LEU A CB  1 
ATOM   355  C CG  . LEU A 1 47  ? 0.237   3.280   -12.624 1.00 12.04 ? 47  LEU A CG  1 
ATOM   356  C CD1 . LEU A 1 47  ? 1.576   3.775   -13.161 1.00 20.09 ? 47  LEU A CD1 1 
ATOM   357  C CD2 . LEU A 1 47  ? 0.262   3.160   -11.108 1.00 15.32 ? 47  LEU A CD2 1 
ATOM   358  N N   . GLU A 1 48  ? -3.813  4.932   -14.225 1.00 12.83 ? 48  GLU A N   1 
ATOM   359  C CA  . GLU A 1 48  ? -4.881  5.908   -14.425 1.00 15.70 ? 48  GLU A CA  1 
ATOM   360  C C   . GLU A 1 48  ? -6.188  5.413   -13.836 1.00 13.34 ? 48  GLU A C   1 
ATOM   361  O O   . GLU A 1 48  ? -6.962  6.211   -13.296 1.00 17.05 ? 48  GLU A O   1 
ATOM   362  C CB  . GLU A 1 48  ? -5.043  6.223   -15.913 1.00 11.96 ? 48  GLU A CB  1 
ATOM   363  C CG  . GLU A 1 48  ? -3.864  7.002   -16.465 1.00 15.27 ? 48  GLU A CG  1 
ATOM   364  C CD  . GLU A 1 48  ? -3.904  7.148   -17.971 1.00 24.94 ? 48  GLU A CD  1 
ATOM   365  O OE1 . GLU A 1 48  ? -4.601  6.349   -18.631 1.00 31.96 ? 48  GLU A OE1 1 
ATOM   366  O OE2 . GLU A 1 48  ? -3.225  8.055   -18.487 1.00 23.48 ? 48  GLU A OE2 1 
ATOM   367  N N   . GLN A 1 49  ? -6.437  4.105   -13.908 1.00 14.23 ? 49  GLN A N   1 
ATOM   368  C CA  . GLN A 1 49  ? -7.638  3.557   -13.282 1.00 13.75 ? 49  GLN A CA  1 
ATOM   369  C C   . GLN A 1 49  ? -7.529  3.601   -11.760 1.00 13.43 ? 49  GLN A C   1 
ATOM   370  O O   . GLN A 1 49  ? -8.499  3.933   -11.070 1.00 15.02 ? 49  GLN A O   1 
ATOM   371  C CB  . GLN A 1 49  ? -7.870  2.129   -13.772 1.00 13.78 ? 49  GLN A CB  1 
ATOM   372  C CG  . GLN A 1 49  ? -9.223  1.564   -13.434 1.00 27.91 ? 49  GLN A CG  1 
ATOM   373  C CD  . GLN A 1 49  ? -9.501  0.254   -14.160 1.00 44.18 ? 49  GLN A CD  1 
ATOM   374  O OE1 . GLN A 1 49  ? -8.874  -0.051  -15.177 1.00 45.37 ? 49  GLN A OE1 1 
ATOM   375  N NE2 . GLN A 1 49  ? -10.447 -0.525  -13.640 1.00 39.51 ? 49  GLN A NE2 1 
ATOM   376  N N   . HIS A 1 50  ? -6.354  3.284   -11.221 1.00 12.25 ? 50  HIS A N   1 
ATOM   377  C CA  . HIS A 1 50  ? -6.150  3.347   -9.773  1.00 14.55 ? 50  HIS A CA  1 
ATOM   378  C C   . HIS A 1 50  ? -6.491  4.728   -9.228  1.00 12.84 ? 50  HIS A C   1 
ATOM   379  O O   . HIS A 1 50  ? -7.132  4.851   -8.175  1.00 14.02 ? 50  HIS A O   1 
ATOM   380  C CB  . HIS A 1 50  ? -4.706  2.993   -9.434  1.00 13.52 ? 50  HIS A CB  1 
ATOM   381  C CG  . HIS A 1 50  ? -4.402  3.046   -7.972  1.00 13.40 ? 50  HIS A CG  1 
ATOM   382  N ND1 . HIS A 1 50  ? -4.619  1.975   -7.130  1.00 12.11 ? 50  HIS A ND1 1 
ATOM   383  C CD2 . HIS A 1 50  ? -3.909  4.041   -7.198  1.00 15.90 ? 50  HIS A CD2 1 
ATOM   384  C CE1 . HIS A 1 50  ? -4.263  2.304   -5.902  1.00 15.42 ? 50  HIS A CE1 1 
ATOM   385  N NE2 . HIS A 1 50  ? -3.831  3.551   -5.915  1.00 17.01 ? 50  HIS A NE2 1 
ATOM   386  N N   . TYR A 1 51  ? -6.061  5.778   -9.920  1.00 15.56 ? 51  TYR A N   1 
ATOM   387  C CA  . TYR A 1 51  ? -6.301  7.149   -9.480  1.00 15.29 ? 51  TYR A CA  1 
ATOM   388  C C   . TYR A 1 51  ? -7.465  7.795   -10.228 1.00 12.97 ? 51  TYR A C   1 
ATOM   389  O O   . TYR A 1 51  ? -7.538  9.025   -10.331 1.00 15.82 ? 51  TYR A O   1 
ATOM   390  C CB  . TYR A 1 51  ? -5.026  7.976   -9.633  1.00 13.47 ? 51  TYR A CB  1 
ATOM   391  C CG  . TYR A 1 51  ? -3.930  7.591   -8.663  1.00 16.14 ? 51  TYR A CG  1 
ATOM   392  C CD1 . TYR A 1 51  ? -4.099  7.757   -7.294  1.00 17.09 ? 51  TYR A CD1 1 
ATOM   393  C CD2 . TYR A 1 51  ? -2.732  7.055   -9.111  1.00 18.03 ? 51  TYR A CD2 1 
ATOM   394  C CE1 . TYR A 1 51  ? -3.104  7.412   -6.399  1.00 20.00 ? 51  TYR A CE1 1 
ATOM   395  C CE2 . TYR A 1 51  ? -1.727  6.718   -8.221  1.00 17.32 ? 51  TYR A CE2 1 
ATOM   396  C CZ  . TYR A 1 51  ? -1.920  6.896   -6.868  1.00 18.02 ? 51  TYR A CZ  1 
ATOM   397  O OH  . TYR A 1 51  ? -0.923  6.549   -5.985  1.00 19.81 ? 51  TYR A OH  1 
ATOM   398  N N   . ALA A 1 52  ? -8.408  6.979   -10.706 1.00 13.42 ? 52  ALA A N   1 
ATOM   399  C CA  . ALA A 1 52  ? -9.529  7.490   -11.490 1.00 18.66 ? 52  ALA A CA  1 
ATOM   400  C C   . ALA A 1 52  ? -10.271 8.609   -10.764 1.00 15.97 ? 52  ALA A C   1 
ATOM   401  O O   . ALA A 1 52  ? -10.712 9.576   -11.392 1.00 18.84 ? 52  ALA A O   1 
ATOM   402  C CB  . ALA A 1 52  ? -10.497 6.357   -11.819 1.00 22.04 ? 52  ALA A CB  1 
ATOM   403  N N   . ASP A 1 53  ? -10.442 8.485   -9.449  1.00 15.85 ? 53  ASP A N   1 
ATOM   404  C CA  . ASP A 1 53  ? -11.157 9.518   -8.709  1.00 21.10 ? 53  ASP A CA  1 
ATOM   405  C C   . ASP A 1 53  ? -10.438 10.862  -8.743  1.00 20.86 ? 53  ASP A C   1 
ATOM   406  O O   . ASP A 1 53  ? -11.053 11.885  -8.423  1.00 21.23 ? 53  ASP A O   1 
ATOM   407  C CB  . ASP A 1 53  ? -11.374 9.082   -7.253  1.00 24.47 ? 53  ASP A CB  1 
ATOM   408  C CG  . ASP A 1 53  ? -12.330 7.907   -7.130  1.00 23.04 ? 53  ASP A CG  1 
ATOM   409  O OD1 . ASP A 1 53  ? -13.089 7.643   -8.085  1.00 27.23 ? 53  ASP A OD1 1 
ATOM   410  O OD2 . ASP A 1 53  ? -12.330 7.247   -6.068  1.00 34.52 ? 53  ASP A OD2 1 
ATOM   411  N N   . LEU A 1 54  ? -9.169  10.894  -9.140  1.00 15.32 ? 54  LEU A N   1 
ATOM   412  C CA  . LEU A 1 54  ? -8.395  12.128  -9.202  1.00 19.84 ? 54  LEU A CA  1 
ATOM   413  C C   . LEU A 1 54  ? -8.113  12.578  -10.633 1.00 17.35 ? 54  LEU A C   1 
ATOM   414  O O   . LEU A 1 54  ? -7.287  13.471  -10.840 1.00 16.87 ? 54  LEU A O   1 
ATOM   415  C CB  . LEU A 1 54  ? -7.075  11.954  -8.447  1.00 20.85 ? 54  LEU A CB  1 
ATOM   416  C CG  . LEU A 1 54  ? -7.168  11.492  -6.993  1.00 22.83 ? 54  LEU A CG  1 
ATOM   417  C CD1 . LEU A 1 54  ? -5.774  11.305  -6.394  1.00 28.12 ? 54  LEU A CD1 1 
ATOM   418  C CD2 . LEU A 1 54  ? -7.980  12.474  -6.163  1.00 22.40 ? 54  LEU A CD2 1 
ATOM   419  N N   . SER A 1 55  ? -8.793  12.002  -11.624 1.00 17.20 ? 55  SER A N   1 
ATOM   420  C CA  . SER A 1 55  ? -8.428  12.250  -13.015 1.00 17.82 ? 55  SER A CA  1 
ATOM   421  C C   . SER A 1 55  ? -8.612  13.704  -13.434 1.00 26.50 ? 55  SER A C   1 
ATOM   422  O O   . SER A 1 55  ? -7.980  14.132  -14.407 1.00 22.61 ? 55  SER A O   1 
ATOM   423  C CB  . SER A 1 55  ? -9.232  11.333  -13.948 1.00 23.48 ? 55  SER A CB  1 
ATOM   424  O OG  . SER A 1 55  ? -10.627 11.531  -13.821 1.00 24.23 ? 55  SER A OG  1 
ATOM   425  N N   . ASP A 1 56  ? -9.452  14.475  -12.743 1.00 23.11 ? 56  ASP A N   1 
ATOM   426  C CA  . ASP A 1 56  ? -9.650  15.878  -13.093 1.00 23.34 ? 56  ASP A CA  1 
ATOM   427  C C   . ASP A 1 56  ? -8.741  16.827  -12.317 1.00 27.45 ? 56  ASP A C   1 
ATOM   428  O O   . ASP A 1 56  ? -8.844  18.041  -12.496 1.00 22.94 ? 56  ASP A O   1 
ATOM   429  C CB  . ASP A 1 56  ? -11.117 16.276  -12.880 1.00 22.20 ? 56  ASP A CB  1 
ATOM   430  C CG  . ASP A 1 56  ? -11.537 16.204  -11.426 1.00 39.17 ? 56  ASP A CG  1 
ATOM   431  O OD1 . ASP A 1 56  ? -10.736 15.726  -10.593 1.00 43.00 ? 56  ASP A OD1 1 
ATOM   432  O OD2 . ASP A 1 56  ? -12.671 16.632  -11.112 1.00 48.12 ? 56  ASP A OD2 1 
ATOM   433  N N   . LYS A 1 57  ? -7.842  16.315  -11.473 1.00 22.53 ? 57  LYS A N   1 
ATOM   434  C CA  . LYS A 1 57  ? -6.958  17.188  -10.714 1.00 20.50 ? 57  LYS A CA  1 
ATOM   435  C C   . LYS A 1 57  ? -5.808  17.693  -11.584 1.00 23.33 ? 57  LYS A C   1 
ATOM   436  O O   . LYS A 1 57  ? -5.312  16.969  -12.449 1.00 22.90 ? 57  LYS A O   1 
ATOM   437  C CB  . LYS A 1 57  ? -6.380  16.452  -9.513  1.00 24.58 ? 57  LYS A CB  1 
ATOM   438  C CG  . LYS A 1 57  ? -7.415  15.959  -8.526  1.00 25.51 ? 57  LYS A CG  1 
ATOM   439  C CD  . LYS A 1 57  ? -8.196  17.100  -7.905  1.00 30.31 ? 57  LYS A CD  1 
ATOM   440  C CE  . LYS A 1 57  ? -9.062  16.599  -6.761  1.00 31.59 ? 57  LYS A CE  1 
ATOM   441  N NZ  . LYS A 1 57  ? -9.794  17.702  -6.075  1.00 44.28 ? 57  LYS A NZ  1 
ATOM   442  N N   . PRO A 1 58  ? -5.338  18.922  -11.349 1.00 29.61 ? 58  PRO A N   1 
ATOM   443  C CA  . PRO A 1 58  ? -4.191  19.420  -12.128 1.00 30.86 ? 58  PRO A CA  1 
ATOM   444  C C   . PRO A 1 58  ? -2.949  18.563  -11.985 1.00 28.38 ? 58  PRO A C   1 
ATOM   445  O O   . PRO A 1 58  ? -2.114  18.546  -12.897 1.00 27.68 ? 58  PRO A O   1 
ATOM   446  C CB  . PRO A 1 58  ? -3.953  20.826  -11.563 1.00 27.94 ? 58  PRO A CB  1 
ATOM   447  C CG  . PRO A 1 58  ? -5.180  21.166  -10.789 1.00 38.71 ? 58  PRO A CG  1 
ATOM   448  C CD  . PRO A 1 58  ? -5.765  19.885  -10.319 1.00 28.40 ? 58  PRO A CD  1 
ATOM   449  N N   . PHE A 1 59  ? -2.792  17.860  -10.866 1.00 24.30 ? 59  PHE A N   1 
ATOM   450  C CA  . PHE A 1 59  ? -1.588  17.083  -10.610 1.00 25.85 ? 59  PHE A CA  1 
ATOM   451  C C   . PHE A 1 59  ? -1.679  15.655  -11.135 1.00 22.47 ? 59  PHE A C   1 
ATOM   452  O O   . PHE A 1 59  ? -0.759  14.865  -10.904 1.00 22.66 ? 59  PHE A O   1 
ATOM   453  C CB  . PHE A 1 59  ? -1.283  17.070  -9.106  1.00 24.61 ? 59  PHE A CB  1 
ATOM   454  C CG  . PHE A 1 59  ? -2.379  16.487  -8.250  1.00 25.58 ? 59  PHE A CG  1 
ATOM   455  C CD1 . PHE A 1 59  ? -2.574  15.116  -8.181  1.00 26.49 ? 59  PHE A CD1 1 
ATOM   456  C CD2 . PHE A 1 59  ? -3.192  17.308  -7.488  1.00 29.71 ? 59  PHE A CD2 1 
ATOM   457  C CE1 . PHE A 1 59  ? -3.572  14.581  -7.382  1.00 30.37 ? 59  PHE A CE1 1 
ATOM   458  C CE2 . PHE A 1 59  ? -4.191  16.776  -6.686  1.00 23.11 ? 59  PHE A CE2 1 
ATOM   459  C CZ  . PHE A 1 59  ? -4.378  15.413  -6.634  1.00 32.56 ? 59  PHE A CZ  1 
ATOM   460  N N   . PHE A 1 60  ? -2.748  15.310  -11.850 1.00 23.14 ? 60  PHE A N   1 
ATOM   461  C CA  . PHE A 1 60  ? -2.986  13.913  -12.207 1.00 23.31 ? 60  PHE A CA  1 
ATOM   462  C C   . PHE A 1 60  ? -1.927  13.390  -13.169 1.00 20.83 ? 60  PHE A C   1 
ATOM   463  O O   . PHE A 1 60  ? -1.393  12.290  -12.978 1.00 18.21 ? 60  PHE A O   1 
ATOM   464  C CB  . PHE A 1 60  ? -4.378  13.768  -12.809 1.00 25.99 ? 60  PHE A CB  1 
ATOM   465  C CG  . PHE A 1 60  ? -4.713  12.374  -13.258 1.00 18.60 ? 60  PHE A CG  1 
ATOM   466  C CD1 . PHE A 1 60  ? -5.006  11.383  -12.338 1.00 16.59 ? 60  PHE A CD1 1 
ATOM   467  C CD2 . PHE A 1 60  ? -4.778  12.067  -14.602 1.00 16.96 ? 60  PHE A CD2 1 
ATOM   468  C CE1 . PHE A 1 60  ? -5.349  10.116  -12.751 1.00 16.05 ? 60  PHE A CE1 1 
ATOM   469  C CE2 . PHE A 1 60  ? -5.110  10.793  -15.021 1.00 19.11 ? 60  PHE A CE2 1 
ATOM   470  C CZ  . PHE A 1 60  ? -5.400  9.817   -14.088 1.00 19.43 ? 60  PHE A CZ  1 
ATOM   471  N N   . LYS A 1 61  ? -1.620  14.150  -14.227 1.00 18.14 ? 61  LYS A N   1 
ATOM   472  C CA  . LYS A 1 61  ? -0.628  13.683  -15.190 1.00 22.19 ? 61  LYS A CA  1 
ATOM   473  C C   . LYS A 1 61  ? 0.726   13.472  -14.530 1.00 18.48 ? 61  LYS A C   1 
ATOM   474  O O   . LYS A 1 61  ? 1.397   12.461  -14.778 1.00 21.58 ? 61  LYS A O   1 
ATOM   475  C CB  . LYS A 1 61  ? -0.510  14.669  -16.353 1.00 27.07 ? 61  LYS A CB  1 
ATOM   476  C CG  . LYS A 1 61  ? -1.619  14.524  -17.383 1.00 38.92 ? 61  LYS A CG  1 
ATOM   477  C CD  . LYS A 1 61  ? -1.139  14.887  -18.785 1.00 51.66 ? 61  LYS A CD  1 
ATOM   478  C CE  . LYS A 1 61  ? -2.128  14.423  -19.851 1.00 61.95 ? 61  LYS A CE  1 
ATOM   479  N NZ  . LYS A 1 61  ? -2.226  12.933  -19.923 1.00 66.03 ? 61  LYS A NZ  1 
ATOM   480  N N   . GLY A 1 62  ? 1.150   14.409  -13.682 1.00 19.26 ? 62  GLY A N   1 
ATOM   481  C CA  . GLY A 1 62  ? 2.429   14.256  -13.011 1.00 25.05 ? 62  GLY A CA  1 
ATOM   482  C C   . GLY A 1 62  ? 2.436   13.119  -12.010 1.00 22.08 ? 62  GLY A C   1 
ATOM   483  O O   . GLY A 1 62  ? 3.452   12.435  -11.843 1.00 17.97 ? 62  GLY A O   1 
ATOM   484  N N   . LEU A 1 63  ? 1.306   12.894  -11.343 1.00 19.92 ? 63  LEU A N   1 
ATOM   485  C CA  . LEU A 1 63  ? 1.198   11.773  -10.419 1.00 17.85 ? 63  LEU A CA  1 
ATOM   486  C C   . LEU A 1 63  ? 1.340   10.456  -11.162 1.00 16.57 ? 63  LEU A C   1 
ATOM   487  O O   . LEU A 1 63  ? 2.075   9.556   -10.732 1.00 15.25 ? 63  LEU A O   1 
ATOM   488  C CB  . LEU A 1 63  ? -0.144  11.843  -9.687  1.00 19.14 ? 63  LEU A CB  1 
ATOM   489  C CG  . LEU A 1 63  ? -0.630  10.603  -8.941  1.00 21.45 ? 63  LEU A CG  1 
ATOM   490  C CD1 . LEU A 1 63  ? 0.326   10.241  -7.829  1.00 20.56 ? 63  LEU A CD1 1 
ATOM   491  C CD2 . LEU A 1 63  ? -2.020  10.842  -8.394  1.00 26.86 ? 63  LEU A CD2 1 
ATOM   492  N N   . VAL A 1 64  ? 0.654   10.330  -12.293 1.00 15.29 ? 64  VAL A N   1 
ATOM   493  C CA  . VAL A 1 64  ? 0.756   9.113   -13.084 1.00 14.06 ? 64  VAL A CA  1 
ATOM   494  C C   . VAL A 1 64  ? 2.185   8.928   -13.584 1.00 13.01 ? 64  VAL A C   1 
ATOM   495  O O   . VAL A 1 64  ? 2.744   7.827   -13.517 1.00 14.48 ? 64  VAL A O   1 
ATOM   496  C CB  . VAL A 1 64  ? -0.273  9.152   -14.230 1.00 13.66 ? 64  VAL A CB  1 
ATOM   497  C CG1 . VAL A 1 64  ? -0.017  8.052   -15.257 1.00 17.76 ? 64  VAL A CG1 1 
ATOM   498  C CG2 . VAL A 1 64  ? -1.684  9.032   -13.659 1.00 17.33 ? 64  VAL A CG2 1 
ATOM   499  N N   . SER A 1 65  ? 2.813   10.008  -14.067 1.00 18.89 ? 65  SER A N   1 
ATOM   500  C CA  . SER A 1 65  ? 4.186   9.903   -14.560 1.00 18.36 ? 65  SER A CA  1 
ATOM   501  C C   . SER A 1 65  ? 5.137   9.440   -13.462 1.00 18.22 ? 65  SER A C   1 
ATOM   502  O O   . SER A 1 65  ? 6.018   8.608   -13.704 1.00 17.97 ? 65  SER A O   1 
ATOM   503  C CB  . SER A 1 65  ? 4.655   11.247  -15.129 1.00 23.66 ? 65  SER A CB  1 
ATOM   504  O OG  . SER A 1 65  ? 3.756   11.719  -16.117 1.00 33.02 ? 65  SER A OG  1 
ATOM   505  N N   . TYR A 1 66  ? 4.995   9.985   -12.251 1.00 13.67 ? 66  TYR A N   1 
ATOM   506  C CA  . TYR A 1 66  ? 5.843   9.548   -11.142 1.00 17.23 ? 66  TYR A CA  1 
ATOM   507  C C   . TYR A 1 66  ? 5.581   8.090   -10.786 1.00 14.93 ? 66  TYR A C   1 
ATOM   508  O O   . TYR A 1 66  ? 6.518   7.327   -10.540 1.00 16.36 ? 66  TYR A O   1 
ATOM   509  C CB  . TYR A 1 66  ? 5.619   10.469  -9.940  1.00 19.01 ? 66  TYR A CB  1 
ATOM   510  C CG  . TYR A 1 66  ? 5.612   9.855   -8.544  1.00 12.20 ? 66  TYR A CG  1 
ATOM   511  C CD1 . TYR A 1 66  ? 6.777   9.352   -7.951  1.00 17.75 ? 66  TYR A CD1 1 
ATOM   512  C CD2 . TYR A 1 66  ? 4.448   9.869   -7.785  1.00 17.09 ? 66  TYR A CD2 1 
ATOM   513  C CE1 . TYR A 1 66  ? 6.756   8.839   -6.663  1.00 16.26 ? 66  TYR A CE1 1 
ATOM   514  C CE2 . TYR A 1 66  ? 4.412   9.364   -6.502  1.00 22.03 ? 66  TYR A CE2 1 
ATOM   515  C CZ  . TYR A 1 66  ? 5.561   8.855   -5.935  1.00 18.91 ? 66  TYR A CZ  1 
ATOM   516  O OH  . TYR A 1 66  ? 5.484   8.377   -4.641  1.00 18.13 ? 66  TYR A OH  1 
ATOM   517  N N   . MET A 1 67  ? 4.316   7.671   -10.787 1.00 14.32 ? 67  MET A N   1 
ATOM   518  C CA  . MET A 1 67  ? 4.023   6.279   -10.462 1.00 11.03 ? 67  MET A CA  1 
ATOM   519  C C   . MET A 1 67  ? 4.523   5.318   -11.537 1.00 11.73 ? 67  MET A C   1 
ATOM   520  O O   . MET A 1 67  ? 4.713   4.135   -11.243 1.00 15.05 ? 67  MET A O   1 
ATOM   521  C CB  . MET A 1 67  ? 2.524   6.110   -10.224 1.00 13.48 ? 67  MET A CB  1 
ATOM   522  C CG  . MET A 1 67  ? 2.074   6.750   -8.918  1.00 12.81 ? 67  MET A CG  1 
ATOM   523  S SD  . MET A 1 67  ? 2.699   5.912   -7.432  1.00 16.50 ? 67  MET A SD  1 
ATOM   524  C CE  . MET A 1 67  ? 1.611   4.483   -7.410  1.00 13.59 ? 67  MET A CE  1 
ATOM   525  N N   . LEU A 1 68  ? 4.762   5.802   -12.759 1.00 11.78 ? 68  LEU A N   1 
ATOM   526  C CA  . LEU A 1 68  ? 5.395   5.008   -13.809 1.00 13.41 ? 68  LEU A CA  1 
ATOM   527  C C   . LEU A 1 68  ? 6.921   5.046   -13.770 1.00 14.12 ? 68  LEU A C   1 
ATOM   528  O O   . LEU A 1 68  ? 7.557   4.314   -14.540 1.00 11.55 ? 68  LEU A O   1 
ATOM   529  C CB  . LEU A 1 68  ? 4.957   5.495   -15.193 1.00 15.56 ? 68  LEU A CB  1 
ATOM   530  C CG  . LEU A 1 68  ? 3.541   5.259   -15.695 1.00 16.51 ? 68  LEU A CG  1 
ATOM   531  C CD1 . LEU A 1 68  ? 3.246   6.215   -16.845 1.00 18.35 ? 68  LEU A CD1 1 
ATOM   532  C CD2 . LEU A 1 68  ? 3.388   3.821   -16.155 1.00 17.77 ? 68  LEU A CD2 1 
ATOM   533  N N   . SER A 1 69  ? 7.526   5.873   -12.908 1.00 13.50 ? 69  SER A N   1 
ATOM   534  C CA  . SER A 1 69  ? 8.950   6.182   -13.034 1.00 12.49 ? 69  SER A CA  1 
ATOM   535  C C   . SER A 1 69  ? 9.861   5.141   -12.397 1.00 12.83 ? 69  SER A C   1 
ATOM   536  O O   . SER A 1 69  ? 11.084  5.258   -12.517 1.00 13.01 ? 69  SER A O   1 
ATOM   537  C CB  . SER A 1 69  ? 9.250   7.554   -12.434 1.00 12.28 ? 69  SER A CB  1 
ATOM   538  O OG  . SER A 1 69  ? 9.131   7.556   -11.022 1.00 15.48 ? 69  SER A OG  1 
ATOM   539  N N   . GLY A 1 70  ? 9.309   4.126   -11.755 1.00 10.38 ? 70  GLY A N   1 
ATOM   540  C CA  . GLY A 1 70  ? 10.093  3.042   -11.216 1.00 7.86  ? 70  GLY A CA  1 
ATOM   541  C C   . GLY A 1 70  ? 9.197   1.912   -10.762 1.00 9.95  ? 70  GLY A C   1 
ATOM   542  O O   . GLY A 1 70  ? 7.968   2.000   -10.853 1.00 11.51 ? 70  GLY A O   1 
ATOM   543  N N   . PRO A 1 71  ? 9.791   0.838   -10.250 1.00 12.66 ? 71  PRO A N   1 
ATOM   544  C CA  . PRO A 1 71  ? 8.988   -0.314  -9.823  1.00 10.56 ? 71  PRO A CA  1 
ATOM   545  C C   . PRO A 1 71  ? 8.172   0.007   -8.587  1.00 11.80 ? 71  PRO A C   1 
ATOM   546  O O   . PRO A 1 71  ? 8.460   0.934   -7.822  1.00 10.73 ? 71  PRO A O   1 
ATOM   547  C CB  . PRO A 1 71  ? 10.018  -1.417  -9.533  1.00 15.67 ? 71  PRO A CB  1 
ATOM   548  C CG  . PRO A 1 71  ? 11.348  -0.836  -9.738  1.00 13.26 ? 71  PRO A CG  1 
ATOM   549  C CD  . PRO A 1 71  ? 11.238  0.584   -10.195 1.00 11.89 ? 71  PRO A CD  1 
ATOM   550  N N   . ILE A 1 72  ? 7.136   -0.797  -8.406  1.00 9.68  ? 72  ILE A N   1 
ATOM   551  C CA  . ILE A 1 72  ? 6.207   -0.687  -7.294  1.00 10.88 ? 72  ILE A CA  1 
ATOM   552  C C   . ILE A 1 72  ? 6.130   -2.054  -6.635  1.00 9.23  ? 72  ILE A C   1 
ATOM   553  O O   . ILE A 1 72  ? 6.045   -3.073  -7.323  1.00 10.24 ? 72  ILE A O   1 
ATOM   554  C CB  . ILE A 1 72  ? 4.813   -0.228  -7.776  1.00 8.92  ? 72  ILE A CB  1 
ATOM   555  C CG1 . ILE A 1 72  ? 4.879   1.229   -8.234  1.00 9.82  ? 72  ILE A CG1 1 
ATOM   556  C CG2 . ILE A 1 72  ? 3.770   -0.376  -6.671  1.00 11.93 ? 72  ILE A CG2 1 
ATOM   557  C CD1 . ILE A 1 72  ? 3.643   1.692   -8.976  1.00 13.88 ? 72  ILE A CD1 1 
ATOM   558  N N   . CYS A 1 73  ? 6.134   -2.079  -5.309  1.00 9.48  ? 73  CYS A N   1 
ATOM   559  C CA  . CYS A 1 73  ? 5.946   -3.334  -4.578  1.00 10.40 ? 73  CYS A CA  1 
ATOM   560  C C   . CYS A 1 73  ? 4.494   -3.382  -4.133  1.00 8.13  ? 73  CYS A C   1 
ATOM   561  O O   . CYS A 1 73  ? 4.109   -2.702  -3.181  1.00 9.65  ? 73  CYS A O   1 
ATOM   562  C CB  . CYS A 1 73  ? 6.895   -3.449  -3.391  1.00 11.93 ? 73  CYS A CB  1 
ATOM   563  S SG  . CYS A 1 73  ? 6.793   -5.064  -2.570  1.00 10.55 ? 73  CYS A SG  1 
ATOM   564  N N   . ALA A 1 74  ? 3.685   -4.176  -4.836  1.00 9.24  ? 74  ALA A N   1 
ATOM   565  C CA  . ALA A 1 74  ? 2.253   -4.269  -4.584  1.00 9.77  ? 74  ALA A CA  1 
ATOM   566  C C   . ALA A 1 74  ? 1.970   -5.412  -3.618  1.00 9.48  ? 74  ALA A C   1 
ATOM   567  O O   . ALA A 1 74  ? 2.506   -6.509  -3.793  1.00 10.09 ? 74  ALA A O   1 
ATOM   568  C CB  . ALA A 1 74  ? 1.510   -4.508  -5.898  1.00 8.84  ? 74  ALA A CB  1 
ATOM   569  N N   . MET A 1 75  ? 1.108   -5.167  -2.628  1.00 9.65  ? 75  MET A N   1 
ATOM   570  C CA  . MET A 1 75  ? 0.842   -6.133  -1.567  1.00 8.66  ? 75  MET A CA  1 
ATOM   571  C C   . MET A 1 75  ? -0.630  -6.132  -1.176  1.00 8.50  ? 75  MET A C   1 
ATOM   572  O O   . MET A 1 75  ? -1.305  -5.098  -1.207  1.00 11.88 ? 75  MET A O   1 
ATOM   573  C CB  . MET A 1 75  ? 1.676   -5.825  -0.314  1.00 7.75  ? 75  MET A CB  1 
ATOM   574  C CG  . MET A 1 75  ? 3.184   -5.871  -0.551  1.00 11.43 ? 75  MET A CG  1 
ATOM   575  S SD  . MET A 1 75  ? 4.107   -5.163  0.831   1.00 9.65  ? 75  MET A SD  1 
ATOM   576  C CE  . MET A 1 75  ? 3.809   -3.414  0.591   1.00 10.13 ? 75  MET A CE  1 
ATOM   577  N N   . VAL A 1 76  ? -1.106  -7.307  -0.762  1.00 9.97  ? 76  VAL A N   1 
ATOM   578  C CA  . VAL A 1 76  ? -2.384  -7.449  -0.082  1.00 6.81  ? 76  VAL A CA  1 
ATOM   579  C C   . VAL A 1 76  ? -2.097  -8.012  1.298   1.00 8.96  ? 76  VAL A C   1 
ATOM   580  O O   . VAL A 1 76  ? -1.478  -9.086  1.412   1.00 9.96  ? 76  VAL A O   1 
ATOM   581  C CB  . VAL A 1 76  ? -3.363  -8.361  -0.833  1.00 11.50 ? 76  VAL A CB  1 
ATOM   582  C CG1 . VAL A 1 76  ? -4.692  -8.414  -0.085  1.00 13.19 ? 76  VAL A CG1 1 
ATOM   583  C CG2 . VAL A 1 76  ? -3.570  -7.877  -2.262  1.00 12.12 ? 76  VAL A CG2 1 
ATOM   584  N N   . TRP A 1 77  ? -2.559  -7.286  2.326   1.00 10.45 ? 77  TRP A N   1 
ATOM   585  C CA  . TRP A 1 77  ? -2.433  -7.671  3.728   1.00 9.32  ? 77  TRP A CA  1 
ATOM   586  C C   . TRP A 1 77  ? -3.815  -7.932  4.317   1.00 10.65 ? 77  TRP A C   1 
ATOM   587  O O   . TRP A 1 77  ? -4.787  -7.238  3.995   1.00 11.05 ? 77  TRP A O   1 
ATOM   588  C CB  . TRP A 1 77  ? -1.726  -6.580  4.550   1.00 11.59 ? 77  TRP A CB  1 
ATOM   589  C CG  . TRP A 1 77  ? -0.263  -6.429  4.226   1.00 8.76  ? 77  TRP A CG  1 
ATOM   590  C CD1 . TRP A 1 77  ? 0.294   -5.623  3.274   1.00 9.56  ? 77  TRP A CD1 1 
ATOM   591  C CD2 . TRP A 1 77  ? 0.827   -7.095  4.872   1.00 9.32  ? 77  TRP A CD2 1 
ATOM   592  N NE1 . TRP A 1 77  ? 1.665   -5.757  3.280   1.00 7.75  ? 77  TRP A NE1 1 
ATOM   593  C CE2 . TRP A 1 77  ? 2.015   -6.654  4.254   1.00 8.68  ? 77  TRP A CE2 1 
ATOM   594  C CE3 . TRP A 1 77  ? 0.915   -8.025  5.916   1.00 10.43 ? 77  TRP A CE3 1 
ATOM   595  C CZ2 . TRP A 1 77  ? 3.262   -7.106  4.642   1.00 10.28 ? 77  TRP A CZ2 1 
ATOM   596  C CZ3 . TRP A 1 77  ? 2.158   -8.474  6.288   1.00 10.13 ? 77  TRP A CZ3 1 
ATOM   597  C CH2 . TRP A 1 77  ? 3.311   -8.017  5.658   1.00 9.91  ? 77  TRP A CH2 1 
ATOM   598  N N   . GLU A 1 78  ? -3.888  -8.907  5.220   1.00 9.33  ? 78  GLU A N   1 
ATOM   599  C CA  . GLU A 1 78  ? -5.156  -9.394  5.746   1.00 10.28 ? 78  GLU A CA  1 
ATOM   600  C C   . GLU A 1 78  ? -5.115  -9.434  7.269   1.00 10.01 ? 78  GLU A C   1 
ATOM   601  O O   . GLU A 1 78  ? -4.141  -9.911  7.857   1.00 10.64 ? 78  GLU A O   1 
ATOM   602  C CB  . GLU A 1 78  ? -5.460  -10.793 5.193   1.00 12.06 ? 78  GLU A CB  1 
ATOM   603  C CG  . GLU A 1 78  ? -6.774  -11.392 5.689   1.00 13.50 ? 78  GLU A CG  1 
ATOM   604  C CD  . GLU A 1 78  ? -7.073  -12.733 5.058   1.00 16.86 ? 78  GLU A CD  1 
ATOM   605  O OE1 . GLU A 1 78  ? -7.000  -12.830 3.820   1.00 14.97 ? 78  GLU A OE1 1 
ATOM   606  O OE2 . GLU A 1 78  ? -7.370  -13.692 5.797   1.00 22.00 ? 78  GLU A OE2 1 
ATOM   607  N N   . GLY A 1 79  ? -6.183  -8.954  7.892   1.00 9.27  ? 79  GLY A N   1 
ATOM   608  C CA  . GLY A 1 79  ? -6.337  -8.995  9.334   1.00 12.60 ? 79  GLY A CA  1 
ATOM   609  C C   . GLY A 1 79  ? -7.433  -8.060  9.788   1.00 13.83 ? 79  GLY A C   1 
ATOM   610  O O   . GLY A 1 79  ? -7.989  -7.285  9.012   1.00 12.05 ? 79  GLY A O   1 
ATOM   611  N N   . ARG A 1 80  ? -7.749  -8.144  11.079  1.00 13.00 ? 80  ARG A N   1 
ATOM   612  C CA  . ARG A 1 80  ? -8.820  -7.317  11.625  1.00 13.90 ? 80  ARG A CA  1 
ATOM   613  C C   . ARG A 1 80  ? -8.489  -5.838  11.455  1.00 13.72 ? 80  ARG A C   1 
ATOM   614  O O   . ARG A 1 80  ? -7.392  -5.391  11.795  1.00 14.24 ? 80  ARG A O   1 
ATOM   615  C CB  . ARG A 1 80  ? -9.043  -7.644  13.104  1.00 16.67 ? 80  ARG A CB  1 
ATOM   616  C CG  . ARG A 1 80  ? -10.176 -6.856  13.744  1.00 22.80 ? 80  ARG A CG  1 
ATOM   617  C CD  . ARG A 1 80  ? -10.394 -7.300  15.189  1.00 26.28 ? 80  ARG A CD  1 
ATOM   618  N NE  . ARG A 1 80  ? -10.786 -8.701  15.251  1.00 28.12 ? 80  ARG A NE  1 
ATOM   619  C CZ  . ARG A 1 80  ? -10.770 -9.440  16.354  1.00 31.31 ? 80  ARG A CZ  1 
ATOM   620  N NH1 . ARG A 1 80  ? -10.379 -8.915  17.505  1.00 39.58 ? 80  ARG A NH1 1 
ATOM   621  N NH2 . ARG A 1 80  ? -11.142 -10.710 16.301  1.00 31.08 ? 80  ARG A NH2 1 
ATOM   622  N N   . ASP A 1 81  ? -9.449  -5.080  10.925  1.00 11.92 ? 81  ASP A N   1 
ATOM   623  C CA  . ASP A 1 81  ? -9.321  -3.624  10.769  1.00 12.61 ? 81  ASP A CA  1 
ATOM   624  C C   . ASP A 1 81  ? -8.073  -3.239  9.982   1.00 12.34 ? 81  ASP A C   1 
ATOM   625  O O   . ASP A 1 81  ? -7.531  -2.143  10.157  1.00 13.40 ? 81  ASP A O   1 
ATOM   626  C CB  . ASP A 1 81  ? -9.313  -2.916  12.128  1.00 13.13 ? 81  ASP A CB  1 
ATOM   627  C CG  . ASP A 1 81  ? -9.594  -1.429  12.014  1.00 22.16 ? 81  ASP A CG  1 
ATOM   628  O OD1 . ASP A 1 81  ? -10.635 -1.071  11.417  1.00 22.99 ? 81  ASP A OD1 1 
ATOM   629  O OD2 . ASP A 1 81  ? -8.781  -0.614  12.515  1.00 19.67 ? 81  ASP A OD2 1 
ATOM   630  N N   . VAL A 1 82  ? -7.621  -4.114  9.087   1.00 10.99 ? 82  VAL A N   1 
ATOM   631  C CA  . VAL A 1 82  ? -6.349  -3.861  8.417   1.00 10.70 ? 82  VAL A CA  1 
ATOM   632  C C   . VAL A 1 82  ? -6.428  -2.636  7.500   1.00 12.36 ? 82  VAL A C   1 
ATOM   633  O O   . VAL A 1 82  ? -5.416  -1.970  7.274   1.00 11.22 ? 82  VAL A O   1 
ATOM   634  C CB  . VAL A 1 82  ? -5.875  -5.124  7.674   1.00 12.74 ? 82  VAL A CB  1 
ATOM   635  C CG1 . VAL A 1 82  ? -6.765  -5.445  6.489   1.00 9.41  ? 82  VAL A CG1 1 
ATOM   636  C CG2 . VAL A 1 82  ? -4.407  -4.971  7.261   1.00 10.37 ? 82  VAL A CG2 1 
ATOM   637  N N   . VAL A 1 83  ? -7.602  -2.274  6.985   1.00 10.16 ? 83  VAL A N   1 
ATOM   638  C CA  . VAL A 1 83  ? -7.662  -1.065  6.160   1.00 11.86 ? 83  VAL A CA  1 
ATOM   639  C C   . VAL A 1 83  ? -7.320  0.165   7.002   1.00 12.33 ? 83  VAL A C   1 
ATOM   640  O O   . VAL A 1 83  ? -6.382  0.915   6.702   1.00 11.68 ? 83  VAL A O   1 
ATOM   641  C CB  . VAL A 1 83  ? -9.042  -0.921  5.492   1.00 12.74 ? 83  VAL A CB  1 
ATOM   642  C CG1 . VAL A 1 83  ? -9.158  0.432   4.806   1.00 13.45 ? 83  VAL A CG1 1 
ATOM   643  C CG2 . VAL A 1 83  ? -9.267  -2.036  4.465   1.00 9.96  ? 83  VAL A CG2 1 
ATOM   644  N N   . LYS A 1 84  ? -8.083  0.390   8.074   1.00 12.27 ? 84  LYS A N   1 
ATOM   645  C CA  . LYS A 1 84  ? -7.890  1.597   8.875   1.00 12.04 ? 84  LYS A CA  1 
ATOM   646  C C   . LYS A 1 84  ? -6.584  1.552   9.655   1.00 13.04 ? 84  LYS A C   1 
ATOM   647  O O   . LYS A 1 84  ? -5.854  2.551   9.719   1.00 13.73 ? 84  LYS A O   1 
ATOM   648  C CB  . LYS A 1 84  ? -9.073  1.790   9.824   1.00 17.55 ? 84  LYS A CB  1 
ATOM   649  C CG  . LYS A 1 84  ? -10.412 2.025   9.113   1.00 31.87 ? 84  LYS A CG  1 
ATOM   650  C CD  . LYS A 1 84  ? -10.408 3.240   8.193   1.00 36.37 ? 84  LYS A CD  1 
ATOM   651  C CE  . LYS A 1 84  ? -11.775 3.404   7.539   1.00 44.12 ? 84  LYS A CE  1 
ATOM   652  N NZ  . LYS A 1 84  ? -11.859 4.584   6.632   1.00 59.29 ? 84  LYS A NZ  1 
ATOM   653  N N   . THR A 1 85  ? -6.272  0.412   10.262  1.00 12.04 ? 85  THR A N   1 
ATOM   654  C CA  . THR A 1 85  ? -5.012  0.301   10.980  1.00 14.80 ? 85  THR A CA  1 
ATOM   655  C C   . THR A 1 85  ? -3.831  0.373   10.019  1.00 15.09 ? 85  THR A C   1 
ATOM   656  O O   . THR A 1 85  ? -2.774  0.910   10.369  1.00 11.79 ? 85  THR A O   1 
ATOM   657  C CB  . THR A 1 85  ? -5.002  -0.989  11.803  1.00 15.01 ? 85  THR A CB  1 
ATOM   658  O OG1 . THR A 1 85  ? -6.026  -0.902  12.811  1.00 14.37 ? 85  THR A OG1 1 
ATOM   659  C CG2 . THR A 1 85  ? -3.657  -1.191  12.484  1.00 10.71 ? 85  THR A CG2 1 
ATOM   660  N N   . GLY A 1 86  ? -3.994  -0.126  8.797   1.00 11.14 ? 86  GLY A N   1 
ATOM   661  C CA  . GLY A 1 86  ? -2.945  0.035   7.806   1.00 15.96 ? 86  GLY A CA  1 
ATOM   662  C C   . GLY A 1 86  ? -2.700  1.493   7.490   1.00 10.37 ? 86  GLY A C   1 
ATOM   663  O O   . GLY A 1 86  ? -1.550  1.932   7.375   1.00 12.42 ? 86  GLY A O   1 
ATOM   664  N N   . ARG A 1 87  ? -3.777  2.272   7.362   1.00 9.88  ? 87  ARG A N   1 
ATOM   665  C CA  . ARG A 1 87  ? -3.607  3.707   7.138   1.00 12.55 ? 87  ARG A CA  1 
ATOM   666  C C   . ARG A 1 87  ? -2.906  4.358   8.321   1.00 16.36 ? 87  ARG A C   1 
ATOM   667  O O   . ARG A 1 87  ? -2.086  5.269   8.148   1.00 12.75 ? 87  ARG A O   1 
ATOM   668  C CB  . ARG A 1 87  ? -4.961  4.366   6.896   1.00 13.71 ? 87  ARG A CB  1 
ATOM   669  C CG  . ARG A 1 87  ? -5.669  3.871   5.650   1.00 21.66 ? 87  ARG A CG  1 
ATOM   670  C CD  . ARG A 1 87  ? -5.223  4.619   4.400   1.00 24.14 ? 87  ARG A CD  1 
ATOM   671  N NE  . ARG A 1 87  ? -5.704  6.000   4.362   1.00 26.91 ? 87  ARG A NE  1 
ATOM   672  C CZ  . ARG A 1 87  ? -5.699  6.760   3.270   1.00 32.29 ? 87  ARG A CZ  1 
ATOM   673  N NH1 . ARG A 1 87  ? -5.256  6.277   2.117   1.00 24.93 ? 87  ARG A NH1 1 
ATOM   674  N NH2 . ARG A 1 87  ? -6.141  8.005   3.329   1.00 25.04 ? 87  ARG A NH2 1 
ATOM   675  N N   . THR A 1 88  ? -3.236  3.913   9.533   1.00 12.72 ? 88  THR A N   1 
ATOM   676  C CA  . THR A 1 88  ? -2.576  4.430   10.734  1.00 10.13 ? 88  THR A CA  1 
ATOM   677  C C   . THR A 1 88  ? -1.084  4.098   10.749  1.00 13.08 ? 88  THR A C   1 
ATOM   678  O O   . THR A 1 88  ? -0.263  4.931   11.144  1.00 13.54 ? 88  THR A O   1 
ATOM   679  C CB  . THR A 1 88  ? -3.275  3.879   11.976  1.00 17.83 ? 88  THR A CB  1 
ATOM   680  O OG1 . THR A 1 88  ? -4.607  4.407   12.033  1.00 17.09 ? 88  THR A OG1 1 
ATOM   681  C CG2 . THR A 1 88  ? -2.530  4.244   13.262  1.00 14.97 ? 88  THR A CG2 1 
ATOM   682  N N   . ILE A 1 89  ? -0.722  2.884   10.331  1.00 9.48  ? 89  ILE A N   1 
ATOM   683  C CA  . ILE A 1 89  ? 0.688   2.488   10.240  1.00 11.49 ? 89  ILE A CA  1 
ATOM   684  C C   . ILE A 1 89  ? 1.413   3.325   9.189   1.00 11.89 ? 89  ILE A C   1 
ATOM   685  O O   . ILE A 1 89  ? 2.574   3.719   9.373   1.00 10.85 ? 89  ILE A O   1 
ATOM   686  C CB  . ILE A 1 89  ? 0.786   0.981   9.938   1.00 10.34 ? 89  ILE A CB  1 
ATOM   687  C CG1 . ILE A 1 89  ? 0.394   0.164   11.176  1.00 11.64 ? 89  ILE A CG1 1 
ATOM   688  C CG2 . ILE A 1 89  ? 2.185   0.588   9.463   1.00 12.96 ? 89  ILE A CG2 1 
ATOM   689  C CD1 . ILE A 1 89  ? 0.170   -1.311  10.885  1.00 16.58 ? 89  ILE A CD1 1 
ATOM   690  N N   . LEU A 1 90  ? 0.755   3.593   8.063   1.00 11.84 ? 90  LEU A N   1 
ATOM   691  C CA  . LEU A 1 90  ? 1.389   4.425   7.043   1.00 9.43  ? 90  LEU A CA  1 
ATOM   692  C C   . LEU A 1 90  ? 1.581   5.851   7.531   1.00 12.98 ? 90  LEU A C   1 
ATOM   693  O O   . LEU A 1 90  ? 2.555   6.509   7.143   1.00 12.98 ? 90  LEU A O   1 
ATOM   694  C CB  . LEU A 1 90  ? 0.566   4.436   5.756   1.00 11.84 ? 90  LEU A CB  1 
ATOM   695  C CG  . LEU A 1 90  ? 0.295   3.092   5.058   1.00 18.49 ? 90  LEU A CG  1 
ATOM   696  C CD1 . LEU A 1 90  ? -0.378  3.288   3.698   1.00 19.39 ? 90  LEU A CD1 1 
ATOM   697  C CD2 . LEU A 1 90  ? 1.574   2.312   4.913   1.00 19.44 ? 90  LEU A CD2 1 
ATOM   698  N N   . GLY A 1 91  ? 0.678   6.333   8.372   1.00 12.41 ? 91  GLY A N   1 
ATOM   699  C CA  . GLY A 1 91  ? 0.680   7.709   8.819   1.00 12.24 ? 91  GLY A CA  1 
ATOM   700  C C   . GLY A 1 91  ? -0.096  8.600   7.877   1.00 15.95 ? 91  GLY A C   1 
ATOM   701  O O   . GLY A 1 91  ? -0.568  8.192   6.807   1.00 15.84 ? 91  GLY A O   1 
ATOM   702  N N   . ALA A 1 92  ? -0.211  9.864   8.277   1.00 14.68 ? 92  ALA A N   1 
ATOM   703  C CA  . ALA A 1 92  ? -0.968  10.833  7.493   1.00 13.61 ? 92  ALA A CA  1 
ATOM   704  C C   . ALA A 1 92  ? -0.464  10.880  6.053   1.00 16.10 ? 92  ALA A C   1 
ATOM   705  O O   . ALA A 1 92  ? 0.732   10.749  5.792   1.00 17.34 ? 92  ALA A O   1 
ATOM   706  C CB  . ALA A 1 92  ? -0.861  12.219  8.125   1.00 18.09 ? 92  ALA A CB  1 
ATOM   707  N N   . THR A 1 93  ? -1.391  11.076  5.113   1.00 14.48 ? 93  THR A N   1 
ATOM   708  C CA  . THR A 1 93  ? -1.014  11.102  3.703   1.00 16.13 ? 93  THR A CA  1 
ATOM   709  C C   . THR A 1 93  ? 0.056   12.148  3.440   1.00 13.70 ? 93  THR A C   1 
ATOM   710  O O   . THR A 1 93  ? 1.006   11.898  2.688   1.00 18.02 ? 93  THR A O   1 
ATOM   711  C CB  . THR A 1 93  ? -2.246  11.370  2.846   1.00 23.21 ? 93  THR A CB  1 
ATOM   712  O OG1 . THR A 1 93  ? -3.171  10.287  3.021   1.00 21.67 ? 93  THR A OG1 1 
ATOM   713  C CG2 . THR A 1 93  ? -1.870  11.488  1.377   1.00 23.50 ? 93  THR A CG2 1 
ATOM   714  N N   . ASN A 1 94  ? -0.084  13.320  4.040   1.00 13.29 ? 94  ASN A N   1 
ATOM   715  C CA  . ASN A 1 94  ? 0.951   14.349  4.021   1.00 14.87 ? 94  ASN A CA  1 
ATOM   716  C C   . ASN A 1 94  ? 1.953   14.056  5.131   1.00 13.84 ? 94  ASN A C   1 
ATOM   717  O O   . ASN A 1 94  ? 1.607   14.159  6.317   1.00 14.94 ? 94  ASN A O   1 
ATOM   718  C CB  . ASN A 1 94  ? 0.350   15.740  4.222   1.00 17.66 ? 94  ASN A CB  1 
ATOM   719  C CG  . ASN A 1 94  ? 1.352   16.849  3.974   1.00 20.57 ? 94  ASN A CG  1 
ATOM   720  O OD1 . ASN A 1 94  ? 2.562   16.664  4.130   1.00 16.17 ? 94  ASN A OD1 1 
ATOM   721  N ND2 . ASN A 1 94  ? 0.851   18.017  3.586   1.00 29.66 ? 94  ASN A ND2 1 
ATOM   722  N N   . PRO A 1 95  ? 3.192   13.680  4.801   1.00 12.07 ? 95  PRO A N   1 
ATOM   723  C CA  . PRO A 1 95  ? 4.142   13.345  5.874   1.00 9.59  ? 95  PRO A CA  1 
ATOM   724  C C   . PRO A 1 95  ? 4.353   14.474  6.871   1.00 14.10 ? 95  PRO A C   1 
ATOM   725  O O   . PRO A 1 95  ? 4.700   14.206  8.029   1.00 15.92 ? 95  PRO A O   1 
ATOM   726  C CB  . PRO A 1 95  ? 5.428   13.000  5.106   1.00 14.06 ? 95  PRO A CB  1 
ATOM   727  C CG  . PRO A 1 95  ? 4.959   12.598  3.737   1.00 13.37 ? 95  PRO A CG  1 
ATOM   728  C CD  . PRO A 1 95  ? 3.783   13.501  3.464   1.00 14.66 ? 95  PRO A CD  1 
ATOM   729  N N   . LEU A 1 96  ? 4.143   15.731  6.469   1.00 14.40 ? 96  LEU A N   1 
ATOM   730  C CA  . LEU A 1 96  ? 4.299   16.836  7.414   1.00 17.49 ? 96  LEU A CA  1 
ATOM   731  C C   . LEU A 1 96  ? 3.301   16.735  8.560   1.00 17.14 ? 96  LEU A C   1 
ATOM   732  O O   . LEU A 1 96  ? 3.563   17.240  9.658   1.00 16.30 ? 96  LEU A O   1 
ATOM   733  C CB  . LEU A 1 96  ? 4.137   18.177  6.699   1.00 20.38 ? 96  LEU A CB  1 
ATOM   734  C CG  . LEU A 1 96  ? 5.042   18.452  5.493   1.00 40.68 ? 96  LEU A CG  1 
ATOM   735  C CD1 . LEU A 1 96  ? 4.516   19.642  4.682   1.00 40.56 ? 96  LEU A CD1 1 
ATOM   736  C CD2 . LEU A 1 96  ? 6.474   18.701  5.923   1.00 36.02 ? 96  LEU A CD2 1 
ATOM   737  N N   . ALA A 1 97  ? 2.162   16.084  8.332   1.00 13.14 ? 97  ALA A N   1 
ATOM   738  C CA  . ALA A 1 97  ? 1.152   15.891  9.364   1.00 12.68 ? 97  ALA A CA  1 
ATOM   739  C C   . ALA A 1 97  ? 1.246   14.530  10.037  1.00 16.79 ? 97  ALA A C   1 
ATOM   740  O O   . ALA A 1 97  ? 0.400   14.212  10.882  1.00 13.73 ? 97  ALA A O   1 
ATOM   741  C CB  . ALA A 1 97  ? -0.246  16.069  8.767   1.00 13.67 ? 97  ALA A CB  1 
ATOM   742  N N   . SER A 1 98  ? 2.252   13.727  9.700   1.00 13.58 ? 98  SER A N   1 
ATOM   743  C CA  . SER A 1 98  ? 2.349   12.368  10.210  1.00 12.21 ? 98  SER A CA  1 
ATOM   744  C C   . SER A 1 98  ? 3.156   12.322  11.503  1.00 12.70 ? 98  SER A C   1 
ATOM   745  O O   . SER A 1 98  ? 3.928   13.230  11.826  1.00 12.42 ? 98  SER A O   1 
ATOM   746  C CB  . SER A 1 98  ? 2.977   11.449  9.166   1.00 14.03 ? 98  SER A CB  1 
ATOM   747  O OG  . SER A 1 98  ? 4.359   11.729  9.049   1.00 16.01 ? 98  SER A OG  1 
ATOM   748  N N   . ALA A 1 99  ? 2.952   11.252  12.246  1.00 11.74 ? 99  ALA A N   1 
ATOM   749  C CA  . ALA A 1 99  ? 3.604   11.054  13.532  1.00 11.30 ? 99  ALA A CA  1 
ATOM   750  C C   . ALA A 1 99  ? 4.851   10.193  13.372  1.00 9.58  ? 99  ALA A C   1 
ATOM   751  O O   . ALA A 1 99  ? 4.787   9.131   12.728  1.00 9.47  ? 99  ALA A O   1 
ATOM   752  C CB  . ALA A 1 99  ? 2.661   10.382  14.515  1.00 12.27 ? 99  ALA A CB  1 
ATOM   753  N N   . PRO A 1 100 ? 5.991   10.602  13.932  1.00 9.01  ? 100 PRO A N   1 
ATOM   754  C CA  . PRO A 1 100 ? 7.118   9.671   14.054  1.00 9.18  ? 100 PRO A CA  1 
ATOM   755  C C   . PRO A 1 100 ? 6.640   8.346   14.616  1.00 11.55 ? 100 PRO A C   1 
ATOM   756  O O   . PRO A 1 100 ? 5.773   8.305   15.486  1.00 11.76 ? 100 PRO A O   1 
ATOM   757  C CB  . PRO A 1 100 ? 8.061   10.387  15.024  1.00 10.12 ? 100 PRO A CB  1 
ATOM   758  C CG  . PRO A 1 100 ? 7.766   11.831  14.789  1.00 9.43  ? 100 PRO A CG  1 
ATOM   759  C CD  . PRO A 1 100 ? 6.288   11.897  14.569  1.00 11.43 ? 100 PRO A CD  1 
ATOM   760  N N   . GLY A 1 101 ? 7.210   7.254   14.114  1.00 9.15  ? 101 GLY A N   1 
ATOM   761  C CA  . GLY A 1 101 ? 6.728   5.922   14.431  1.00 11.98 ? 101 GLY A CA  1 
ATOM   762  C C   . GLY A 1 101 ? 5.858   5.313   13.353  1.00 10.98 ? 101 GLY A C   1 
ATOM   763  O O   . GLY A 1 101 ? 5.671   4.088   13.335  1.00 10.64 ? 101 GLY A O   1 
ATOM   764  N N   . THR A 1 102 ? 5.324   6.131   12.461  1.00 9.40  ? 102 THR A N   1 
ATOM   765  C CA  . THR A 1 102 ? 4.641   5.637   11.277  1.00 12.24 ? 102 THR A CA  1 
ATOM   766  C C   . THR A 1 102 ? 5.624   5.585   10.113  1.00 10.41 ? 102 THR A C   1 
ATOM   767  O O   . THR A 1 102 ? 6.749   6.090   10.188  1.00 11.61 ? 102 THR A O   1 
ATOM   768  C CB  . THR A 1 102 ? 3.449   6.523   10.925  1.00 11.39 ? 102 THR A CB  1 
ATOM   769  O OG1 . THR A 1 102 ? 3.926   7.818   10.546  1.00 10.64 ? 102 THR A OG1 1 
ATOM   770  C CG2 . THR A 1 102 ? 2.487   6.640   12.098  1.00 11.04 ? 102 THR A CG2 1 
ATOM   771  N N   . ILE A 1 103 ? 5.190   4.979   9.010   1.00 11.32 ? 103 ILE A N   1 
ATOM   772  C CA  . ILE A 1 103 ? 6.074   4.858   7.857   1.00 11.45 ? 103 ILE A CA  1 
ATOM   773  C C   . ILE A 1 103 ? 6.425   6.239   7.316   1.00 11.74 ? 103 ILE A C   1 
ATOM   774  O O   . ILE A 1 103 ? 7.600   6.567   7.109   1.00 10.26 ? 103 ILE A O   1 
ATOM   775  C CB  . ILE A 1 103 ? 5.437   3.956   6.786   1.00 10.05 ? 103 ILE A CB  1 
ATOM   776  C CG1 . ILE A 1 103 ? 5.485   2.507   7.274   1.00 13.60 ? 103 ILE A CG1 1 
ATOM   777  C CG2 . ILE A 1 103 ? 6.170   4.095   5.448   1.00 11.56 ? 103 ILE A CG2 1 
ATOM   778  C CD1 . ILE A 1 103 ? 4.681   1.540   6.442   1.00 14.99 ? 103 ILE A CD1 1 
ATOM   779  N N   . ARG A 1 104 ? 5.419   7.082   7.097   1.00 13.67 ? 104 ARG A N   1 
ATOM   780  C CA  . ARG A 1 104 ? 5.716   8.399   6.547   1.00 13.69 ? 104 ARG A CA  1 
ATOM   781  C C   . ARG A 1 104 ? 6.374   9.309   7.578   1.00 14.73 ? 104 ARG A C   1 
ATOM   782  O O   . ARG A 1 104 ? 7.205   10.151  7.215   1.00 11.19 ? 104 ARG A O   1 
ATOM   783  C CB  . ARG A 1 104 ? 4.443   9.022   5.991   1.00 13.82 ? 104 ARG A CB  1 
ATOM   784  C CG  . ARG A 1 104 ? 3.949   8.272   4.766   1.00 15.34 ? 104 ARG A CG  1 
ATOM   785  C CD  . ARG A 1 104 ? 2.578   8.719   4.393   1.00 19.91 ? 104 ARG A CD  1 
ATOM   786  N NE  . ARG A 1 104 ? 2.070   8.019   3.214   1.00 16.25 ? 104 ARG A NE  1 
ATOM   787  C CZ  . ARG A 1 104 ? 0.827   7.574   3.094   1.00 15.96 ? 104 ARG A CZ  1 
ATOM   788  N NH1 . ARG A 1 104 ? -0.037  7.724   4.092   1.00 17.74 ? 104 ARG A NH1 1 
ATOM   789  N NH2 . ARG A 1 104 ? 0.440   6.984   1.971   1.00 15.80 ? 104 ARG A NH2 1 
ATOM   790  N N   . GLY A 1 105 ? 6.027   9.161   8.852   1.00 9.64  ? 105 GLY A N   1 
ATOM   791  C CA  . GLY A 1 105 ? 6.671   9.946   9.885   1.00 11.14 ? 105 GLY A CA  1 
ATOM   792  C C   . GLY A 1 105 ? 8.105   9.543   10.160  1.00 15.01 ? 105 GLY A C   1 
ATOM   793  O O   . GLY A 1 105 ? 8.844   10.308  10.791  1.00 12.90 ? 105 GLY A O   1 
ATOM   794  N N   . ASP A 1 106 ? 8.509   8.364   9.705   1.00 9.44  ? 106 ASP A N   1 
ATOM   795  C CA  . ASP A 1 106 ? 9.887   7.916   9.821   1.00 11.82 ? 106 ASP A CA  1 
ATOM   796  C C   . ASP A 1 106 ? 10.693  8.145   8.553   1.00 12.50 ? 106 ASP A C   1 
ATOM   797  O O   . ASP A 1 106 ? 11.920  8.306   8.634   1.00 11.16 ? 106 ASP A O   1 
ATOM   798  C CB  . ASP A 1 106 ? 9.935   6.421   10.162  1.00 10.05 ? 106 ASP A CB  1 
ATOM   799  C CG  . ASP A 1 106 ? 9.488   6.119   11.589  1.00 10.73 ? 106 ASP A CG  1 
ATOM   800  O OD1 . ASP A 1 106 ? 9.453   7.044   12.429  1.00 8.87  ? 106 ASP A OD1 1 
ATOM   801  O OD2 . ASP A 1 106 ? 9.189   4.943   11.873  1.00 13.01 ? 106 ASP A OD2 1 
ATOM   802  N N   . PHE A 1 107 ? 10.041  8.159   7.386   1.00 12.87 ? 107 PHE A N   1 
ATOM   803  C CA  . PHE A 1 107 ? 10.752  8.029   6.125   1.00 10.50 ? 107 PHE A CA  1 
ATOM   804  C C   . PHE A 1 107 ? 10.445  9.080   5.062   1.00 8.71  ? 107 PHE A C   1 
ATOM   805  O O   . PHE A 1 107 ? 11.135  9.084   4.041   1.00 11.27 ? 107 PHE A O   1 
ATOM   806  C CB  . PHE A 1 107 ? 10.475  6.644   5.519   1.00 10.29 ? 107 PHE A CB  1 
ATOM   807  C CG  . PHE A 1 107 ? 10.998  5.504   6.355   1.00 9.28  ? 107 PHE A CG  1 
ATOM   808  C CD1 . PHE A 1 107 ? 12.323  5.482   6.766   1.00 12.54 ? 107 PHE A CD1 1 
ATOM   809  C CD2 . PHE A 1 107 ? 10.166  4.468   6.744   1.00 12.12 ? 107 PHE A CD2 1 
ATOM   810  C CE1 . PHE A 1 107 ? 12.801  4.444   7.530   1.00 16.57 ? 107 PHE A CE1 1 
ATOM   811  C CE2 . PHE A 1 107 ? 10.643  3.431   7.515   1.00 11.20 ? 107 PHE A CE2 1 
ATOM   812  C CZ  . PHE A 1 107 ? 11.956  3.413   7.908   1.00 14.53 ? 107 PHE A CZ  1 
ATOM   813  N N   . ALA A 1 108 ? 9.458   9.961   5.244   1.00 10.07 ? 108 ALA A N   1 
ATOM   814  C CA  . ALA A 1 108 ? 9.015   10.806  4.136   1.00 12.76 ? 108 ALA A CA  1 
ATOM   815  C C   . ALA A 1 108 ? 8.794   12.254  4.563   1.00 13.45 ? 108 ALA A C   1 
ATOM   816  O O   . ALA A 1 108 ? 8.600   12.565  5.743   1.00 11.15 ? 108 ALA A O   1 
ATOM   817  C CB  . ALA A 1 108 ? 7.720   10.271  3.514   1.00 9.71  ? 108 ALA A CB  1 
ATOM   818  N N   . ILE A 1 109 ? 8.792   13.143  3.564   1.00 11.30 ? 109 ILE A N   1 
ATOM   819  C CA  . ILE A 1 109 ? 8.682   14.579  3.811   1.00 13.01 ? 109 ILE A CA  1 
ATOM   820  C C   . ILE A 1 109 ? 7.589   15.197  2.947   1.00 11.59 ? 109 ILE A C   1 
ATOM   821  O O   . ILE A 1 109 ? 6.779   15.989  3.438   1.00 12.41 ? 109 ILE A O   1 
ATOM   822  C CB  . ILE A 1 109 ? 10.026  15.285  3.557   1.00 13.10 ? 109 ILE A CB  1 
ATOM   823  C CG1 . ILE A 1 109 ? 11.063  14.814  4.577   1.00 12.07 ? 109 ILE A CG1 1 
ATOM   824  C CG2 . ILE A 1 109 ? 9.863   16.802  3.613   1.00 13.23 ? 109 ILE A CG2 1 
ATOM   825  C CD1 . ILE A 1 109 ? 12.472  15.292  4.284   1.00 11.98 ? 109 ILE A CD1 1 
ATOM   826  N N   . ASP A 1 110 ? 7.572   14.844  1.661   1.00 12.22 ? 110 ASP A N   1 
ATOM   827  C CA  . ASP A 1 110 ? 6.753   15.490  0.644   1.00 11.57 ? 110 ASP A CA  1 
ATOM   828  C C   . ASP A 1 110 ? 5.521   14.640  0.358   1.00 12.03 ? 110 ASP A C   1 
ATOM   829  O O   . ASP A 1 110 ? 5.637   13.431  0.141   1.00 11.70 ? 110 ASP A O   1 
ATOM   830  C CB  . ASP A 1 110 ? 7.590   15.675  -0.629  1.00 13.02 ? 110 ASP A CB  1 
ATOM   831  C CG  . ASP A 1 110 ? 6.973   16.618  -1.638  1.00 20.26 ? 110 ASP A CG  1 
ATOM   832  O OD1 . ASP A 1 110 ? 5.734   16.769  -1.676  1.00 21.10 ? 110 ASP A OD1 1 
ATOM   833  O OD2 . ASP A 1 110 ? 7.766   17.219  -2.404  1.00 22.76 ? 110 ASP A OD2 1 
ATOM   834  N N   . VAL A 1 111 ? 4.342   15.270  0.362   1.00 15.52 ? 111 VAL A N   1 
ATOM   835  C CA  . VAL A 1 111 ? 3.107   14.541  0.069   1.00 14.14 ? 111 VAL A CA  1 
ATOM   836  C C   . VAL A 1 111 ? 3.159   13.894  -1.314  1.00 15.53 ? 111 VAL A C   1 
ATOM   837  O O   . VAL A 1 111 ? 2.548   12.841  -1.542  1.00 17.51 ? 111 VAL A O   1 
ATOM   838  C CB  . VAL A 1 111 ? 1.890   15.484  0.211   1.00 17.56 ? 111 VAL A CB  1 
ATOM   839  C CG1 . VAL A 1 111 ? 1.898   16.558  -0.875  1.00 17.79 ? 111 VAL A CG1 1 
ATOM   840  C CG2 . VAL A 1 111 ? 0.592   14.694  0.189   1.00 20.73 ? 111 VAL A CG2 1 
ATOM   841  N N   . GLY A 1 112 ? 3.884   14.490  -2.246  1.00 13.75 ? 112 GLY A N   1 
ATOM   842  C CA  . GLY A 1 112 ? 4.042   13.920  -3.574  1.00 14.66 ? 112 GLY A CA  1 
ATOM   843  C C   . GLY A 1 112 ? 5.095   12.846  -3.683  1.00 16.22 ? 112 GLY A C   1 
ATOM   844  O O   . GLY A 1 112 ? 5.271   12.241  -4.747  1.00 17.66 ? 112 GLY A O   1 
ATOM   845  N N   . ARG A 1 113 ? 5.826   12.610  -2.596  1.00 11.48 ? 113 ARG A N   1 
ATOM   846  C CA  . ARG A 1 113 ? 6.806   11.535  -2.503  1.00 11.56 ? 113 ARG A CA  1 
ATOM   847  C C   . ARG A 1 113 ? 6.626   10.876  -1.134  1.00 10.91 ? 113 ARG A C   1 
ATOM   848  O O   . ARG A 1 113 ? 7.494   10.933  -0.264  1.00 12.27 ? 113 ARG A O   1 
ATOM   849  C CB  . ARG A 1 113 ? 8.231   12.056  -2.678  1.00 13.90 ? 113 ARG A CB  1 
ATOM   850  C CG  . ARG A 1 113 ? 8.531   12.704  -4.031  1.00 12.63 ? 113 ARG A CG  1 
ATOM   851  C CD  . ARG A 1 113 ? 8.659   11.683  -5.151  1.00 15.46 ? 113 ARG A CD  1 
ATOM   852  N NE  . ARG A 1 113 ? 9.044   12.303  -6.417  1.00 19.39 ? 113 ARG A NE  1 
ATOM   853  C CZ  . ARG A 1 113 ? 8.189   12.821  -7.294  1.00 21.87 ? 113 ARG A CZ  1 
ATOM   854  N NH1 . ARG A 1 113 ? 6.887   12.799  -7.060  1.00 21.09 ? 113 ARG A NH1 1 
ATOM   855  N NH2 . ARG A 1 113 ? 8.642   13.362  -8.416  1.00 31.79 ? 113 ARG A NH2 1 
ATOM   856  N N   . ASN A 1 114 ? 5.451   10.281  -0.900  1.00 11.65 ? 114 ASN A N   1 
ATOM   857  C CA  . ASN A 1 114 ? 5.118   9.779   0.431   1.00 10.54 ? 114 ASN A CA  1 
ATOM   858  C C   . ASN A 1 114 ? 5.256   8.261   0.538   1.00 10.56 ? 114 ASN A C   1 
ATOM   859  O O   . ASN A 1 114 ? 4.641   7.644   1.421   1.00 12.23 ? 114 ASN A O   1 
ATOM   860  C CB  . ASN A 1 114 ? 3.724   10.246  0.850   1.00 12.01 ? 114 ASN A CB  1 
ATOM   861  C CG  . ASN A 1 114 ? 2.616   9.678   -0.006  1.00 13.06 ? 114 ASN A CG  1 
ATOM   862  O OD1 . ASN A 1 114 ? 2.860   8.967   -0.974  1.00 14.85 ? 114 ASN A OD1 1 
ATOM   863  N ND2 . ASN A 1 114 ? 1.379   9.992   0.357   1.00 15.45 ? 114 ASN A ND2 1 
ATOM   864  N N   . VAL A 1 115 ? 6.052   7.664   -0.352  1.00 13.19 ? 115 VAL A N   1 
ATOM   865  C CA  . VAL A 1 115 ? 6.693   6.367   -0.166  1.00 8.96  ? 115 VAL A CA  1 
ATOM   866  C C   . VAL A 1 115 ? 5.741   5.191   -0.354  1.00 10.31 ? 115 VAL A C   1 
ATOM   867  O O   . VAL A 1 115 ? 6.161   4.132   -0.829  1.00 9.61  ? 115 VAL A O   1 
ATOM   868  C CB  . VAL A 1 115 ? 7.385   6.324   1.208   1.00 13.69 ? 115 VAL A CB  1 
ATOM   869  C CG1 . VAL A 1 115 ? 7.755   4.919   1.612   1.00 19.28 ? 115 VAL A CG1 1 
ATOM   870  C CG2 . VAL A 1 115 ? 8.634   7.201   1.153   1.00 13.32 ? 115 VAL A CG2 1 
ATOM   871  N N   . CYS A 1 116 ? 4.467   5.356   -0.006  1.00 9.25  ? 116 CYS A N   1 
ATOM   872  C CA  . CYS A 1 116 ? 3.561   4.219   0.017   1.00 11.60 ? 116 CYS A CA  1 
ATOM   873  C C   . CYS A 1 116 ? 2.120   4.671   -0.183  1.00 15.08 ? 116 CYS A C   1 
ATOM   874  O O   . CYS A 1 116 ? 1.776   5.845   -0.012  1.00 18.70 ? 116 CYS A O   1 
ATOM   875  C CB  . CYS A 1 116 ? 3.694   3.461   1.341   1.00 16.27 ? 116 CYS A CB  1 
ATOM   876  S SG  . CYS A 1 116 ? 3.318   4.531   2.726   1.00 32.34 ? 116 CYS A SG  1 
ATOM   877  N N   . HIS A 1 117 ? 1.287   3.709   -0.565  1.00 11.07 ? 117 HIS A N   1 
ATOM   878  C CA  . HIS A 1 117 ? -0.150  3.864   -0.707  1.00 15.43 ? 117 HIS A CA  1 
ATOM   879  C C   . HIS A 1 117 ? -0.852  2.827   0.154   1.00 12.12 ? 117 HIS A C   1 
ATOM   880  O O   . HIS A 1 117 ? -0.395  1.687   0.251   1.00 12.40 ? 117 HIS A O   1 
ATOM   881  C CB  . HIS A 1 117 ? -0.594  3.667   -2.156  1.00 11.97 ? 117 HIS A CB  1 
ATOM   882  C CG  . HIS A 1 117 ? -2.064  3.428   -2.297  1.00 10.68 ? 117 HIS A CG  1 
ATOM   883  N ND1 . HIS A 1 117 ? -2.961  4.442   -2.548  1.00 14.44 ? 117 HIS A ND1 1 
ATOM   884  C CD2 . HIS A 1 117 ? -2.793  2.291   -2.209  1.00 15.93 ? 117 HIS A CD2 1 
ATOM   885  C CE1 . HIS A 1 117 ? -4.182  3.938   -2.603  1.00 16.71 ? 117 HIS A CE1 1 
ATOM   886  N NE2 . HIS A 1 117 ? -4.105  2.635   -2.398  1.00 16.84 ? 117 HIS A NE2 1 
ATOM   887  N N   . GLY A 1 118 ? -1.975  3.214   0.751   1.00 10.98 ? 118 GLY A N   1 
ATOM   888  C CA  . GLY A 1 118 ? -2.849  2.249   1.387   1.00 12.09 ? 118 GLY A CA  1 
ATOM   889  C C   . GLY A 1 118 ? -4.292  2.558   1.057   1.00 12.62 ? 118 GLY A C   1 
ATOM   890  O O   . GLY A 1 118 ? -4.667  3.730   0.982   1.00 15.48 ? 118 GLY A O   1 
ATOM   891  N N   . SER A 1 119 ? -5.107  1.529   0.826   1.00 11.46 ? 119 SER A N   1 
ATOM   892  C CA  . SER A 1 119 ? -6.526  1.743   0.562   1.00 12.28 ? 119 SER A CA  1 
ATOM   893  C C   . SER A 1 119 ? -7.138  2.599   1.661   1.00 14.91 ? 119 SER A C   1 
ATOM   894  O O   . SER A 1 119 ? -6.789  2.462   2.836   1.00 16.12 ? 119 SER A O   1 
ATOM   895  C CB  . SER A 1 119 ? -7.260  0.403   0.479   1.00 10.93 ? 119 SER A CB  1 
ATOM   896  O OG  . SER A 1 119 ? -6.599  -0.483  -0.402  1.00 10.61 ? 119 SER A OG  1 
ATOM   897  N N   . ASP A 1 120 ? -8.062  3.480   1.283   1.00 17.11 ? 120 ASP A N   1 
ATOM   898  C CA  . ASP A 1 120 ? -8.681  4.363   2.261   1.00 14.72 ? 120 ASP A CA  1 
ATOM   899  C C   . ASP A 1 120 ? -10.013 3.843   2.779   1.00 18.24 ? 120 ASP A C   1 
ATOM   900  O O   . ASP A 1 120 ? -10.580 4.453   3.688   1.00 21.66 ? 120 ASP A O   1 
ATOM   901  C CB  . ASP A 1 120 ? -8.863  5.784   1.687   1.00 17.66 ? 120 ASP A CB  1 
ATOM   902  C CG  . ASP A 1 120 ? -9.766  5.832   0.458   1.00 23.22 ? 120 ASP A CG  1 
ATOM   903  O OD1 . ASP A 1 120 ? -10.399 4.819   0.099   1.00 26.94 ? 120 ASP A OD1 1 
ATOM   904  O OD2 . ASP A 1 120 ? -9.839  6.912   -0.167  1.00 31.88 ? 120 ASP A OD2 1 
ATOM   905  N N   . SER A 1 121 ? -10.507 2.725   2.259   1.00 14.71 ? 121 SER A N   1 
ATOM   906  C CA  . SER A 1 121 ? -11.765 2.157   2.731   1.00 17.81 ? 121 SER A CA  1 
ATOM   907  C C   . SER A 1 121 ? -11.840 0.699   2.315   1.00 16.09 ? 121 SER A C   1 
ATOM   908  O O   . SER A 1 121 ? -11.124 0.253   1.418   1.00 16.14 ? 121 SER A O   1 
ATOM   909  C CB  . SER A 1 121 ? -12.972 2.914   2.171   1.00 15.91 ? 121 SER A CB  1 
ATOM   910  O OG  . SER A 1 121 ? -13.125 2.634   0.793   1.00 15.61 ? 121 SER A OG  1 
ATOM   911  N N   . VAL A 1 122 ? -12.742 -0.036  2.970   1.00 14.45 ? 122 VAL A N   1 
ATOM   912  C CA  . VAL A 1 122 ? -12.921 -1.452  2.654   1.00 13.93 ? 122 VAL A CA  1 
ATOM   913  C C   . VAL A 1 122 ? -13.320 -1.628  1.189   1.00 15.64 ? 122 VAL A C   1 
ATOM   914  O O   . VAL A 1 122 ? -12.767 -2.473  0.469   1.00 15.29 ? 122 VAL A O   1 
ATOM   915  C CB  . VAL A 1 122 ? -13.948 -2.076  3.618   1.00 16.03 ? 122 VAL A CB  1 
ATOM   916  C CG1 . VAL A 1 122 ? -14.517 -3.384  3.080   1.00 15.73 ? 122 VAL A CG1 1 
ATOM   917  C CG2 . VAL A 1 122 ? -13.312 -2.298  4.996   1.00 16.06 ? 122 VAL A CG2 1 
ATOM   918  N N   . GLU A 1 123 ? -14.287 -0.825  0.719   1.00 12.93 ? 123 GLU A N   1 
ATOM   919  C CA  . GLU A 1 123 ? -14.742 -0.971  -0.664  1.00 15.54 ? 123 GLU A CA  1 
ATOM   920  C C   . GLU A 1 123 ? -13.654 -0.569  -1.660  1.00 10.95 ? 123 GLU A C   1 
ATOM   921  O O   . GLU A 1 123 ? -13.459 -1.235  -2.692  1.00 16.57 ? 123 GLU A O   1 
ATOM   922  C CB  . GLU A 1 123 ? -16.012 -0.149  -0.881  1.00 17.34 ? 123 GLU A CB  1 
ATOM   923  C CG  . GLU A 1 123 ? -17.206 -0.703  -0.126  1.00 19.08 ? 123 GLU A CG  1 
ATOM   924  C CD  . GLU A 1 123 ? -17.526 -2.133  -0.516  1.00 22.33 ? 123 GLU A CD  1 
ATOM   925  O OE1 . GLU A 1 123 ? -17.594 -2.412  -1.735  1.00 23.39 ? 123 GLU A OE1 1 
ATOM   926  O OE2 . GLU A 1 123 ? -17.680 -2.983  0.387   1.00 25.43 ? 123 GLU A OE2 1 
ATOM   927  N N   . ASN A 1 124 ? -12.916 0.496   -1.364  1.00 14.89 ? 124 ASN A N   1 
ATOM   928  C CA  . ASN A 1 124 ? -11.835 0.864   -2.267  1.00 13.54 ? 124 ASN A CA  1 
ATOM   929  C C   . ASN A 1 124 ? -10.727 -0.172  -2.240  1.00 13.49 ? 124 ASN A C   1 
ATOM   930  O O   . ASN A 1 124 ? -10.100 -0.428  -3.273  1.00 10.68 ? 124 ASN A O   1 
ATOM   931  C CB  . ASN A 1 124 ? -11.302 2.251   -1.928  1.00 13.65 ? 124 ASN A CB  1 
ATOM   932  C CG  . ASN A 1 124 ? -12.183 3.364   -2.491  1.00 19.34 ? 124 ASN A CG  1 
ATOM   933  O OD1 . ASN A 1 124 ? -13.011 3.127   -3.374  1.00 21.56 ? 124 ASN A OD1 1 
ATOM   934  N ND2 . ASN A 1 124 ? -12.000 4.571   -1.993  1.00 26.61 ? 124 ASN A ND2 1 
ATOM   935  N N   . ALA A 1 125 ? -10.479 -0.787  -1.081  1.00 12.48 ? 125 ALA A N   1 
ATOM   936  C CA  . ALA A 1 125 ? -9.534  -1.895  -1.028  1.00 12.30 ? 125 ALA A CA  1 
ATOM   937  C C   . ALA A 1 125 ? -9.960  -3.016  -1.965  1.00 7.83  ? 125 ALA A C   1 
ATOM   938  O O   . ALA A 1 125 ? -9.141  -3.568  -2.697  1.00 9.83  ? 125 ALA A O   1 
ATOM   939  C CB  . ALA A 1 125 ? -9.408  -2.415  0.402   1.00 14.50 ? 125 ALA A CB  1 
ATOM   940  N N   . LYS A 1 126 ? -11.242 -3.389  -1.942  1.00 13.51 ? 126 LYS A N   1 
ATOM   941  C CA  . LYS A 1 126 ? -11.688 -4.447  -2.844  1.00 13.06 ? 126 LYS A CA  1 
ATOM   942  C C   . LYS A 1 126 ? -11.433 -4.077  -4.304  1.00 14.77 ? 126 LYS A C   1 
ATOM   943  O O   . LYS A 1 126 ? -10.942 -4.907  -5.093  1.00 13.70 ? 126 LYS A O   1 
ATOM   944  C CB  . LYS A 1 126 ? -13.167 -4.741  -2.618  1.00 15.78 ? 126 LYS A CB  1 
ATOM   945  C CG  . LYS A 1 126 ? -13.446 -5.295  -1.237  1.00 18.14 ? 126 LYS A CG  1 
ATOM   946  C CD  . LYS A 1 126 ? -14.937 -5.524  -1.047  1.00 28.94 ? 126 LYS A CD  1 
ATOM   947  C CE  . LYS A 1 126 ? -15.249 -5.990  0.356   1.00 34.59 ? 126 LYS A CE  1 
ATOM   948  N NZ  . LYS A 1 126 ? -16.718 -6.094  0.546   1.00 38.86 ? 126 LYS A NZ  1 
ATOM   949  N N   . LYS A 1 127 ? -11.755 -2.830  -4.677  1.00 12.90 ? 127 LYS A N   1 
ATOM   950  C CA  . LYS A 1 127 ? -11.512 -2.404  -6.056  1.00 12.04 ? 127 LYS A CA  1 
ATOM   951  C C   . LYS A 1 127 ? -10.026 -2.437  -6.392  1.00 8.28  ? 127 LYS A C   1 
ATOM   952  O O   . LYS A 1 127 ? -9.637  -2.855  -7.490  1.00 11.55 ? 127 LYS A O   1 
ATOM   953  C CB  . LYS A 1 127 ? -12.066 -1.001  -6.300  1.00 16.59 ? 127 LYS A CB  1 
ATOM   954  C CG  . LYS A 1 127 ? -13.573 -0.885  -6.153  1.00 23.54 ? 127 LYS A CG  1 
ATOM   955  C CD  . LYS A 1 127 ? -14.040 0.510   -6.563  1.00 32.27 ? 127 LYS A CD  1 
ATOM   956  C CE  . LYS A 1 127 ? -15.313 0.922   -5.831  1.00 47.82 ? 127 LYS A CE  1 
ATOM   957  N NZ  . LYS A 1 127 ? -16.385 -0.108  -5.916  1.00 44.87 ? 127 LYS A NZ  1 
ATOM   958  N N   . GLU A 1 128 ? -9.176  -1.997  -5.463  1.00 11.36 ? 128 GLU A N   1 
ATOM   959  C CA  . GLU A 1 128 ? -7.743  -1.930  -5.752  1.00 9.86  ? 128 GLU A CA  1 
ATOM   960  C C   . GLU A 1 128 ? -7.125  -3.319  -5.837  1.00 10.19 ? 128 GLU A C   1 
ATOM   961  O O   . GLU A 1 128 ? -6.264  -3.575  -6.691  1.00 11.70 ? 128 GLU A O   1 
ATOM   962  C CB  . GLU A 1 128 ? -7.039  -1.075  -4.689  1.00 9.96  ? 128 GLU A CB  1 
ATOM   963  C CG  . GLU A 1 128 ? -7.411  0.400   -4.819  1.00 10.98 ? 128 GLU A CG  1 
ATOM   964  C CD  . GLU A 1 128 ? -6.905  1.274   -3.695  1.00 13.67 ? 128 GLU A CD  1 
ATOM   965  O OE1 . GLU A 1 128 ? -6.200  0.777   -2.798  1.00 11.93 ? 128 GLU A OE1 1 
ATOM   966  O OE2 . GLU A 1 128 ? -7.228  2.482   -3.708  1.00 14.61 ? 128 GLU A OE2 1 
ATOM   967  N N   . ILE A 1 129 ? -7.544  -4.229  -4.957  1.00 11.34 ? 129 ILE A N   1 
ATOM   968  C CA  . ILE A 1 129 ? -7.078  -5.609  -5.019  1.00 11.76 ? 129 ILE A CA  1 
ATOM   969  C C   . ILE A 1 129 ? -7.446  -6.225  -6.360  1.00 12.86 ? 129 ILE A C   1 
ATOM   970  O O   . ILE A 1 129 ? -6.628  -6.907  -6.990  1.00 11.15 ? 129 ILE A O   1 
ATOM   971  C CB  . ILE A 1 129 ? -7.656  -6.417  -3.842  1.00 11.48 ? 129 ILE A CB  1 
ATOM   972  C CG1 . ILE A 1 129 ? -7.073  -5.916  -2.521  1.00 11.06 ? 129 ILE A CG1 1 
ATOM   973  C CG2 . ILE A 1 129 ? -7.355  -7.910  -3.997  1.00 13.65 ? 129 ILE A CG2 1 
ATOM   974  C CD1 . ILE A 1 129 ? -7.807  -6.436  -1.296  1.00 11.83 ? 129 ILE A CD1 1 
ATOM   975  N N   . ALA A 1 130 ? -8.682  -6.003  -6.813  1.00 12.52 ? 130 ALA A N   1 
ATOM   976  C CA  . ALA A 1 130 ? -9.102  -6.549  -8.097  1.00 13.97 ? 130 ALA A CA  1 
ATOM   977  C C   . ALA A 1 130 ? -8.320  -5.933  -9.249  1.00 13.93 ? 130 ALA A C   1 
ATOM   978  O O   . ALA A 1 130 ? -8.062  -6.606  -10.254 1.00 15.73 ? 130 ALA A O   1 
ATOM   979  C CB  . ALA A 1 130 ? -10.597 -6.314  -8.287  1.00 13.17 ? 130 ALA A CB  1 
ATOM   980  N N   . LEU A 1 131 ? -7.946  -4.660  -9.120  1.00 9.85  ? 131 LEU A N   1 
ATOM   981  C CA  . LEU A 1 131 ? -7.222  -3.971  -10.185 1.00 11.39 ? 131 LEU A CA  1 
ATOM   982  C C   . LEU A 1 131 ? -5.786  -4.463  -10.298 1.00 12.19 ? 131 LEU A C   1 
ATOM   983  O O   . LEU A 1 131 ? -5.294  -4.698  -11.406 1.00 14.56 ? 131 LEU A O   1 
ATOM   984  C CB  . LEU A 1 131 ? -7.229  -2.467  -9.927  1.00 11.49 ? 131 LEU A CB  1 
ATOM   985  C CG  . LEU A 1 131 ? -6.484  -1.588  -10.933 1.00 13.41 ? 131 LEU A CG  1 
ATOM   986  C CD1 . LEU A 1 131 ? -7.082  -1.725  -12.318 1.00 20.40 ? 131 LEU A CD1 1 
ATOM   987  C CD2 . LEU A 1 131 ? -6.514  -0.142  -10.475 1.00 13.93 ? 131 LEU A CD2 1 
ATOM   988  N N   . TRP A 1 132 ? -5.096  -4.617  -9.169  1.00 11.31 ? 132 TRP A N   1 
ATOM   989  C CA  . TRP A 1 132 ? -3.661  -4.872  -9.193  1.00 9.37  ? 132 TRP A CA  1 
ATOM   990  C C   . TRP A 1 132 ? -3.289  -6.341  -9.222  1.00 11.98 ? 132 TRP A C   1 
ATOM   991  O O   . TRP A 1 132 ? -2.166  -6.664  -9.621  1.00 13.41 ? 132 TRP A O   1 
ATOM   992  C CB  . TRP A 1 132 ? -3.003  -4.239  -7.971  1.00 7.93  ? 132 TRP A CB  1 
ATOM   993  C CG  . TRP A 1 132 ? -2.943  -2.753  -8.027  1.00 8.77  ? 132 TRP A CG  1 
ATOM   994  C CD1 . TRP A 1 132 ? -3.966  -1.894  -7.817  1.00 11.63 ? 132 TRP A CD1 1 
ATOM   995  C CD2 . TRP A 1 132 ? -1.785  -1.949  -8.289  1.00 9.03  ? 132 TRP A CD2 1 
ATOM   996  N NE1 . TRP A 1 132 ? -3.523  -0.597  -7.928  1.00 12.34 ? 132 TRP A NE1 1 
ATOM   997  C CE2 . TRP A 1 132 ? -2.187  -0.607  -8.220  1.00 11.29 ? 132 TRP A CE2 1 
ATOM   998  C CE3 . TRP A 1 132 ? -0.448  -2.237  -8.558  1.00 10.06 ? 132 TRP A CE3 1 
ATOM   999  C CZ2 . TRP A 1 132 ? -1.298  0.452   -8.421  1.00 12.30 ? 132 TRP A CZ2 1 
ATOM   1000 C CZ3 . TRP A 1 132 ? 0.431   -1.187  -8.754  1.00 10.96 ? 132 TRP A CZ3 1 
ATOM   1001 C CH2 . TRP A 1 132 ? -0.001  0.137   -8.693  1.00 9.97  ? 132 TRP A CH2 1 
ATOM   1002 N N   . PHE A 1 133 ? -4.179  -7.236  -8.803  1.00 11.97 ? 133 PHE A N   1 
ATOM   1003 C CA  . PHE A 1 133 ? -3.856  -8.647  -8.702  1.00 10.32 ? 133 PHE A CA  1 
ATOM   1004 C C   . PHE A 1 133 ? -4.829  -9.494  -9.504  1.00 13.47 ? 133 PHE A C   1 
ATOM   1005 O O   . PHE A 1 133 ? -6.038  -9.232  -9.529  1.00 14.35 ? 133 PHE A O   1 
ATOM   1006 C CB  . PHE A 1 133 ? -3.866  -9.106  -7.239  1.00 13.69 ? 133 PHE A CB  1 
ATOM   1007 C CG  . PHE A 1 133 ? -2.685  -8.625  -6.465  1.00 9.16  ? 133 PHE A CG  1 
ATOM   1008 C CD1 . PHE A 1 133 ? -1.499  -9.336  -6.489  1.00 8.72  ? 133 PHE A CD1 1 
ATOM   1009 C CD2 . PHE A 1 133 ? -2.743  -7.451  -5.736  1.00 11.90 ? 133 PHE A CD2 1 
ATOM   1010 C CE1 . PHE A 1 133 ? -0.402  -8.892  -5.799  1.00 13.92 ? 133 PHE A CE1 1 
ATOM   1011 C CE2 . PHE A 1 133 ? -1.642  -7.004  -5.035  1.00 10.67 ? 133 PHE A CE2 1 
ATOM   1012 C CZ  . PHE A 1 133 ? -0.470  -7.725  -5.077  1.00 9.50  ? 133 PHE A CZ  1 
ATOM   1013 N N   . LYS A 1 134 ? -4.293  -10.514 -10.154 1.00 12.23 ? 134 LYS A N   1 
ATOM   1014 C CA  . LYS A 1 134 ? -5.142  -11.576 -10.645 1.00 14.83 ? 134 LYS A CA  1 
ATOM   1015 C C   . LYS A 1 134 ? -5.668  -12.368 -9.451  1.00 14.62 ? 134 LYS A C   1 
ATOM   1016 O O   . LYS A 1 134 ? -4.963  -12.532 -8.448  1.00 11.81 ? 134 LYS A O   1 
ATOM   1017 C CB  . LYS A 1 134 ? -4.371  -12.483 -11.591 1.00 17.54 ? 134 LYS A CB  1 
ATOM   1018 C CG  . LYS A 1 134 ? -3.763  -11.728 -12.764 1.00 19.27 ? 134 LYS A CG  1 
ATOM   1019 C CD  . LYS A 1 134 ? -2.957  -12.629 -13.667 1.00 35.24 ? 134 LYS A CD  1 
ATOM   1020 C CE  . LYS A 1 134 ? -2.511  -11.874 -14.917 1.00 42.33 ? 134 LYS A CE  1 
ATOM   1021 N NZ  . LYS A 1 134 ? -1.760  -10.621 -14.593 1.00 41.95 ? 134 LYS A NZ  1 
ATOM   1022 N N   . PRO A 1 135 ? -6.908  -12.856 -9.519  1.00 14.73 ? 135 PRO A N   1 
ATOM   1023 C CA  . PRO A 1 135 ? -7.490  -13.502 -8.330  1.00 12.90 ? 135 PRO A CA  1 
ATOM   1024 C C   . PRO A 1 135 ? -6.664  -14.665 -7.811  1.00 12.50 ? 135 PRO A C   1 
ATOM   1025 O O   . PRO A 1 135 ? -6.658  -14.924 -6.601  1.00 12.59 ? 135 PRO A O   1 
ATOM   1026 C CB  . PRO A 1 135 ? -8.869  -13.962 -8.821  1.00 19.61 ? 135 PRO A CB  1 
ATOM   1027 C CG  . PRO A 1 135 ? -9.174  -13.110 -9.985  1.00 21.55 ? 135 PRO A CG  1 
ATOM   1028 C CD  . PRO A 1 135 ? -7.869  -12.775 -10.631 1.00 17.31 ? 135 PRO A CD  1 
ATOM   1029 N N   . GLU A 1 136 ? -5.947  -15.360 -8.687  1.00 12.10 ? 136 GLU A N   1 
ATOM   1030 C CA  . GLU A 1 136 ? -5.153  -16.507 -8.276  1.00 16.45 ? 136 GLU A CA  1 
ATOM   1031 C C   . GLU A 1 136 ? -3.870  -16.107 -7.563  1.00 15.47 ? 136 GLU A C   1 
ATOM   1032 O O   . GLU A 1 136 ? -3.173  -16.979 -7.034  1.00 12.71 ? 136 GLU A O   1 
ATOM   1033 C CB  . GLU A 1 136 ? -4.807  -17.370 -9.492  1.00 17.73 ? 136 GLU A CB  1 
ATOM   1034 C CG  . GLU A 1 136 ? -6.016  -17.962 -10.184 1.00 25.45 ? 136 GLU A CG  1 
ATOM   1035 C CD  . GLU A 1 136 ? -6.792  -16.946 -11.001 1.00 36.10 ? 136 GLU A CD  1 
ATOM   1036 O OE1 . GLU A 1 136 ? -6.235  -15.850 -11.281 1.00 18.37 ? 136 GLU A OE1 1 
ATOM   1037 O OE2 . GLU A 1 136 ? -7.961  -17.248 -11.352 1.00 30.09 ? 136 GLU A OE2 1 
ATOM   1038 N N   . GLU A 1 137 ? -3.536  -14.821 -7.545  1.00 10.46 ? 137 GLU A N   1 
ATOM   1039 C CA  . GLU A 1 137 ? -2.320  -14.370 -6.889  1.00 12.31 ? 137 GLU A CA  1 
ATOM   1040 C C   . GLU A 1 137 ? -2.506  -14.187 -5.388  1.00 13.54 ? 137 GLU A C   1 
ATOM   1041 O O   . GLU A 1 137 ? -1.516  -14.012 -4.673  1.00 16.75 ? 137 GLU A O   1 
ATOM   1042 C CB  . GLU A 1 137 ? -1.824  -13.077 -7.551  1.00 12.23 ? 137 GLU A CB  1 
ATOM   1043 C CG  . GLU A 1 137 ? -1.196  -13.365 -8.905  1.00 12.70 ? 137 GLU A CG  1 
ATOM   1044 C CD  . GLU A 1 137 ? -0.856  -12.147 -9.746  1.00 20.09 ? 137 GLU A CD  1 
ATOM   1045 O OE1 . GLU A 1 137 ? -1.478  -11.076 -9.587  1.00 13.20 ? 137 GLU A OE1 1 
ATOM   1046 O OE2 . GLU A 1 137 ? 0.035   -12.294 -10.610 1.00 18.84 ? 137 GLU A OE2 1 
ATOM   1047 N N   . LEU A 1 138 ? -3.736  -14.251 -4.892  1.00 9.77  ? 138 LEU A N   1 
ATOM   1048 C CA  . LEU A 1 138 ? -3.966  -14.237 -3.457  1.00 12.68 ? 138 LEU A CA  1 
ATOM   1049 C C   . LEU A 1 138 ? -3.788  -15.650 -2.919  1.00 18.39 ? 138 LEU A C   1 
ATOM   1050 O O   . LEU A 1 138 ? -4.348  -16.609 -3.457  1.00 16.20 ? 138 LEU A O   1 
ATOM   1051 C CB  . LEU A 1 138 ? -5.352  -13.692 -3.127  1.00 14.87 ? 138 LEU A CB  1 
ATOM   1052 C CG  . LEU A 1 138 ? -5.372  -12.155 -3.044  1.00 21.36 ? 138 LEU A CG  1 
ATOM   1053 C CD1 . LEU A 1 138 ? -5.354  -11.520 -4.438  1.00 16.50 ? 138 LEU A CD1 1 
ATOM   1054 C CD2 . LEU A 1 138 ? -6.545  -11.659 -2.242  1.00 24.47 ? 138 LEU A CD2 1 
ATOM   1055 N N   . ILE A 1 139 ? -2.990  -15.772 -1.865  1.00 11.44 ? 139 ILE A N   1 
ATOM   1056 C CA  . ILE A 1 139 ? -2.539  -17.057 -1.343  1.00 11.52 ? 139 ILE A CA  1 
ATOM   1057 C C   . ILE A 1 139 ? -3.309  -17.356 -0.065  1.00 16.18 ? 139 ILE A C   1 
ATOM   1058 O O   . ILE A 1 139 ? -3.295  -16.555 0.876   1.00 12.67 ? 139 ILE A O   1 
ATOM   1059 C CB  . ILE A 1 139 ? -1.028  -17.049 -1.058  1.00 18.11 ? 139 ILE A CB  1 
ATOM   1060 C CG1 . ILE A 1 139 ? -0.230  -16.514 -2.254  1.00 23.01 ? 139 ILE A CG1 1 
ATOM   1061 C CG2 . ILE A 1 139 ? -0.561  -18.437 -0.640  1.00 23.83 ? 139 ILE A CG2 1 
ATOM   1062 C CD1 . ILE A 1 139 ? -0.414  -17.282 -3.531  1.00 23.78 ? 139 ILE A CD1 1 
ATOM   1063 N N   . SER A 1 140 ? -3.940  -18.521 -0.013  1.00 16.66 ? 140 SER A N   1 
ATOM   1064 C CA  . SER A 1 140 ? -4.630  -18.973 1.186   1.00 19.10 ? 140 SER A CA  1 
ATOM   1065 C C   . SER A 1 140 ? -3.648  -19.719 2.082   1.00 19.83 ? 140 SER A C   1 
ATOM   1066 O O   . SER A 1 140 ? -3.081  -20.739 1.675   1.00 17.76 ? 140 SER A O   1 
ATOM   1067 C CB  . SER A 1 140 ? -5.805  -19.877 0.812   1.00 19.60 ? 140 SER A CB  1 
ATOM   1068 O OG  . SER A 1 140 ? -6.500  -20.308 1.975   1.00 24.57 ? 140 SER A OG  1 
ATOM   1069 N N   . TRP A 1 141 ? -3.437  -19.217 3.296   1.00 13.47 ? 141 TRP A N   1 
ATOM   1070 C CA  . TRP A 1 141 ? -2.605  -19.935 4.252   1.00 11.14 ? 141 TRP A CA  1 
ATOM   1071 C C   . TRP A 1 141 ? -3.001  -19.522 5.660   1.00 11.92 ? 141 TRP A C   1 
ATOM   1072 O O   . TRP A 1 141 ? -3.747  -18.563 5.862   1.00 12.80 ? 141 TRP A O   1 
ATOM   1073 C CB  . TRP A 1 141 ? -1.113  -19.704 4.002   1.00 10.79 ? 141 TRP A CB  1 
ATOM   1074 C CG  . TRP A 1 141 ? -0.592  -18.288 4.155   1.00 11.46 ? 141 TRP A CG  1 
ATOM   1075 C CD1 . TRP A 1 141 ? -0.837  -17.222 3.335   1.00 10.09 ? 141 TRP A CD1 1 
ATOM   1076 C CD2 . TRP A 1 141 ? 0.319   -17.820 5.155   1.00 11.19 ? 141 TRP A CD2 1 
ATOM   1077 N NE1 . TRP A 1 141 ? -0.144  -16.119 3.770   1.00 9.85  ? 141 TRP A NE1 1 
ATOM   1078 C CE2 . TRP A 1 141 ? 0.574   -16.457 4.887   1.00 10.70 ? 141 TRP A CE2 1 
ATOM   1079 C CE3 . TRP A 1 141 ? 0.942   -18.419 6.250   1.00 12.05 ? 141 TRP A CE3 1 
ATOM   1080 C CZ2 . TRP A 1 141 ? 1.423   -15.684 5.678   1.00 11.42 ? 141 TRP A CZ2 1 
ATOM   1081 C CZ3 . TRP A 1 141 ? 1.780   -17.653 7.042   1.00 12.99 ? 141 TRP A CZ3 1 
ATOM   1082 C CH2 . TRP A 1 141 ? 2.016   -16.298 6.750   1.00 13.86 ? 141 TRP A CH2 1 
ATOM   1083 N N   . LYS A 1 142 ? -2.516  -20.288 6.634   1.00 12.35 ? 142 LYS A N   1 
ATOM   1084 C CA  . LYS A 1 142 ? -2.819  -20.044 8.040   1.00 14.41 ? 142 LYS A CA  1 
ATOM   1085 C C   . LYS A 1 142 ? -1.525  -19.854 8.816   1.00 10.44 ? 142 LYS A C   1 
ATOM   1086 O O   . LYS A 1 142 ? -0.662  -20.740 8.821   1.00 13.16 ? 142 LYS A O   1 
ATOM   1087 C CB  . LYS A 1 142 ? -3.622  -21.187 8.655   1.00 18.97 ? 142 LYS A CB  1 
ATOM   1088 C CG  . LYS A 1 142 ? -4.130  -20.821 10.051  1.00 20.61 ? 142 LYS A CG  1 
ATOM   1089 C CD  . LYS A 1 142 ? -4.886  -21.955 10.713  1.00 36.64 ? 142 LYS A CD  1 
ATOM   1090 C CE  . LYS A 1 142 ? -5.475  -21.513 12.050  1.00 38.37 ? 142 LYS A CE  1 
ATOM   1091 N NZ  . LYS A 1 142 ? -6.478  -20.421 11.890  1.00 45.78 ? 142 LYS A NZ  1 
ATOM   1092 N N   . SER A 1 143 ? -1.411  -18.711 9.485   1.00 12.22 ? 143 SER A N   1 
ATOM   1093 C CA  . SER A 1 143 ? -0.236  -18.407 10.290  1.00 12.05 ? 143 SER A CA  1 
ATOM   1094 C C   . SER A 1 143 ? -0.145  -19.318 11.510  1.00 11.03 ? 143 SER A C   1 
ATOM   1095 O O   . SER A 1 143 ? -1.139  -19.569 12.200  1.00 12.81 ? 143 SER A O   1 
ATOM   1096 C CB  . SER A 1 143 ? -0.285  -16.947 10.728  1.00 15.08 ? 143 SER A CB  1 
ATOM   1097 O OG  . SER A 1 143 ? 0.704   -16.662 11.695  1.00 12.06 ? 143 SER A OG  1 
ATOM   1098 N N   . ALA A 1 144 ? 1.073   -19.782 11.795  1.00 11.65 ? 144 ALA A N   1 
ATOM   1099 C CA  . ALA A 1 144 ? 1.309   -20.621 12.960  1.00 13.05 ? 144 ALA A CA  1 
ATOM   1100 C C   . ALA A 1 144 ? 0.979   -19.907 14.265  1.00 16.60 ? 144 ALA A C   1 
ATOM   1101 O O   . ALA A 1 144 ? 0.750   -20.576 15.279  1.00 12.16 ? 144 ALA A O   1 
ATOM   1102 C CB  . ALA A 1 144 ? 2.773   -21.088 12.981  1.00 14.77 ? 144 ALA A CB  1 
ATOM   1103 N N   . THR A 1 145 ? 0.952   -18.571 14.267  1.00 13.54 ? 145 THR A N   1 
ATOM   1104 C CA  . THR A 1 145 ? 0.659   -17.810 15.476  1.00 13.84 ? 145 THR A CA  1 
ATOM   1105 C C   . THR A 1 145 ? -0.707  -17.123 15.414  1.00 14.65 ? 145 THR A C   1 
ATOM   1106 O O   . THR A 1 145 ? -0.979  -16.216 16.209  1.00 11.68 ? 145 THR A O   1 
ATOM   1107 C CB  . THR A 1 145 ? 1.779   -16.799 15.763  1.00 14.59 ? 145 THR A CB  1 
ATOM   1108 O OG1 . THR A 1 145 ? 2.156   -16.090 14.573  1.00 13.60 ? 145 THR A OG1 1 
ATOM   1109 C CG2 . THR A 1 145 ? 3.014   -17.500 16.309  1.00 13.31 ? 145 THR A CG2 1 
ATOM   1110 N N   . PHE A 1 146 ? -1.591  -17.566 14.513  1.00 10.52 ? 146 PHE A N   1 
ATOM   1111 C CA  . PHE A 1 146 ? -2.912  -16.955 14.402  1.00 13.19 ? 146 PHE A CA  1 
ATOM   1112 C C   . PHE A 1 146 ? -3.638  -16.924 15.743  1.00 13.00 ? 146 PHE A C   1 
ATOM   1113 O O   . PHE A 1 146 ? -4.235  -15.907 16.120  1.00 11.91 ? 146 PHE A O   1 
ATOM   1114 C CB  . PHE A 1 146 ? -3.760  -17.701 13.375  1.00 14.65 ? 146 PHE A CB  1 
ATOM   1115 C CG  . PHE A 1 146 ? -5.124  -17.103 13.191  1.00 14.38 ? 146 PHE A CG  1 
ATOM   1116 C CD1 . PHE A 1 146 ? -5.323  -16.043 12.322  1.00 19.09 ? 146 PHE A CD1 1 
ATOM   1117 C CD2 . PHE A 1 146 ? -6.201  -17.578 13.914  1.00 22.02 ? 146 PHE A CD2 1 
ATOM   1118 C CE1 . PHE A 1 146 ? -6.574  -15.485 12.166  1.00 19.74 ? 146 PHE A CE1 1 
ATOM   1119 C CE2 . PHE A 1 146 ? -7.452  -17.025 13.758  1.00 17.83 ? 146 PHE A CE2 1 
ATOM   1120 C CZ  . PHE A 1 146 ? -7.639  -15.979 12.885  1.00 20.71 ? 146 PHE A CZ  1 
ATOM   1121 N N   . ASP A 1 147 ? -3.619  -18.038 16.474  1.00 13.71 ? 147 ASP A N   1 
ATOM   1122 C CA  . ASP A 1 147 ? -4.357  -18.090 17.730  1.00 14.75 ? 147 ASP A CA  1 
ATOM   1123 C C   . ASP A 1 147 ? -3.661  -17.333 18.852  1.00 17.13 ? 147 ASP A C   1 
ATOM   1124 O O   . ASP A 1 147 ? -4.249  -17.178 19.928  1.00 16.68 ? 147 ASP A O   1 
ATOM   1125 C CB  . ASP A 1 147 ? -4.589  -19.542 18.159  1.00 14.33 ? 147 ASP A CB  1 
ATOM   1126 C CG  . ASP A 1 147 ? -5.537  -20.273 17.236  1.00 20.22 ? 147 ASP A CG  1 
ATOM   1127 O OD1 . ASP A 1 147 ? -6.463  -19.624 16.691  1.00 25.88 ? 147 ASP A OD1 1 
ATOM   1128 O OD2 . ASP A 1 147 ? -5.354  -21.494 17.054  1.00 32.06 ? 147 ASP A OD2 1 
ATOM   1129 N N   . TRP A 1 148 ? -2.430  -16.877 18.635  1.00 12.46 ? 148 TRP A N   1 
ATOM   1130 C CA  . TRP A 1 148 ? -1.751  -15.990 19.570  1.00 13.21 ? 148 TRP A CA  1 
ATOM   1131 C C   . TRP A 1 148 ? -1.924  -14.525 19.204  1.00 12.61 ? 148 TRP A C   1 
ATOM   1132 O O   . TRP A 1 148 ? -1.697  -13.658 20.051  1.00 11.24 ? 148 TRP A O   1 
ATOM   1133 C CB  . TRP A 1 148 ? -0.263  -16.356 19.641  1.00 12.52 ? 148 TRP A CB  1 
ATOM   1134 C CG  . TRP A 1 148 ? -0.086  -17.732 20.191  1.00 9.62  ? 148 TRP A CG  1 
ATOM   1135 C CD1 . TRP A 1 148 ? 0.186   -18.871 19.496  1.00 14.60 ? 148 TRP A CD1 1 
ATOM   1136 C CD2 . TRP A 1 148 ? -0.198  -18.115 21.564  1.00 12.67 ? 148 TRP A CD2 1 
ATOM   1137 N NE1 . TRP A 1 148 ? 0.259   -19.945 20.354  1.00 14.64 ? 148 TRP A NE1 1 
ATOM   1138 C CE2 . TRP A 1 148 ? 0.028   -19.504 21.631  1.00 11.57 ? 148 TRP A CE2 1 
ATOM   1139 C CE3 . TRP A 1 148 ? -0.472  -17.420 22.744  1.00 11.97 ? 148 TRP A CE3 1 
ATOM   1140 C CZ2 . TRP A 1 148 ? -0.002  -20.206 22.828  1.00 11.66 ? 148 TRP A CZ2 1 
ATOM   1141 C CZ3 . TRP A 1 148 ? -0.499  -18.120 23.933  1.00 14.78 ? 148 TRP A CZ3 1 
ATOM   1142 C CH2 . TRP A 1 148 ? -0.269  -19.499 23.966  1.00 13.21 ? 148 TRP A CH2 1 
ATOM   1143 N N   . VAL A 1 149 ? -2.332  -14.236 17.971  1.00 10.76 ? 149 VAL A N   1 
ATOM   1144 C CA  . VAL A 1 149 ? -2.646  -12.865 17.580  1.00 12.19 ? 149 VAL A CA  1 
ATOM   1145 C C   . VAL A 1 149 ? -4.119  -12.541 17.806  1.00 12.80 ? 149 VAL A C   1 
ATOM   1146 O O   . VAL A 1 149 ? -4.454  -11.393 18.113  1.00 10.11 ? 149 VAL A O   1 
ATOM   1147 C CB  . VAL A 1 149 ? -2.256  -12.648 16.108  1.00 13.72 ? 149 VAL A CB  1 
ATOM   1148 C CG1 . VAL A 1 149 ? -2.703  -11.271 15.621  1.00 13.63 ? 149 VAL A CG1 1 
ATOM   1149 C CG2 . VAL A 1 149 ? -0.762  -12.823 15.945  1.00 13.76 ? 149 VAL A CG2 1 
ATOM   1150 N N   . TYR A 1 150 ? -5.000  -13.528 17.660  1.00 12.82 ? 150 TYR A N   1 
ATOM   1151 C CA  . TYR A 1 150 ? -6.437  -13.332 17.846  1.00 12.24 ? 150 TYR A CA  1 
ATOM   1152 C C   . TYR A 1 150 ? -7.018  -14.192 18.960  1.00 17.38 ? 150 TYR A C   1 
ATOM   1153 O O   . TYR A 1 150 ? -6.770  -15.399 18.993  1.00 14.90 ? 150 TYR A O   1 
ATOM   1154 C CB  . TYR A 1 150 ? -7.161  -13.637 16.545  1.00 14.35 ? 150 TYR A CB  1 
ATOM   1155 C CG  . TYR A 1 150 ? -6.821  -12.648 15.477  1.00 14.59 ? 150 TYR A CG  1 
ATOM   1156 C CD1 . TYR A 1 150 ? -7.347  -11.366 15.513  1.00 16.64 ? 150 TYR A CD1 1 
ATOM   1157 C CD2 . TYR A 1 150 ? -5.954  -12.977 14.446  1.00 15.59 ? 150 TYR A CD2 1 
ATOM   1158 C CE1 . TYR A 1 150 ? -7.032  -10.441 14.534  1.00 16.63 ? 150 TYR A CE1 1 
ATOM   1159 C CE2 . TYR A 1 150 ? -5.634  -12.056 13.464  1.00 13.88 ? 150 TYR A CE2 1 
ATOM   1160 C CZ  . TYR A 1 150 ? -6.173  -10.792 13.520  1.00 15.71 ? 150 TYR A CZ  1 
ATOM   1161 O OH  . TYR A 1 150 ? -5.867  -9.864  12.558  1.00 17.54 ? 150 TYR A OH  1 
HETATM 1162 O O   . HOH B 2 .   ? -12.096 9.970   -13.202 1.00 26.37 ? 201 HOH A O   1 
HETATM 1163 O O   . HOH B 2 .   ? -12.771 -2.048  11.594  1.00 34.62 ? 202 HOH A O   1 
HETATM 1164 O O   . HOH B 2 .   ? -4.190  -15.887 -12.523 1.00 34.44 ? 203 HOH A O   1 
HETATM 1165 O O   . HOH B 2 .   ? -7.991  -8.876  -11.037 1.00 27.61 ? 204 HOH A O   1 
HETATM 1166 O O   . HOH B 2 .   ? -6.783  -13.540 8.640   1.00 22.22 ? 205 HOH A O   1 
HETATM 1167 O O   . HOH B 2 .   ? -3.875  -10.443 11.199  1.00 16.58 ? 206 HOH A O   1 
HETATM 1168 O O   . HOH B 2 .   ? -11.623 -8.919  9.477   1.00 23.68 ? 207 HOH A O   1 
HETATM 1169 O O   . HOH B 2 .   ? -4.992  6.854   12.401  1.00 37.46 ? 208 HOH A O   1 
HETATM 1170 O O   . HOH B 2 .   ? -6.496  16.048  -15.137 1.00 34.28 ? 209 HOH A O   1 
HETATM 1171 O O   . HOH B 2 .   ? 7.574   19.318  -3.827  1.00 28.52 ? 210 HOH A O   1 
HETATM 1172 O O   . HOH B 2 .   ? -3.055  -3.935  -15.926 1.00 28.00 ? 211 HOH A O   1 
HETATM 1173 O O   . HOH B 2 .   ? -11.525 16.551  -4.583  1.00 30.09 ? 212 HOH A O   1 
HETATM 1174 O O   . HOH B 2 .   ? 9.577   3.637   14.041  1.00 24.23 ? 213 HOH A O   1 
HETATM 1175 O O   . HOH B 2 .   ? 10.942  14.486  -8.518  1.00 35.93 ? 214 HOH A O   1 
HETATM 1176 O O   . HOH B 2 .   ? -6.530  -17.088 -4.717  1.00 26.38 ? 215 HOH A O   1 
HETATM 1177 O O   . HOH B 2 .   ? 0.427   -11.104 -12.862 1.00 26.00 ? 216 HOH A O   1 
HETATM 1178 O O   . HOH B 2 .   ? -6.452  3.414   13.536  1.00 25.93 ? 217 HOH A O   1 
HETATM 1179 O O   . HOH B 2 .   ? 0.028   -14.679 13.223  1.00 22.79 ? 218 HOH A O   1 
HETATM 1180 O O   . HOH B 2 .   ? -13.814 -2.687  8.927   1.00 25.96 ? 219 HOH A O   1 
HETATM 1181 O O   . HOH B 2 .   ? -12.151 0.986   11.999  1.00 36.14 ? 220 HOH A O   1 
HETATM 1182 O O   . HOH B 2 .   ? -14.324 -5.657  6.851   1.00 19.40 ? 221 HOH A O   1 
HETATM 1183 O O   . HOH B 2 .   ? 5.262   1.228   -14.789 1.00 15.96 ? 222 HOH A O   1 
HETATM 1184 O O   . HOH B 2 .   ? -5.310  -1.163  -17.330 1.00 26.04 ? 223 HOH A O   1 
HETATM 1185 O O   . HOH B 2 .   ? 5.926   13.343  -12.067 1.00 36.23 ? 224 HOH A O   1 
HETATM 1186 O O   . HOH B 2 .   ? -10.613 -1.019  8.590   1.00 13.31 ? 225 HOH A O   1 
HETATM 1187 O O   . HOH B 2 .   ? 5.962   17.259  10.824  1.00 13.75 ? 226 HOH A O   1 
HETATM 1188 O O   . HOH B 2 .   ? -15.304 3.863   -0.139  1.00 29.18 ? 227 HOH A O   1 
HETATM 1189 O O   . HOH B 2 .   ? 18.891  4.761   -3.342  1.00 21.49 ? 228 HOH A O   1 
HETATM 1190 O O   . HOH B 2 .   ? 2.955   -15.942 10.445  1.00 16.36 ? 229 HOH A O   1 
HETATM 1191 O O   . HOH B 2 .   ? -2.905  7.074   6.139   1.00 33.61 ? 230 HOH A O   1 
HETATM 1192 O O   . HOH B 2 .   ? -2.637  -0.400  -21.283 1.00 14.62 ? 231 HOH A O   1 
HETATM 1193 O O   . HOH B 2 .   ? 13.358  4.344   -11.438 1.00 21.65 ? 232 HOH A O   1 
HETATM 1194 O O   . HOH B 2 .   ? -3.091  -9.196  18.823  1.00 10.68 ? 233 HOH A O   1 
HETATM 1195 O O   . HOH B 2 .   ? 4.951   -2.717  13.381  1.00 11.30 ? 234 HOH A O   1 
HETATM 1196 O O   . HOH B 2 .   ? -6.803  -15.269 2.721   1.00 20.29 ? 235 HOH A O   1 
HETATM 1197 O O   . HOH B 2 .   ? -11.413 -4.696  2.322   1.00 22.37 ? 236 HOH A O   1 
HETATM 1198 O O   . HOH B 2 .   ? 0.145   17.229  -13.519 1.00 26.47 ? 237 HOH A O   1 
HETATM 1199 O O   . HOH B 2 .   ? -3.700  5.312   -20.944 1.00 41.14 ? 238 HOH A O   1 
HETATM 1200 O O   . HOH B 2 .   ? -8.007  4.046   -1.648  1.00 16.71 ? 239 HOH A O   1 
HETATM 1201 O O   . HOH B 2 .   ? 5.549   1.682   -12.015 1.00 11.88 ? 240 HOH A O   1 
HETATM 1202 O O   . HOH B 2 .   ? -11.133 -2.906  -9.741  1.00 15.87 ? 241 HOH A O   1 
HETATM 1203 O O   . HOH B 2 .   ? 10.352  -1.441  9.968   1.00 13.62 ? 242 HOH A O   1 
HETATM 1204 O O   . HOH B 2 .   ? 5.273   -13.155 7.420   1.00 10.84 ? 243 HOH A O   1 
HETATM 1205 O O   . HOH B 2 .   ? -12.739 12.580  -6.408  1.00 26.24 ? 244 HOH A O   1 
HETATM 1206 O O   . HOH B 2 .   ? 2.610   -11.206 10.622  1.00 12.66 ? 245 HOH A O   1 
HETATM 1207 O O   . HOH B 2 .   ? -7.753  -21.039 14.756  1.00 35.90 ? 246 HOH A O   1 
HETATM 1208 O O   . HOH B 2 .   ? -8.694  7.417   -15.016 1.00 20.65 ? 247 HOH A O   1 
HETATM 1209 O O   . HOH B 2 .   ? -1.687  6.801   -3.375  1.00 20.43 ? 248 HOH A O   1 
HETATM 1210 O O   . HOH B 2 .   ? 17.577  5.731   1.296   1.00 34.10 ? 249 HOH A O   1 
HETATM 1211 O O   . HOH B 2 .   ? 5.399   9.611   17.860  1.00 15.23 ? 250 HOH A O   1 
HETATM 1212 O O   . HOH B 2 .   ? -5.170  0.590   4.171   1.00 11.99 ? 251 HOH A O   1 
HETATM 1213 O O   . HOH B 2 .   ? -11.640 -7.532  -4.757  1.00 22.59 ? 252 HOH A O   1 
HETATM 1214 O O   . HOH B 2 .   ? -15.730 3.261   -3.082  1.00 35.75 ? 253 HOH A O   1 
HETATM 1215 O O   . HOH B 2 .   ? -9.094  1.994   13.299  1.00 35.08 ? 254 HOH A O   1 
HETATM 1216 O O   . HOH B 2 .   ? -2.206  -21.631 13.657  1.00 28.54 ? 255 HOH A O   1 
HETATM 1217 O O   . HOH B 2 .   ? -6.763  5.058   -19.720 1.00 30.66 ? 256 HOH A O   1 
HETATM 1218 O O   . HOH B 2 .   ? -0.375  -4.924  -10.770 1.00 11.19 ? 257 HOH A O   1 
HETATM 1219 O O   . HOH B 2 .   ? -0.226  -11.343 20.251  1.00 11.71 ? 258 HOH A O   1 
HETATM 1220 O O   . HOH B 2 .   ? -0.830  12.246  12.392  1.00 25.29 ? 259 HOH A O   1 
HETATM 1221 O O   . HOH B 2 .   ? -8.105  -17.643 17.717  1.00 37.08 ? 260 HOH A O   1 
HETATM 1222 O O   . HOH B 2 .   ? 6.268   14.529  11.110  1.00 13.79 ? 261 HOH A O   1 
HETATM 1223 O O   . HOH B 2 .   ? 1.078   -13.038 -4.606  1.00 11.09 ? 262 HOH A O   1 
HETATM 1224 O O   . HOH B 2 .   ? -9.880  -10.782 -2.208  1.00 19.74 ? 263 HOH A O   1 
HETATM 1225 O O   . HOH B 2 .   ? -6.738  5.188   9.794   1.00 28.12 ? 264 HOH A O   1 
HETATM 1226 O O   . HOH B 2 .   ? -6.002  -3.747  13.560  1.00 29.37 ? 265 HOH A O   1 
HETATM 1227 O O   . HOH B 2 .   ? 1.219   -23.261 15.851  0.50 30.38 ? 266 HOH A O   1 
HETATM 1228 O O   . HOH B 2 .   ? -15.824 -2.175  -3.875  1.00 29.09 ? 267 HOH A O   1 
HETATM 1229 O O   . HOH B 2 .   ? -9.347  6.479   -7.695  1.00 25.12 ? 268 HOH A O   1 
HETATM 1230 O O   . HOH B 2 .   ? 7.535   8.296   -16.025 1.00 23.93 ? 269 HOH A O   1 
HETATM 1231 O O   . HOH B 2 .   ? 4.083   17.900  -3.624  1.00 38.82 ? 270 HOH A O   1 
HETATM 1232 O O   . HOH B 2 .   ? 9.499   -8.391  9.967   1.00 11.99 ? 271 HOH A O   1 
HETATM 1233 O O   . HOH B 2 .   ? 16.231  0.504   4.684   1.00 36.41 ? 272 HOH A O   1 
HETATM 1234 O O   . HOH B 2 .   ? -12.087 -6.063  10.171  1.00 13.61 ? 273 HOH A O   1 
HETATM 1235 O O   . HOH B 2 .   ? 7.660   -10.507 12.145  1.00 20.91 ? 274 HOH A O   1 
HETATM 1236 O O   . HOH B 2 .   ? 12.969  7.092   -13.557 1.00 34.97 ? 275 HOH A O   1 
HETATM 1237 O O   . HOH B 2 .   ? -4.541  -16.455 3.413   1.00 15.44 ? 276 HOH A O   1 
HETATM 1238 O O   . HOH B 2 .   ? 4.492   17.653  2.312   1.00 25.03 ? 277 HOH A O   1 
HETATM 1239 O O   . HOH B 2 .   ? -0.815  7.502   12.193  1.00 15.44 ? 278 HOH A O   1 
HETATM 1240 O O   . HOH B 2 .   ? -3.627  -16.949 9.329   1.00 16.39 ? 279 HOH A O   1 
HETATM 1241 O O   . HOH B 2 .   ? -4.375  -7.053  -12.690 1.00 35.13 ? 280 HOH A O   1 
HETATM 1242 O O   . HOH B 2 .   ? 3.370   4.945   -20.578 1.00 25.79 ? 281 HOH A O   1 
HETATM 1243 O O   . HOH B 2 .   ? 0.773   11.044  -17.159 1.00 29.42 ? 282 HOH A O   1 
HETATM 1244 O O   . HOH B 2 .   ? -7.373  3.495   -17.601 1.00 28.04 ? 283 HOH A O   1 
HETATM 1245 O O   . HOH B 2 .   ? -11.706 -10.784 2.435   1.00 35.32 ? 284 HOH A O   1 
HETATM 1246 O O   . HOH B 2 .   ? -6.687  4.738   -5.362  1.00 31.06 ? 285 HOH A O   1 
HETATM 1247 O O   . HOH B 2 .   ? -2.143  -20.467 16.215  1.00 21.76 ? 286 HOH A O   1 
HETATM 1248 O O   . HOH B 2 .   ? 7.024   1.956   14.681  1.00 20.63 ? 287 HOH A O   1 
HETATM 1249 O O   . HOH B 2 .   ? 5.524   -5.331  -14.474 1.00 16.77 ? 288 HOH A O   1 
HETATM 1250 O O   . HOH B 2 .   ? -16.358 -6.885  3.282   1.00 29.64 ? 289 HOH A O   1 
HETATM 1251 O O   . HOH B 2 .   ? 3.201   -13.434 14.880  1.00 23.98 ? 290 HOH A O   1 
HETATM 1252 O O   . HOH B 2 .   ? -2.867  7.487   3.648   1.00 28.96 ? 291 HOH A O   1 
HETATM 1253 O O   . HOH B 2 .   ? -7.898  -10.270 -7.598  1.00 23.93 ? 292 HOH A O   1 
HETATM 1254 O O   . HOH B 2 .   ? -4.124  11.546  5.920   1.00 29.98 ? 293 HOH A O   1 
HETATM 1255 O O   . HOH B 2 .   ? 16.594  8.613   3.632   1.00 23.25 ? 294 HOH A O   1 
HETATM 1256 O O   . HOH B 2 .   ? -0.715  -13.310 10.844  1.00 25.05 ? 295 HOH A O   1 
HETATM 1257 O O   . HOH B 2 .   ? 5.965   -9.576  15.646  1.00 25.04 ? 296 HOH A O   1 
HETATM 1258 O O   . HOH B 2 .   ? 0.059   11.947  -2.743  1.00 36.83 ? 297 HOH A O   1 
HETATM 1259 O O   . HOH B 2 .   ? 0.570   -14.923 -11.741 1.00 29.80 ? 298 HOH A O   1 
HETATM 1260 O O   . HOH B 2 .   ? -1.263  -22.723 5.633   1.00 14.52 ? 299 HOH A O   1 
HETATM 1261 O O   . HOH B 2 .   ? -2.505  14.275  5.367   1.00 19.61 ? 300 HOH A O   1 
HETATM 1262 O O   . HOH B 2 .   ? -2.280  6.118   0.665   1.00 20.32 ? 301 HOH A O   1 
HETATM 1263 O O   . HOH B 2 .   ? 4.765   1.861   11.560  1.00 15.87 ? 302 HOH A O   1 
HETATM 1264 O O   . HOH B 2 .   ? 2.540   -12.346 6.959   1.00 12.14 ? 303 HOH A O   1 
HETATM 1265 O O   . HOH B 2 .   ? -14.082 18.433  -12.963 1.00 30.91 ? 304 HOH A O   1 
HETATM 1266 O O   . HOH B 2 .   ? -11.069 -8.143  0.184   1.00 28.89 ? 305 HOH A O   1 
HETATM 1267 O O   . HOH B 2 .   ? -0.893  8.774   -1.068  1.00 26.21 ? 306 HOH A O   1 
HETATM 1268 O O   . HOH B 2 .   ? 1.749   -8.650  -12.615 1.00 23.28 ? 307 HOH A O   1 
HETATM 1269 O O   . HOH B 2 .   ? -2.670  -22.388 17.924  1.00 35.47 ? 308 HOH A O   1 
HETATM 1270 O O   . HOH B 2 .   ? -15.872 0.916   2.519   1.00 17.59 ? 309 HOH A O   1 
HETATM 1271 O O   . HOH B 2 .   ? 0.556   -22.883 20.093  1.00 22.62 ? 310 HOH A O   1 
HETATM 1272 O O   . HOH B 2 .   ? -0.480  -23.176 10.515  1.00 30.99 ? 311 HOH A O   1 
HETATM 1273 O O   . HOH B 2 .   ? -4.627  -20.272 -2.324  1.00 30.87 ? 312 HOH A O   1 
HETATM 1274 O O   . HOH B 2 .   ? -3.353  16.496  -14.879 1.00 27.68 ? 313 HOH A O   1 
HETATM 1275 O O   . HOH B 2 .   ? -13.874 1.145   5.472   1.00 21.11 ? 314 HOH A O   1 
HETATM 1276 O O   . HOH B 2 .   ? -10.046 2.027   -9.364  1.00 37.02 ? 315 HOH A O   1 
HETATM 1277 O O   . HOH B 2 .   ? -4.822  -12.390 9.386   1.00 18.98 ? 316 HOH A O   1 
HETATM 1278 O O   . HOH B 2 .   ? -14.473 3.714   5.463   1.00 39.29 ? 317 HOH A O   1 
HETATM 1279 O O   . HOH B 2 .   ? -11.905 -7.065  2.814   1.00 23.18 ? 318 HOH A O   1 
HETATM 1280 O O   . HOH B 2 .   ? 2.710   2.391   -19.839 1.00 22.03 ? 319 HOH A O   1 
HETATM 1281 O O   . HOH B 2 .   ? -8.372  -14.424 0.206   1.00 38.14 ? 320 HOH A O   1 
HETATM 1282 O O   . HOH B 2 .   ? 6.813   2.123   -16.464 1.00 22.13 ? 321 HOH A O   1 
HETATM 1283 O O   . HOH B 2 .   ? 9.915   10.393  -10.369 1.00 22.64 ? 322 HOH A O   1 
HETATM 1284 O O   . HOH B 2 .   ? 12.231  0.698   10.696  1.00 28.57 ? 323 HOH A O   1 
HETATM 1285 O O   . HOH B 2 .   ? -1.166  1.809   -20.871 1.00 15.86 ? 324 HOH A O   1 
HETATM 1286 O O   . HOH B 2 .   ? 0.315   9.924   11.437  1.00 14.92 ? 325 HOH A O   1 
HETATM 1287 O O   . HOH B 2 .   ? 5.156   -8.822  -11.962 1.00 29.26 ? 326 HOH A O   1 
HETATM 1288 O O   . HOH B 2 .   ? -1.974  10.602  -17.317 1.00 26.58 ? 327 HOH A O   1 
HETATM 1289 O O   . HOH B 2 .   ? -0.122  -17.252 -7.330  1.00 30.54 ? 328 HOH A O   1 
HETATM 1290 O O   . HOH B 2 .   ? -2.215  -7.746  -12.687 1.00 23.57 ? 329 HOH A O   1 
HETATM 1291 O O   . HOH B 2 .   ? -9.377  -21.370 1.509   1.00 39.44 ? 330 HOH A O   1 
HETATM 1292 O O   . HOH B 2 .   ? 0.098   -5.483  -13.286 1.00 30.07 ? 331 HOH A O   1 
HETATM 1293 O O   . HOH B 2 .   ? 7.720   -2.856  13.666  1.00 14.18 ? 332 HOH A O   1 
HETATM 1294 O O   . HOH B 2 .   ? -13.179 -11.568 4.155   1.00 43.00 ? 333 HOH A O   1 
HETATM 1295 O O   . HOH B 2 .   ? -11.015 8.572   -14.943 1.00 30.14 ? 334 HOH A O   1 
HETATM 1296 O O   . HOH B 2 .   ? -3.663  8.073   -21.648 1.00 41.07 ? 335 HOH A O   1 
HETATM 1297 O O   . HOH B 2 .   ? -13.207 11.600  -11.909 1.00 32.02 ? 336 HOH A O   1 
HETATM 1298 O O   . HOH B 2 .   ? -12.822 7.595   -2.731  1.00 33.89 ? 337 HOH A O   1 
HETATM 1299 O O   . HOH B 2 .   ? 11.405  9.561   12.923  1.00 21.21 ? 338 HOH A O   1 
HETATM 1300 O O   . HOH B 2 .   ? -5.588  -21.954 4.731   1.00 43.44 ? 339 HOH A O   1 
HETATM 1301 O O   . HOH B 2 .   ? -7.911  -17.840 3.777   1.00 35.38 ? 340 HOH A O   1 
HETATM 1302 O O   . HOH B 2 .   ? -3.580  -19.652 22.203  1.00 30.82 ? 341 HOH A O   1 
HETATM 1303 O O   . HOH B 2 .   ? -13.973 8.455   -11.455 1.00 40.68 ? 342 HOH A O   1 
HETATM 1304 O O   . HOH B 2 .   ? 2.655   16.053  13.352  1.00 39.33 ? 343 HOH A O   1 
HETATM 1305 O O   . HOH B 2 .   ? -11.300 0.034   -10.336 1.00 28.83 ? 344 HOH A O   1 
HETATM 1306 O O   . HOH B 2 .   ? -0.669  -23.006 2.740   1.00 31.44 ? 345 HOH A O   1 
HETATM 1307 O O   . HOH B 2 .   ? -7.716  -16.834 -2.401  1.00 29.77 ? 346 HOH A O   1 
HETATM 1308 O O   . HOH B 2 .   ? 8.089   11.868  -12.460 1.00 29.31 ? 347 HOH A O   1 
HETATM 1309 O O   . HOH B 2 .   ? 2.025   -12.824 12.991  1.00 31.30 ? 348 HOH A O   1 
HETATM 1310 O O   . HOH B 2 .   ? -4.805  0.085   -22.461 1.00 18.33 ? 349 HOH A O   1 
HETATM 1311 O O   . HOH B 2 .   ? 17.577  0.036   -3.203  1.00 17.24 ? 350 HOH A O   1 
HETATM 1312 O O   . HOH B 2 .   ? -9.225  4.989   -16.270 1.00 28.64 ? 351 HOH A O   1 
HETATM 1313 O O   . HOH B 2 .   ? 1.087   -14.035 9.001   1.00 24.46 ? 352 HOH A O   1 
HETATM 1314 O O   . HOH B 2 .   ? -10.509 -4.266  -11.948 1.00 34.19 ? 353 HOH A O   1 
HETATM 1315 O O   . HOH B 2 .   ? 19.012  1.625   -0.897  1.00 33.26 ? 354 HOH A O   1 
HETATM 1316 O O   . HOH B 2 .   ? -10.197 -13.309 -1.329  1.00 29.81 ? 355 HOH A O   1 
HETATM 1317 O O   . HOH B 2 .   ? -14.341 10.796  -14.675 0.50 36.93 ? 356 HOH A O   1 
HETATM 1318 O O   . HOH B 2 .   ? -12.774 15.260  -6.606  1.00 27.30 ? 357 HOH A O   1 
HETATM 1319 O O   . HOH B 2 .   ? -11.908 20.700  -4.783  1.00 40.55 ? 358 HOH A O   1 
HETATM 1320 O O   . HOH B 2 .   ? -9.678  9.667   -4.231  1.00 31.13 ? 359 HOH A O   1 
HETATM 1321 O O   . HOH B 2 .   ? -2.129  17.670  6.283   1.00 36.67 ? 360 HOH A O   1 
HETATM 1322 O O   . HOH B 2 .   ? 9.775   -0.668  14.488  1.00 42.76 ? 361 HOH A O   1 
HETATM 1323 O O   . HOH B 2 .   ? -6.209  -19.692 -6.626  1.00 27.38 ? 362 HOH A O   1 
HETATM 1324 O O   . HOH B 2 .   ? 2.847   13.979  15.709  1.00 33.73 ? 363 HOH A O   1 
HETATM 1325 O O   . HOH B 2 .   ? -3.415  10.764  10.695  1.00 37.35 ? 364 HOH A O   1 
HETATM 1326 O O   . HOH B 2 .   ? -10.822 -9.509  -6.222  1.00 29.03 ? 365 HOH A O   1 
HETATM 1327 O O   . HOH B 2 .   ? -3.310  8.337   11.572  1.00 32.70 ? 366 HOH A O   1 
HETATM 1328 O O   . HOH B 2 .   ? -11.880 -8.964  -2.404  1.00 26.78 ? 367 HOH A O   1 
HETATM 1329 O O   . HOH B 2 .   ? -7.807  8.134   -5.668  1.00 38.22 ? 368 HOH A O   1 
HETATM 1330 O O   . HOH B 2 .   ? 10.750  -7.456  16.537  1.00 34.85 ? 369 HOH A O   1 
HETATM 1331 O O   . HOH B 2 .   ? -13.859 -7.328  4.486   1.00 25.27 ? 370 HOH A O   1 
HETATM 1332 O O   . HOH B 2 .   ? -7.749  8.879   -17.102 1.00 34.81 ? 371 HOH A O   1 
HETATM 1333 O O   . HOH B 2 .   ? 6.410   -16.381 15.387  0.50 21.24 ? 372 HOH A O   1 
HETATM 1334 O O   . HOH B 2 .   ? 11.446  -5.202  16.628  1.00 37.22 ? 373 HOH A O   1 
HETATM 1335 O O   . HOH B 2 .   ? -11.604 11.636  -4.111  1.00 27.35 ? 374 HOH A O   1 
HETATM 1336 O O   . HOH B 2 .   ? -12.779 0.492   7.829   1.00 31.80 ? 375 HOH A O   1 
HETATM 1337 O O   . HOH B 2 .   ? 0.516   -24.630 13.642  1.00 36.04 ? 376 HOH A O   1 
HETATM 1338 O O   . HOH B 2 .   ? -6.084  7.043   -4.173  1.00 35.58 ? 377 HOH A O   1 
HETATM 1339 O O   . HOH B 2 .   ? -13.548 -4.045  -9.058  1.00 28.16 ? 378 HOH A O   1 
HETATM 1340 O O   . HOH B 2 .   ? 4.655   12.408  17.695  1.00 24.75 ? 379 HOH A O   1 
HETATM 1341 O O   . HOH B 2 .   ? -2.975  -14.305 10.397  1.00 17.59 ? 380 HOH A O   1 
HETATM 1342 O O   . HOH B 2 .   ? -13.697 1.652   9.689   1.00 40.99 ? 381 HOH A O   1 
HETATM 1343 O O   . HOH B 2 .   ? 4.215   16.787  -6.155  1.00 33.72 ? 382 HOH A O   1 
HETATM 1344 O O   . HOH B 2 .   ? -10.157 -16.566 16.086  1.00 41.32 ? 383 HOH A O   1 
HETATM 1345 O O   . HOH B 2 .   ? -0.338  15.045  -4.400  1.00 44.39 ? 384 HOH A O   1 
# 
loop_
_pdbx_poly_seq_scheme.asym_id 
_pdbx_poly_seq_scheme.entity_id 
_pdbx_poly_seq_scheme.seq_id 
_pdbx_poly_seq_scheme.mon_id 
_pdbx_poly_seq_scheme.ndb_seq_num 
_pdbx_poly_seq_scheme.pdb_seq_num 
_pdbx_poly_seq_scheme.auth_seq_num 
_pdbx_poly_seq_scheme.pdb_mon_id 
_pdbx_poly_seq_scheme.auth_mon_id 
_pdbx_poly_seq_scheme.pdb_strand_id 
_pdbx_poly_seq_scheme.pdb_ins_code 
_pdbx_poly_seq_scheme.hetero 
A 1 1   MET 1   1   ?   ?   ?   A . n 
A 1 2   SER 2   2   2   SER SER A . n 
A 1 3   ASN 3   3   3   ASN ASN A . n 
A 1 4   GLU 4   4   4   GLU GLU A . n 
A 1 5   GLN 5   5   5   GLN GLN A . n 
A 1 6   THR 6   6   6   THR THR A . n 
A 1 7   PHE 7   7   7   PHE PHE A . n 
A 1 8   ILE 8   8   8   ILE ILE A . n 
A 1 9   ALA 9   9   9   ALA ALA A . n 
A 1 10  ILE 10  10  10  ILE ILE A . n 
A 1 11  LYS 11  11  11  LYS LYS A . n 
A 1 12  PRO 12  12  12  PRO PRO A . n 
A 1 13  ASP 13  13  13  ASP ASP A . n 
A 1 14  GLY 14  14  14  GLY GLY A . n 
A 1 15  VAL 15  15  15  VAL VAL A . n 
A 1 16  GLN 16  16  16  GLN GLN A . n 
A 1 17  ARG 17  17  17  ARG ARG A . n 
A 1 18  GLY 18  18  18  GLY GLY A . n 
A 1 19  LEU 19  19  19  LEU LEU A . n 
A 1 20  ILE 20  20  20  ILE ILE A . n 
A 1 21  GLY 21  21  21  GLY GLY A . n 
A 1 22  PRO 22  22  22  PRO PRO A . n 
A 1 23  ILE 23  23  23  ILE ILE A . n 
A 1 24  ILE 24  24  24  ILE ILE A . n 
A 1 25  SER 25  25  25  SER SER A . n 
A 1 26  ARG 26  26  26  ARG ARG A . n 
A 1 27  PHE 27  27  27  PHE PHE A . n 
A 1 28  GLU 28  28  28  GLU GLU A . n 
A 1 29  ASN 29  29  29  ASN ASN A . n 
A 1 30  ARG 30  30  30  ARG ARG A . n 
A 1 31  GLY 31  31  31  GLY GLY A . n 
A 1 32  PHE 32  32  32  PHE PHE A . n 
A 1 33  LYS 33  33  33  LYS LYS A . n 
A 1 34  LEU 34  34  34  LEU LEU A . n 
A 1 35  VAL 35  35  35  VAL VAL A . n 
A 1 36  ALA 36  36  36  ALA ALA A . n 
A 1 37  MET 37  37  37  MET MET A . n 
A 1 38  LYS 38  38  38  LYS LYS A . n 
A 1 39  LEU 39  39  39  LEU LEU A . n 
A 1 40  VAL 40  40  40  VAL VAL A . n 
A 1 41  SER 41  41  41  SER SER A . n 
A 1 42  PRO 42  42  42  PRO PRO A . n 
A 1 43  PRO 43  43  43  PRO PRO A . n 
A 1 44  GLN 44  44  44  GLN GLN A . n 
A 1 45  SER 45  45  45  SER SER A . n 
A 1 46  GLN 46  46  46  GLN GLN A . n 
A 1 47  LEU 47  47  47  LEU LEU A . n 
A 1 48  GLU 48  48  48  GLU GLU A . n 
A 1 49  GLN 49  49  49  GLN GLN A . n 
A 1 50  HIS 50  50  50  HIS HIS A . n 
A 1 51  TYR 51  51  51  TYR TYR A . n 
A 1 52  ALA 52  52  52  ALA ALA A . n 
A 1 53  ASP 53  53  53  ASP ASP A . n 
A 1 54  LEU 54  54  54  LEU LEU A . n 
A 1 55  SER 55  55  55  SER SER A . n 
A 1 56  ASP 56  56  56  ASP ASP A . n 
A 1 57  LYS 57  57  57  LYS LYS A . n 
A 1 58  PRO 58  58  58  PRO PRO A . n 
A 1 59  PHE 59  59  59  PHE PHE A . n 
A 1 60  PHE 60  60  60  PHE PHE A . n 
A 1 61  LYS 61  61  61  LYS LYS A . n 
A 1 62  GLY 62  62  62  GLY GLY A . n 
A 1 63  LEU 63  63  63  LEU LEU A . n 
A 1 64  VAL 64  64  64  VAL VAL A . n 
A 1 65  SER 65  65  65  SER SER A . n 
A 1 66  TYR 66  66  66  TYR TYR A . n 
A 1 67  MET 67  67  67  MET MET A . n 
A 1 68  LEU 68  68  68  LEU LEU A . n 
A 1 69  SER 69  69  69  SER SER A . n 
A 1 70  GLY 70  70  70  GLY GLY A . n 
A 1 71  PRO 71  71  71  PRO PRO A . n 
A 1 72  ILE 72  72  72  ILE ILE A . n 
A 1 73  CYS 73  73  73  CYS CYS A . n 
A 1 74  ALA 74  74  74  ALA ALA A . n 
A 1 75  MET 75  75  75  MET MET A . n 
A 1 76  VAL 76  76  76  VAL VAL A . n 
A 1 77  TRP 77  77  77  TRP TRP A . n 
A 1 78  GLU 78  78  78  GLU GLU A . n 
A 1 79  GLY 79  79  79  GLY GLY A . n 
A 1 80  ARG 80  80  80  ARG ARG A . n 
A 1 81  ASP 81  81  81  ASP ASP A . n 
A 1 82  VAL 82  82  82  VAL VAL A . n 
A 1 83  VAL 83  83  83  VAL VAL A . n 
A 1 84  LYS 84  84  84  LYS LYS A . n 
A 1 85  THR 85  85  85  THR THR A . n 
A 1 86  GLY 86  86  86  GLY GLY A . n 
A 1 87  ARG 87  87  87  ARG ARG A . n 
A 1 88  THR 88  88  88  THR THR A . n 
A 1 89  ILE 89  89  89  ILE ILE A . n 
A 1 90  LEU 90  90  90  LEU LEU A . n 
A 1 91  GLY 91  91  91  GLY GLY A . n 
A 1 92  ALA 92  92  92  ALA ALA A . n 
A 1 93  THR 93  93  93  THR THR A . n 
A 1 94  ASN 94  94  94  ASN ASN A . n 
A 1 95  PRO 95  95  95  PRO PRO A . n 
A 1 96  LEU 96  96  96  LEU LEU A . n 
A 1 97  ALA 97  97  97  ALA ALA A . n 
A 1 98  SER 98  98  98  SER SER A . n 
A 1 99  ALA 99  99  99  ALA ALA A . n 
A 1 100 PRO 100 100 100 PRO PRO A . n 
A 1 101 GLY 101 101 101 GLY GLY A . n 
A 1 102 THR 102 102 102 THR THR A . n 
A 1 103 ILE 103 103 103 ILE ILE A . n 
A 1 104 ARG 104 104 104 ARG ARG A . n 
A 1 105 GLY 105 105 105 GLY GLY A . n 
A 1 106 ASP 106 106 106 ASP ASP A . n 
A 1 107 PHE 107 107 107 PHE PHE A . n 
A 1 108 ALA 108 108 108 ALA ALA A . n 
A 1 109 ILE 109 109 109 ILE ILE A . n 
A 1 110 ASP 110 110 110 ASP ASP A . n 
A 1 111 VAL 111 111 111 VAL VAL A . n 
A 1 112 GLY 112 112 112 GLY GLY A . n 
A 1 113 ARG 113 113 113 ARG ARG A . n 
A 1 114 ASN 114 114 114 ASN ASN A . n 
A 1 115 VAL 115 115 115 VAL VAL A . n 
A 1 116 CYS 116 116 116 CYS CYS A . n 
A 1 117 HIS 117 117 117 HIS HIS A . n 
A 1 118 GLY 118 118 118 GLY GLY A . n 
A 1 119 SER 119 119 119 SER SER A . n 
A 1 120 ASP 120 120 120 ASP ASP A . n 
A 1 121 SER 121 121 121 SER SER A . n 
A 1 122 VAL 122 122 122 VAL VAL A . n 
A 1 123 GLU 123 123 123 GLU GLU A . n 
A 1 124 ASN 124 124 124 ASN ASN A . n 
A 1 125 ALA 125 125 125 ALA ALA A . n 
A 1 126 LYS 126 126 126 LYS LYS A . n 
A 1 127 LYS 127 127 127 LYS LYS A . n 
A 1 128 GLU 128 128 128 GLU GLU A . n 
A 1 129 ILE 129 129 129 ILE ILE A . n 
A 1 130 ALA 130 130 130 ALA ALA A . n 
A 1 131 LEU 131 131 131 LEU LEU A . n 
A 1 132 TRP 132 132 132 TRP TRP A . n 
A 1 133 PHE 133 133 133 PHE PHE A . n 
A 1 134 LYS 134 134 134 LYS LYS A . n 
A 1 135 PRO 135 135 135 PRO PRO A . n 
A 1 136 GLU 136 136 136 GLU GLU A . n 
A 1 137 GLU 137 137 137 GLU GLU A . n 
A 1 138 LEU 138 138 138 LEU LEU A . n 
A 1 139 ILE 139 139 139 ILE ILE A . n 
A 1 140 SER 140 140 140 SER SER A . n 
A 1 141 TRP 141 141 141 TRP TRP A . n 
A 1 142 LYS 142 142 142 LYS LYS A . n 
A 1 143 SER 143 143 143 SER SER A . n 
A 1 144 ALA 144 144 144 ALA ALA A . n 
A 1 145 THR 145 145 145 THR THR A . n 
A 1 146 PHE 146 146 146 PHE PHE A . n 
A 1 147 ASP 147 147 147 ASP ASP A . n 
A 1 148 TRP 148 148 148 TRP TRP A . n 
A 1 149 VAL 149 149 149 VAL VAL A . n 
A 1 150 TYR 150 150 150 TYR TYR A . n 
A 1 151 GLU 151 151 ?   ?   ?   A . n 
A 1 152 LYS 152 152 ?   ?   ?   A . n 
A 1 153 ALA 153 153 ?   ?   ?   A . n 
A 1 154 LEU 154 154 ?   ?   ?   A . n 
A 1 155 GLU 155 155 ?   ?   ?   A . n 
A 1 156 HIS 156 156 ?   ?   ?   A . n 
A 1 157 HIS 157 157 ?   ?   ?   A . n 
A 1 158 HIS 158 158 ?   ?   ?   A . n 
A 1 159 HIS 159 159 ?   ?   ?   A . n 
A 1 160 HIS 160 160 ?   ?   ?   A . n 
A 1 161 HIS 161 161 ?   ?   ?   A . n 
# 
loop_
_pdbx_nonpoly_scheme.asym_id 
_pdbx_nonpoly_scheme.entity_id 
_pdbx_nonpoly_scheme.mon_id 
_pdbx_nonpoly_scheme.ndb_seq_num 
_pdbx_nonpoly_scheme.pdb_seq_num 
_pdbx_nonpoly_scheme.auth_seq_num 
_pdbx_nonpoly_scheme.pdb_mon_id 
_pdbx_nonpoly_scheme.auth_mon_id 
_pdbx_nonpoly_scheme.pdb_strand_id 
_pdbx_nonpoly_scheme.pdb_ins_code 
B 2 HOH 1   201 145 HOH HOH A . 
B 2 HOH 2   202 160 HOH HOH A . 
B 2 HOH 3   203 139 HOH HOH A . 
B 2 HOH 4   204 143 HOH HOH A . 
B 2 HOH 5   205 87  HOH HOH A . 
B 2 HOH 6   206 9   HOH HOH A . 
B 2 HOH 7   207 89  HOH HOH A . 
B 2 HOH 8   208 124 HOH HOH A . 
B 2 HOH 9   209 125 HOH HOH A . 
B 2 HOH 10  210 100 HOH HOH A . 
B 2 HOH 11  211 117 HOH HOH A . 
B 2 HOH 12  212 107 HOH HOH A . 
B 2 HOH 13  213 162 HOH HOH A . 
B 2 HOH 14  214 132 HOH HOH A . 
B 2 HOH 15  215 115 HOH HOH A . 
B 2 HOH 16  216 41  HOH HOH A . 
B 2 HOH 17  217 78  HOH HOH A . 
B 2 HOH 18  218 129 HOH HOH A . 
B 2 HOH 19  219 59  HOH HOH A . 
B 2 HOH 20  220 144 HOH HOH A . 
B 2 HOH 21  221 48  HOH HOH A . 
B 2 HOH 22  222 50  HOH HOH A . 
B 2 HOH 23  223 71  HOH HOH A . 
B 2 HOH 24  224 74  HOH HOH A . 
B 2 HOH 25  225 171 HOH HOH A . 
B 2 HOH 26  226 35  HOH HOH A . 
B 2 HOH 27  227 186 HOH HOH A . 
B 2 HOH 28  228 45  HOH HOH A . 
B 2 HOH 29  229 37  HOH HOH A . 
B 2 HOH 30  230 126 HOH HOH A . 
B 2 HOH 31  231 22  HOH HOH A . 
B 2 HOH 32  232 30  HOH HOH A . 
B 2 HOH 33  233 1   HOH HOH A . 
B 2 HOH 34  234 7   HOH HOH A . 
B 2 HOH 35  235 26  HOH HOH A . 
B 2 HOH 36  236 76  HOH HOH A . 
B 2 HOH 37  237 70  HOH HOH A . 
B 2 HOH 38  238 190 HOH HOH A . 
B 2 HOH 39  239 19  HOH HOH A . 
B 2 HOH 40  240 4   HOH HOH A . 
B 2 HOH 41  241 25  HOH HOH A . 
B 2 HOH 42  242 10  HOH HOH A . 
B 2 HOH 43  243 2   HOH HOH A . 
B 2 HOH 44  244 75  HOH HOH A . 
B 2 HOH 45  245 15  HOH HOH A . 
B 2 HOH 46  246 141 HOH HOH A . 
B 2 HOH 47  247 39  HOH HOH A . 
B 2 HOH 48  248 67  HOH HOH A . 
B 2 HOH 49  249 207 HOH HOH A . 
B 2 HOH 50  250 17  HOH HOH A . 
B 2 HOH 51  251 5   HOH HOH A . 
B 2 HOH 52  252 52  HOH HOH A . 
B 2 HOH 53  253 167 HOH HOH A . 
B 2 HOH 54  254 108 HOH HOH A . 
B 2 HOH 55  255 137 HOH HOH A . 
B 2 HOH 56  256 136 HOH HOH A . 
B 2 HOH 57  257 8   HOH HOH A . 
B 2 HOH 58  258 13  HOH HOH A . 
B 2 HOH 59  259 68  HOH HOH A . 
B 2 HOH 60  260 166 HOH HOH A . 
B 2 HOH 61  261 18  HOH HOH A . 
B 2 HOH 62  262 3   HOH HOH A . 
B 2 HOH 63  263 34  HOH HOH A . 
B 2 HOH 64  264 118 HOH HOH A . 
B 2 HOH 65  265 138 HOH HOH A . 
B 2 HOH 66  266 119 HOH HOH A . 
B 2 HOH 67  267 98  HOH HOH A . 
B 2 HOH 68  268 33  HOH HOH A . 
B 2 HOH 69  269 82  HOH HOH A . 
B 2 HOH 70  270 212 HOH HOH A . 
B 2 HOH 71  271 12  HOH HOH A . 
B 2 HOH 72  272 192 HOH HOH A . 
B 2 HOH 73  273 20  HOH HOH A . 
B 2 HOH 74  274 63  HOH HOH A . 
B 2 HOH 75  275 182 HOH HOH A . 
B 2 HOH 76  276 23  HOH HOH A . 
B 2 HOH 77  277 130 HOH HOH A . 
B 2 HOH 78  278 27  HOH HOH A . 
B 2 HOH 79  279 54  HOH HOH A . 
B 2 HOH 80  280 204 HOH HOH A . 
B 2 HOH 81  281 172 HOH HOH A . 
B 2 HOH 82  282 90  HOH HOH A . 
B 2 HOH 83  283 110 HOH HOH A . 
B 2 HOH 84  284 154 HOH HOH A . 
B 2 HOH 85  285 159 HOH HOH A . 
B 2 HOH 86  286 156 HOH HOH A . 
B 2 HOH 87  287 40  HOH HOH A . 
B 2 HOH 88  288 32  HOH HOH A . 
B 2 HOH 89  289 79  HOH HOH A . 
B 2 HOH 90  290 120 HOH HOH A . 
B 2 HOH 91  291 121 HOH HOH A . 
B 2 HOH 92  292 140 HOH HOH A . 
B 2 HOH 93  293 158 HOH HOH A . 
B 2 HOH 94  294 57  HOH HOH A . 
B 2 HOH 95  295 185 HOH HOH A . 
B 2 HOH 96  296 88  HOH HOH A . 
B 2 HOH 97  297 191 HOH HOH A . 
B 2 HOH 98  298 65  HOH HOH A . 
B 2 HOH 99  299 21  HOH HOH A . 
B 2 HOH 100 300 16  HOH HOH A . 
B 2 HOH 101 301 31  HOH HOH A . 
B 2 HOH 102 302 14  HOH HOH A . 
B 2 HOH 103 303 11  HOH HOH A . 
B 2 HOH 104 304 106 HOH HOH A . 
B 2 HOH 105 305 95  HOH HOH A . 
B 2 HOH 106 306 51  HOH HOH A . 
B 2 HOH 107 307 66  HOH HOH A . 
B 2 HOH 108 308 135 HOH HOH A . 
B 2 HOH 109 309 38  HOH HOH A . 
B 2 HOH 110 310 61  HOH HOH A . 
B 2 HOH 111 311 42  HOH HOH A . 
B 2 HOH 112 312 163 HOH HOH A . 
B 2 HOH 113 313 104 HOH HOH A . 
B 2 HOH 114 314 58  HOH HOH A . 
B 2 HOH 115 315 146 HOH HOH A . 
B 2 HOH 116 316 43  HOH HOH A . 
B 2 HOH 117 317 200 HOH HOH A . 
B 2 HOH 118 318 44  HOH HOH A . 
B 2 HOH 119 319 46  HOH HOH A . 
B 2 HOH 120 320 157 HOH HOH A . 
B 2 HOH 121 321 77  HOH HOH A . 
B 2 HOH 122 322 55  HOH HOH A . 
B 2 HOH 123 323 97  HOH HOH A . 
B 2 HOH 124 324 6   HOH HOH A . 
B 2 HOH 125 325 28  HOH HOH A . 
B 2 HOH 126 326 153 HOH HOH A . 
B 2 HOH 127 327 73  HOH HOH A . 
B 2 HOH 128 328 109 HOH HOH A . 
B 2 HOH 129 329 56  HOH HOH A . 
B 2 HOH 130 330 196 HOH HOH A . 
B 2 HOH 131 331 72  HOH HOH A . 
B 2 HOH 132 332 149 HOH HOH A . 
B 2 HOH 133 333 183 HOH HOH A . 
B 2 HOH 134 334 111 HOH HOH A . 
B 2 HOH 135 335 148 HOH HOH A . 
B 2 HOH 136 336 150 HOH HOH A . 
B 2 HOH 137 337 205 HOH HOH A . 
B 2 HOH 138 338 83  HOH HOH A . 
B 2 HOH 139 339 181 HOH HOH A . 
B 2 HOH 140 340 147 HOH HOH A . 
B 2 HOH 141 341 206 HOH HOH A . 
B 2 HOH 142 342 165 HOH HOH A . 
B 2 HOH 143 343 194 HOH HOH A . 
B 2 HOH 144 344 64  HOH HOH A . 
B 2 HOH 145 345 197 HOH HOH A . 
B 2 HOH 146 346 99  HOH HOH A . 
B 2 HOH 147 347 91  HOH HOH A . 
B 2 HOH 148 348 128 HOH HOH A . 
B 2 HOH 149 349 53  HOH HOH A . 
B 2 HOH 150 350 80  HOH HOH A . 
B 2 HOH 151 351 103 HOH HOH A . 
B 2 HOH 152 352 105 HOH HOH A . 
B 2 HOH 153 353 122 HOH HOH A . 
B 2 HOH 154 354 178 HOH HOH A . 
B 2 HOH 155 355 102 HOH HOH A . 
B 2 HOH 156 356 164 HOH HOH A . 
B 2 HOH 157 357 94  HOH HOH A . 
B 2 HOH 158 358 151 HOH HOH A . 
B 2 HOH 159 359 86  HOH HOH A . 
B 2 HOH 160 360 113 HOH HOH A . 
B 2 HOH 161 361 169 HOH HOH A . 
B 2 HOH 162 362 188 HOH HOH A . 
B 2 HOH 163 363 189 HOH HOH A . 
B 2 HOH 164 364 198 HOH HOH A . 
B 2 HOH 165 365 84  HOH HOH A . 
B 2 HOH 166 366 203 HOH HOH A . 
B 2 HOH 167 367 49  HOH HOH A . 
B 2 HOH 168 368 211 HOH HOH A . 
B 2 HOH 169 369 173 HOH HOH A . 
B 2 HOH 170 370 36  HOH HOH A . 
B 2 HOH 171 371 133 HOH HOH A . 
B 2 HOH 172 372 29  HOH HOH A . 
B 2 HOH 173 373 114 HOH HOH A . 
B 2 HOH 174 374 47  HOH HOH A . 
B 2 HOH 175 375 201 HOH HOH A . 
B 2 HOH 176 376 123 HOH HOH A . 
B 2 HOH 177 377 96  HOH HOH A . 
B 2 HOH 178 378 112 HOH HOH A . 
B 2 HOH 179 379 62  HOH HOH A . 
B 2 HOH 180 380 24  HOH HOH A . 
B 2 HOH 181 381 195 HOH HOH A . 
B 2 HOH 182 382 60  HOH HOH A . 
B 2 HOH 183 383 209 HOH HOH A . 
B 2 HOH 184 384 155 HOH HOH A . 
# 
_pdbx_struct_assembly.id                   1 
_pdbx_struct_assembly.details              author_and_software_defined_assembly 
_pdbx_struct_assembly.method_details       PISA 
_pdbx_struct_assembly.oligomeric_details   hexameric 
_pdbx_struct_assembly.oligomeric_count     6 
# 
_pdbx_struct_assembly_gen.assembly_id       1 
_pdbx_struct_assembly_gen.oper_expression   1,2,3,4,5,6 
_pdbx_struct_assembly_gen.asym_id_list      A,B 
# 
loop_
_pdbx_struct_assembly_prop.biol_id 
_pdbx_struct_assembly_prop.type 
_pdbx_struct_assembly_prop.value 
_pdbx_struct_assembly_prop.details 
1 'ABSA (A^2)' 15250 ? 
1 MORE         -86   ? 
1 'SSA (A^2)'  32970 ? 
# 
loop_
_pdbx_struct_oper_list.id 
_pdbx_struct_oper_list.type 
_pdbx_struct_oper_list.name 
_pdbx_struct_oper_list.symmetry_operation 
_pdbx_struct_oper_list.matrix[1][1] 
_pdbx_struct_oper_list.matrix[1][2] 
_pdbx_struct_oper_list.matrix[1][3] 
_pdbx_struct_oper_list.vector[1] 
_pdbx_struct_oper_list.matrix[2][1] 
_pdbx_struct_oper_list.matrix[2][2] 
_pdbx_struct_oper_list.matrix[2][3] 
_pdbx_struct_oper_list.vector[2] 
_pdbx_struct_oper_list.matrix[3][1] 
_pdbx_struct_oper_list.matrix[3][2] 
_pdbx_struct_oper_list.matrix[3][3] 
_pdbx_struct_oper_list.vector[3] 
1 'identity operation'         1_555 x,y,z        1.0000000000  0.0000000000  0.0000000000  0.0000000000  0.0000000000  1.0000000000  0.0000000000  0.0000000000   0.0000000000  0.0000000000  1.0000000000  0.0000000000  
2 'crystal symmetry operation' 2_665 -y+1,x-y+1,z 0.4046731804  -0.8665419442 0.2921381113  3.9335123649  -0.5293949890 0.0384927849  0.8475017706  -5.4253501329  -0.7456410415 -0.4976176891 -0.4431659653 32.3934685537 
3 'crystal symmetry operation' 3_565 -x+y,-x+1,z  0.4046731804  -0.5293949890 -0.7456410415 19.6899594962 -0.8665419442 0.0384927849  -0.4976176891 19.7369532499  0.2921381113  0.8475017706  -0.4431659653 17.8045477313 
4 'crystal symmetry operation' 4_665 -y+1,-x+1,-z -0.5712255781 0.3086778806  0.7605388254  16.4995844037 0.3086778806  -0.7777805086 0.5475175308  -17.2494521456 0.7605388254  0.5475175308  0.3490060866  -2.3010993991 
5 'crystal symmetry operation' 5_555 -x+y,y,-z    -0.9616611565 0.1284152215  -0.2423166338 37.2144664730 0.1284152215  -0.5698756771 -0.8116349201 5.9204596162   -0.2423166338 -0.8116349201 0.5315368335  9.0255328575  
6 'crystal symmetry operation' 6_565 x,x-y+1,-z   -0.2764596262 0.9588438310  -0.0647192614 24.8855866259 0.9588438310  0.2706706157  -0.0857666922 -16.7743127041 -0.0647192614 -0.0857666922 -0.9942109895 29.6941027058 
# 
loop_
_pdbx_struct_special_symmetry.id 
_pdbx_struct_special_symmetry.PDB_model_num 
_pdbx_struct_special_symmetry.auth_asym_id 
_pdbx_struct_special_symmetry.auth_comp_id 
_pdbx_struct_special_symmetry.auth_seq_id 
_pdbx_struct_special_symmetry.PDB_ins_code 
_pdbx_struct_special_symmetry.label_asym_id 
_pdbx_struct_special_symmetry.label_comp_id 
_pdbx_struct_special_symmetry.label_seq_id 
1 1 A HOH 266 ? B HOH . 
2 1 A HOH 356 ? B HOH . 
3 1 A HOH 372 ? B HOH . 
# 
loop_
_pdbx_audit_revision_history.ordinal 
_pdbx_audit_revision_history.data_content_type 
_pdbx_audit_revision_history.major_revision 
_pdbx_audit_revision_history.minor_revision 
_pdbx_audit_revision_history.revision_date 
1 'Structure model' 1 0 2019-03-13 
2 'Structure model' 1 1 2023-11-22 
# 
_pdbx_audit_revision_details.ordinal             1 
_pdbx_audit_revision_details.revision_ordinal    1 
_pdbx_audit_revision_details.data_content_type   'Structure model' 
_pdbx_audit_revision_details.provider            repository 
_pdbx_audit_revision_details.type                'Initial release' 
_pdbx_audit_revision_details.description         ? 
_pdbx_audit_revision_details.details             ? 
# 
loop_
_pdbx_audit_revision_group.ordinal 
_pdbx_audit_revision_group.revision_ordinal 
_pdbx_audit_revision_group.data_content_type 
_pdbx_audit_revision_group.group 
1 2 'Structure model' 'Data collection'        
2 2 'Structure model' 'Database references'    
3 2 'Structure model' 'Refinement description' 
# 
loop_
_pdbx_audit_revision_category.ordinal 
_pdbx_audit_revision_category.revision_ordinal 
_pdbx_audit_revision_category.data_content_type 
_pdbx_audit_revision_category.category 
1 2 'Structure model' chem_comp_atom                
2 2 'Structure model' chem_comp_bond                
3 2 'Structure model' database_2                    
4 2 'Structure model' pdbx_initial_refinement_model 
# 
loop_
_pdbx_audit_revision_item.ordinal 
_pdbx_audit_revision_item.revision_ordinal 
_pdbx_audit_revision_item.data_content_type 
_pdbx_audit_revision_item.item 
1 2 'Structure model' '_database_2.pdbx_DOI'                
2 2 'Structure model' '_database_2.pdbx_database_accession' 
# 
loop_
_software.citation_id 
_software.classification 
_software.compiler_name 
_software.compiler_version 
_software.contact_author 
_software.contact_author_email 
_software.date 
_software.description 
_software.dependencies 
_software.hardware 
_software.language 
_software.location 
_software.mods 
_software.name 
_software.os 
_software.os_version 
_software.type 
_software.version 
_software.pdbx_ordinal 
? refinement       ? ? ? ? ? ? ? ? ? ? ? PHENIX   ? ? ? '(1.12_2829: ???)' 1 
? 'data reduction' ? ? ? ? ? ? ? ? ? ? ? HKL-2000 ? ? ? .                  2 
? 'data scaling'   ? ? ? ? ? ? ? ? ? ? ? HKL-2000 ? ? ? .                  3 
? phasing          ? ? ? ? ? ? ? ? ? ? ? PHASER   ? ? ? .                  4 
# 
_pdbx_validate_torsion.id              1 
_pdbx_validate_torsion.PDB_model_num   1 
_pdbx_validate_torsion.auth_comp_id    VAL 
_pdbx_validate_torsion.auth_asym_id    A 
_pdbx_validate_torsion.auth_seq_id     115 
_pdbx_validate_torsion.PDB_ins_code    ? 
_pdbx_validate_torsion.label_alt_id    ? 
_pdbx_validate_torsion.phi             76.73 
_pdbx_validate_torsion.psi             -32.53 
# 
loop_
_pdbx_unobs_or_zero_occ_residues.id 
_pdbx_unobs_or_zero_occ_residues.PDB_model_num 
_pdbx_unobs_or_zero_occ_residues.polymer_flag 
_pdbx_unobs_or_zero_occ_residues.occupancy_flag 
_pdbx_unobs_or_zero_occ_residues.auth_asym_id 
_pdbx_unobs_or_zero_occ_residues.auth_comp_id 
_pdbx_unobs_or_zero_occ_residues.auth_seq_id 
_pdbx_unobs_or_zero_occ_residues.PDB_ins_code 
_pdbx_unobs_or_zero_occ_residues.label_asym_id 
_pdbx_unobs_or_zero_occ_residues.label_comp_id 
_pdbx_unobs_or_zero_occ_residues.label_seq_id 
1  1 Y 1 A MET 1   ? A MET 1   
2  1 Y 1 A GLU 151 ? A GLU 151 
3  1 Y 1 A LYS 152 ? A LYS 152 
4  1 Y 1 A ALA 153 ? A ALA 153 
5  1 Y 1 A LEU 154 ? A LEU 154 
6  1 Y 1 A GLU 155 ? A GLU 155 
7  1 Y 1 A HIS 156 ? A HIS 156 
8  1 Y 1 A HIS 157 ? A HIS 157 
9  1 Y 1 A HIS 158 ? A HIS 158 
10 1 Y 1 A HIS 159 ? A HIS 159 
11 1 Y 1 A HIS 160 ? A HIS 160 
12 1 Y 1 A HIS 161 ? A HIS 161 
# 
loop_
_chem_comp_atom.comp_id 
_chem_comp_atom.atom_id 
_chem_comp_atom.type_symbol 
_chem_comp_atom.pdbx_aromatic_flag 
_chem_comp_atom.pdbx_stereo_config 
_chem_comp_atom.pdbx_ordinal 
ALA N    N N N 1   
ALA CA   C N S 2   
ALA C    C N N 3   
ALA O    O N N 4   
ALA CB   C N N 5   
ALA OXT  O N N 6   
ALA H    H N N 7   
ALA H2   H N N 8   
ALA HA   H N N 9   
ALA HB1  H N N 10  
ALA HB2  H N N 11  
ALA HB3  H N N 12  
ALA HXT  H N N 13  
ARG N    N N N 14  
ARG CA   C N S 15  
ARG C    C N N 16  
ARG O    O N N 17  
ARG CB   C N N 18  
ARG CG   C N N 19  
ARG CD   C N N 20  
ARG NE   N N N 21  
ARG CZ   C N N 22  
ARG NH1  N N N 23  
ARG NH2  N N N 24  
ARG OXT  O N N 25  
ARG H    H N N 26  
ARG H2   H N N 27  
ARG HA   H N N 28  
ARG HB2  H N N 29  
ARG HB3  H N N 30  
ARG HG2  H N N 31  
ARG HG3  H N N 32  
ARG HD2  H N N 33  
ARG HD3  H N N 34  
ARG HE   H N N 35  
ARG HH11 H N N 36  
ARG HH12 H N N 37  
ARG HH21 H N N 38  
ARG HH22 H N N 39  
ARG HXT  H N N 40  
ASN N    N N N 41  
ASN CA   C N S 42  
ASN C    C N N 43  
ASN O    O N N 44  
ASN CB   C N N 45  
ASN CG   C N N 46  
ASN OD1  O N N 47  
ASN ND2  N N N 48  
ASN OXT  O N N 49  
ASN H    H N N 50  
ASN H2   H N N 51  
ASN HA   H N N 52  
ASN HB2  H N N 53  
ASN HB3  H N N 54  
ASN HD21 H N N 55  
ASN HD22 H N N 56  
ASN HXT  H N N 57  
ASP N    N N N 58  
ASP CA   C N S 59  
ASP C    C N N 60  
ASP O    O N N 61  
ASP CB   C N N 62  
ASP CG   C N N 63  
ASP OD1  O N N 64  
ASP OD2  O N N 65  
ASP OXT  O N N 66  
ASP H    H N N 67  
ASP H2   H N N 68  
ASP HA   H N N 69  
ASP HB2  H N N 70  
ASP HB3  H N N 71  
ASP HD2  H N N 72  
ASP HXT  H N N 73  
CYS N    N N N 74  
CYS CA   C N R 75  
CYS C    C N N 76  
CYS O    O N N 77  
CYS CB   C N N 78  
CYS SG   S N N 79  
CYS OXT  O N N 80  
CYS H    H N N 81  
CYS H2   H N N 82  
CYS HA   H N N 83  
CYS HB2  H N N 84  
CYS HB3  H N N 85  
CYS HG   H N N 86  
CYS HXT  H N N 87  
GLN N    N N N 88  
GLN CA   C N S 89  
GLN C    C N N 90  
GLN O    O N N 91  
GLN CB   C N N 92  
GLN CG   C N N 93  
GLN CD   C N N 94  
GLN OE1  O N N 95  
GLN NE2  N N N 96  
GLN OXT  O N N 97  
GLN H    H N N 98  
GLN H2   H N N 99  
GLN HA   H N N 100 
GLN HB2  H N N 101 
GLN HB3  H N N 102 
GLN HG2  H N N 103 
GLN HG3  H N N 104 
GLN HE21 H N N 105 
GLN HE22 H N N 106 
GLN HXT  H N N 107 
GLU N    N N N 108 
GLU CA   C N S 109 
GLU C    C N N 110 
GLU O    O N N 111 
GLU CB   C N N 112 
GLU CG   C N N 113 
GLU CD   C N N 114 
GLU OE1  O N N 115 
GLU OE2  O N N 116 
GLU OXT  O N N 117 
GLU H    H N N 118 
GLU H2   H N N 119 
GLU HA   H N N 120 
GLU HB2  H N N 121 
GLU HB3  H N N 122 
GLU HG2  H N N 123 
GLU HG3  H N N 124 
GLU HE2  H N N 125 
GLU HXT  H N N 126 
GLY N    N N N 127 
GLY CA   C N N 128 
GLY C    C N N 129 
GLY O    O N N 130 
GLY OXT  O N N 131 
GLY H    H N N 132 
GLY H2   H N N 133 
GLY HA2  H N N 134 
GLY HA3  H N N 135 
GLY HXT  H N N 136 
HIS N    N N N 137 
HIS CA   C N S 138 
HIS C    C N N 139 
HIS O    O N N 140 
HIS CB   C N N 141 
HIS CG   C Y N 142 
HIS ND1  N Y N 143 
HIS CD2  C Y N 144 
HIS CE1  C Y N 145 
HIS NE2  N Y N 146 
HIS OXT  O N N 147 
HIS H    H N N 148 
HIS H2   H N N 149 
HIS HA   H N N 150 
HIS HB2  H N N 151 
HIS HB3  H N N 152 
HIS HD1  H N N 153 
HIS HD2  H N N 154 
HIS HE1  H N N 155 
HIS HE2  H N N 156 
HIS HXT  H N N 157 
HOH O    O N N 158 
HOH H1   H N N 159 
HOH H2   H N N 160 
ILE N    N N N 161 
ILE CA   C N S 162 
ILE C    C N N 163 
ILE O    O N N 164 
ILE CB   C N S 165 
ILE CG1  C N N 166 
ILE CG2  C N N 167 
ILE CD1  C N N 168 
ILE OXT  O N N 169 
ILE H    H N N 170 
ILE H2   H N N 171 
ILE HA   H N N 172 
ILE HB   H N N 173 
ILE HG12 H N N 174 
ILE HG13 H N N 175 
ILE HG21 H N N 176 
ILE HG22 H N N 177 
ILE HG23 H N N 178 
ILE HD11 H N N 179 
ILE HD12 H N N 180 
ILE HD13 H N N 181 
ILE HXT  H N N 182 
LEU N    N N N 183 
LEU CA   C N S 184 
LEU C    C N N 185 
LEU O    O N N 186 
LEU CB   C N N 187 
LEU CG   C N N 188 
LEU CD1  C N N 189 
LEU CD2  C N N 190 
LEU OXT  O N N 191 
LEU H    H N N 192 
LEU H2   H N N 193 
LEU HA   H N N 194 
LEU HB2  H N N 195 
LEU HB3  H N N 196 
LEU HG   H N N 197 
LEU HD11 H N N 198 
LEU HD12 H N N 199 
LEU HD13 H N N 200 
LEU HD21 H N N 201 
LEU HD22 H N N 202 
LEU HD23 H N N 203 
LEU HXT  H N N 204 
LYS N    N N N 205 
LYS CA   C N S 206 
LYS C    C N N 207 
LYS O    O N N 208 
LYS CB   C N N 209 
LYS CG   C N N 210 
LYS CD   C N N 211 
LYS CE   C N N 212 
LYS NZ   N N N 213 
LYS OXT  O N N 214 
LYS H    H N N 215 
LYS H2   H N N 216 
LYS HA   H N N 217 
LYS HB2  H N N 218 
LYS HB3  H N N 219 
LYS HG2  H N N 220 
LYS HG3  H N N 221 
LYS HD2  H N N 222 
LYS HD3  H N N 223 
LYS HE2  H N N 224 
LYS HE3  H N N 225 
LYS HZ1  H N N 226 
LYS HZ2  H N N 227 
LYS HZ3  H N N 228 
LYS HXT  H N N 229 
MET N    N N N 230 
MET CA   C N S 231 
MET C    C N N 232 
MET O    O N N 233 
MET CB   C N N 234 
MET CG   C N N 235 
MET SD   S N N 236 
MET CE   C N N 237 
MET OXT  O N N 238 
MET H    H N N 239 
MET H2   H N N 240 
MET HA   H N N 241 
MET HB2  H N N 242 
MET HB3  H N N 243 
MET HG2  H N N 244 
MET HG3  H N N 245 
MET HE1  H N N 246 
MET HE2  H N N 247 
MET HE3  H N N 248 
MET HXT  H N N 249 
PHE N    N N N 250 
PHE CA   C N S 251 
PHE C    C N N 252 
PHE O    O N N 253 
PHE CB   C N N 254 
PHE CG   C Y N 255 
PHE CD1  C Y N 256 
PHE CD2  C Y N 257 
PHE CE1  C Y N 258 
PHE CE2  C Y N 259 
PHE CZ   C Y N 260 
PHE OXT  O N N 261 
PHE H    H N N 262 
PHE H2   H N N 263 
PHE HA   H N N 264 
PHE HB2  H N N 265 
PHE HB3  H N N 266 
PHE HD1  H N N 267 
PHE HD2  H N N 268 
PHE HE1  H N N 269 
PHE HE2  H N N 270 
PHE HZ   H N N 271 
PHE HXT  H N N 272 
PRO N    N N N 273 
PRO CA   C N S 274 
PRO C    C N N 275 
PRO O    O N N 276 
PRO CB   C N N 277 
PRO CG   C N N 278 
PRO CD   C N N 279 
PRO OXT  O N N 280 
PRO H    H N N 281 
PRO HA   H N N 282 
PRO HB2  H N N 283 
PRO HB3  H N N 284 
PRO HG2  H N N 285 
PRO HG3  H N N 286 
PRO HD2  H N N 287 
PRO HD3  H N N 288 
PRO HXT  H N N 289 
SER N    N N N 290 
SER CA   C N S 291 
SER C    C N N 292 
SER O    O N N 293 
SER CB   C N N 294 
SER OG   O N N 295 
SER OXT  O N N 296 
SER H    H N N 297 
SER H2   H N N 298 
SER HA   H N N 299 
SER HB2  H N N 300 
SER HB3  H N N 301 
SER HG   H N N 302 
SER HXT  H N N 303 
THR N    N N N 304 
THR CA   C N S 305 
THR C    C N N 306 
THR O    O N N 307 
THR CB   C N R 308 
THR OG1  O N N 309 
THR CG2  C N N 310 
THR OXT  O N N 311 
THR H    H N N 312 
THR H2   H N N 313 
THR HA   H N N 314 
THR HB   H N N 315 
THR HG1  H N N 316 
THR HG21 H N N 317 
THR HG22 H N N 318 
THR HG23 H N N 319 
THR HXT  H N N 320 
TRP N    N N N 321 
TRP CA   C N S 322 
TRP C    C N N 323 
TRP O    O N N 324 
TRP CB   C N N 325 
TRP CG   C Y N 326 
TRP CD1  C Y N 327 
TRP CD2  C Y N 328 
TRP NE1  N Y N 329 
TRP CE2  C Y N 330 
TRP CE3  C Y N 331 
TRP CZ2  C Y N 332 
TRP CZ3  C Y N 333 
TRP CH2  C Y N 334 
TRP OXT  O N N 335 
TRP H    H N N 336 
TRP H2   H N N 337 
TRP HA   H N N 338 
TRP HB2  H N N 339 
TRP HB3  H N N 340 
TRP HD1  H N N 341 
TRP HE1  H N N 342 
TRP HE3  H N N 343 
TRP HZ2  H N N 344 
TRP HZ3  H N N 345 
TRP HH2  H N N 346 
TRP HXT  H N N 347 
TYR N    N N N 348 
TYR CA   C N S 349 
TYR C    C N N 350 
TYR O    O N N 351 
TYR CB   C N N 352 
TYR CG   C Y N 353 
TYR CD1  C Y N 354 
TYR CD2  C Y N 355 
TYR CE1  C Y N 356 
TYR CE2  C Y N 357 
TYR CZ   C Y N 358 
TYR OH   O N N 359 
TYR OXT  O N N 360 
TYR H    H N N 361 
TYR H2   H N N 362 
TYR HA   H N N 363 
TYR HB2  H N N 364 
TYR HB3  H N N 365 
TYR HD1  H N N 366 
TYR HD2  H N N 367 
TYR HE1  H N N 368 
TYR HE2  H N N 369 
TYR HH   H N N 370 
TYR HXT  H N N 371 
VAL N    N N N 372 
VAL CA   C N S 373 
VAL C    C N N 374 
VAL O    O N N 375 
VAL CB   C N N 376 
VAL CG1  C N N 377 
VAL CG2  C N N 378 
VAL OXT  O N N 379 
VAL H    H N N 380 
VAL H2   H N N 381 
VAL HA   H N N 382 
VAL HB   H N N 383 
VAL HG11 H N N 384 
VAL HG12 H N N 385 
VAL HG13 H N N 386 
VAL HG21 H N N 387 
VAL HG22 H N N 388 
VAL HG23 H N N 389 
VAL HXT  H N N 390 
# 
loop_
_chem_comp_bond.comp_id 
_chem_comp_bond.atom_id_1 
_chem_comp_bond.atom_id_2 
_chem_comp_bond.value_order 
_chem_comp_bond.pdbx_aromatic_flag 
_chem_comp_bond.pdbx_stereo_config 
_chem_comp_bond.pdbx_ordinal 
ALA N   CA   sing N N 1   
ALA N   H    sing N N 2   
ALA N   H2   sing N N 3   
ALA CA  C    sing N N 4   
ALA CA  CB   sing N N 5   
ALA CA  HA   sing N N 6   
ALA C   O    doub N N 7   
ALA C   OXT  sing N N 8   
ALA CB  HB1  sing N N 9   
ALA CB  HB2  sing N N 10  
ALA CB  HB3  sing N N 11  
ALA OXT HXT  sing N N 12  
ARG N   CA   sing N N 13  
ARG N   H    sing N N 14  
ARG N   H2   sing N N 15  
ARG CA  C    sing N N 16  
ARG CA  CB   sing N N 17  
ARG CA  HA   sing N N 18  
ARG C   O    doub N N 19  
ARG C   OXT  sing N N 20  
ARG CB  CG   sing N N 21  
ARG CB  HB2  sing N N 22  
ARG CB  HB3  sing N N 23  
ARG CG  CD   sing N N 24  
ARG CG  HG2  sing N N 25  
ARG CG  HG3  sing N N 26  
ARG CD  NE   sing N N 27  
ARG CD  HD2  sing N N 28  
ARG CD  HD3  sing N N 29  
ARG NE  CZ   sing N N 30  
ARG NE  HE   sing N N 31  
ARG CZ  NH1  sing N N 32  
ARG CZ  NH2  doub N N 33  
ARG NH1 HH11 sing N N 34  
ARG NH1 HH12 sing N N 35  
ARG NH2 HH21 sing N N 36  
ARG NH2 HH22 sing N N 37  
ARG OXT HXT  sing N N 38  
ASN N   CA   sing N N 39  
ASN N   H    sing N N 40  
ASN N   H2   sing N N 41  
ASN CA  C    sing N N 42  
ASN CA  CB   sing N N 43  
ASN CA  HA   sing N N 44  
ASN C   O    doub N N 45  
ASN C   OXT  sing N N 46  
ASN CB  CG   sing N N 47  
ASN CB  HB2  sing N N 48  
ASN CB  HB3  sing N N 49  
ASN CG  OD1  doub N N 50  
ASN CG  ND2  sing N N 51  
ASN ND2 HD21 sing N N 52  
ASN ND2 HD22 sing N N 53  
ASN OXT HXT  sing N N 54  
ASP N   CA   sing N N 55  
ASP N   H    sing N N 56  
ASP N   H2   sing N N 57  
ASP CA  C    sing N N 58  
ASP CA  CB   sing N N 59  
ASP CA  HA   sing N N 60  
ASP C   O    doub N N 61  
ASP C   OXT  sing N N 62  
ASP CB  CG   sing N N 63  
ASP CB  HB2  sing N N 64  
ASP CB  HB3  sing N N 65  
ASP CG  OD1  doub N N 66  
ASP CG  OD2  sing N N 67  
ASP OD2 HD2  sing N N 68  
ASP OXT HXT  sing N N 69  
CYS N   CA   sing N N 70  
CYS N   H    sing N N 71  
CYS N   H2   sing N N 72  
CYS CA  C    sing N N 73  
CYS CA  CB   sing N N 74  
CYS CA  HA   sing N N 75  
CYS C   O    doub N N 76  
CYS C   OXT  sing N N 77  
CYS CB  SG   sing N N 78  
CYS CB  HB2  sing N N 79  
CYS CB  HB3  sing N N 80  
CYS SG  HG   sing N N 81  
CYS OXT HXT  sing N N 82  
GLN N   CA   sing N N 83  
GLN N   H    sing N N 84  
GLN N   H2   sing N N 85  
GLN CA  C    sing N N 86  
GLN CA  CB   sing N N 87  
GLN CA  HA   sing N N 88  
GLN C   O    doub N N 89  
GLN C   OXT  sing N N 90  
GLN CB  CG   sing N N 91  
GLN CB  HB2  sing N N 92  
GLN CB  HB3  sing N N 93  
GLN CG  CD   sing N N 94  
GLN CG  HG2  sing N N 95  
GLN CG  HG3  sing N N 96  
GLN CD  OE1  doub N N 97  
GLN CD  NE2  sing N N 98  
GLN NE2 HE21 sing N N 99  
GLN NE2 HE22 sing N N 100 
GLN OXT HXT  sing N N 101 
GLU N   CA   sing N N 102 
GLU N   H    sing N N 103 
GLU N   H2   sing N N 104 
GLU CA  C    sing N N 105 
GLU CA  CB   sing N N 106 
GLU CA  HA   sing N N 107 
GLU C   O    doub N N 108 
GLU C   OXT  sing N N 109 
GLU CB  CG   sing N N 110 
GLU CB  HB2  sing N N 111 
GLU CB  HB3  sing N N 112 
GLU CG  CD   sing N N 113 
GLU CG  HG2  sing N N 114 
GLU CG  HG3  sing N N 115 
GLU CD  OE1  doub N N 116 
GLU CD  OE2  sing N N 117 
GLU OE2 HE2  sing N N 118 
GLU OXT HXT  sing N N 119 
GLY N   CA   sing N N 120 
GLY N   H    sing N N 121 
GLY N   H2   sing N N 122 
GLY CA  C    sing N N 123 
GLY CA  HA2  sing N N 124 
GLY CA  HA3  sing N N 125 
GLY C   O    doub N N 126 
GLY C   OXT  sing N N 127 
GLY OXT HXT  sing N N 128 
HIS N   CA   sing N N 129 
HIS N   H    sing N N 130 
HIS N   H2   sing N N 131 
HIS CA  C    sing N N 132 
HIS CA  CB   sing N N 133 
HIS CA  HA   sing N N 134 
HIS C   O    doub N N 135 
HIS C   OXT  sing N N 136 
HIS CB  CG   sing N N 137 
HIS CB  HB2  sing N N 138 
HIS CB  HB3  sing N N 139 
HIS CG  ND1  sing Y N 140 
HIS CG  CD2  doub Y N 141 
HIS ND1 CE1  doub Y N 142 
HIS ND1 HD1  sing N N 143 
HIS CD2 NE2  sing Y N 144 
HIS CD2 HD2  sing N N 145 
HIS CE1 NE2  sing Y N 146 
HIS CE1 HE1  sing N N 147 
HIS NE2 HE2  sing N N 148 
HIS OXT HXT  sing N N 149 
HOH O   H1   sing N N 150 
HOH O   H2   sing N N 151 
ILE N   CA   sing N N 152 
ILE N   H    sing N N 153 
ILE N   H2   sing N N 154 
ILE CA  C    sing N N 155 
ILE CA  CB   sing N N 156 
ILE CA  HA   sing N N 157 
ILE C   O    doub N N 158 
ILE C   OXT  sing N N 159 
ILE CB  CG1  sing N N 160 
ILE CB  CG2  sing N N 161 
ILE CB  HB   sing N N 162 
ILE CG1 CD1  sing N N 163 
ILE CG1 HG12 sing N N 164 
ILE CG1 HG13 sing N N 165 
ILE CG2 HG21 sing N N 166 
ILE CG2 HG22 sing N N 167 
ILE CG2 HG23 sing N N 168 
ILE CD1 HD11 sing N N 169 
ILE CD1 HD12 sing N N 170 
ILE CD1 HD13 sing N N 171 
ILE OXT HXT  sing N N 172 
LEU N   CA   sing N N 173 
LEU N   H    sing N N 174 
LEU N   H2   sing N N 175 
LEU CA  C    sing N N 176 
LEU CA  CB   sing N N 177 
LEU CA  HA   sing N N 178 
LEU C   O    doub N N 179 
LEU C   OXT  sing N N 180 
LEU CB  CG   sing N N 181 
LEU CB  HB2  sing N N 182 
LEU CB  HB3  sing N N 183 
LEU CG  CD1  sing N N 184 
LEU CG  CD2  sing N N 185 
LEU CG  HG   sing N N 186 
LEU CD1 HD11 sing N N 187 
LEU CD1 HD12 sing N N 188 
LEU CD1 HD13 sing N N 189 
LEU CD2 HD21 sing N N 190 
LEU CD2 HD22 sing N N 191 
LEU CD2 HD23 sing N N 192 
LEU OXT HXT  sing N N 193 
LYS N   CA   sing N N 194 
LYS N   H    sing N N 195 
LYS N   H2   sing N N 196 
LYS CA  C    sing N N 197 
LYS CA  CB   sing N N 198 
LYS CA  HA   sing N N 199 
LYS C   O    doub N N 200 
LYS C   OXT  sing N N 201 
LYS CB  CG   sing N N 202 
LYS CB  HB2  sing N N 203 
LYS CB  HB3  sing N N 204 
LYS CG  CD   sing N N 205 
LYS CG  HG2  sing N N 206 
LYS CG  HG3  sing N N 207 
LYS CD  CE   sing N N 208 
LYS CD  HD2  sing N N 209 
LYS CD  HD3  sing N N 210 
LYS CE  NZ   sing N N 211 
LYS CE  HE2  sing N N 212 
LYS CE  HE3  sing N N 213 
LYS NZ  HZ1  sing N N 214 
LYS NZ  HZ2  sing N N 215 
LYS NZ  HZ3  sing N N 216 
LYS OXT HXT  sing N N 217 
MET N   CA   sing N N 218 
MET N   H    sing N N 219 
MET N   H2   sing N N 220 
MET CA  C    sing N N 221 
MET CA  CB   sing N N 222 
MET CA  HA   sing N N 223 
MET C   O    doub N N 224 
MET C   OXT  sing N N 225 
MET CB  CG   sing N N 226 
MET CB  HB2  sing N N 227 
MET CB  HB3  sing N N 228 
MET CG  SD   sing N N 229 
MET CG  HG2  sing N N 230 
MET CG  HG3  sing N N 231 
MET SD  CE   sing N N 232 
MET CE  HE1  sing N N 233 
MET CE  HE2  sing N N 234 
MET CE  HE3  sing N N 235 
MET OXT HXT  sing N N 236 
PHE N   CA   sing N N 237 
PHE N   H    sing N N 238 
PHE N   H2   sing N N 239 
PHE CA  C    sing N N 240 
PHE CA  CB   sing N N 241 
PHE CA  HA   sing N N 242 
PHE C   O    doub N N 243 
PHE C   OXT  sing N N 244 
PHE CB  CG   sing N N 245 
PHE CB  HB2  sing N N 246 
PHE CB  HB3  sing N N 247 
PHE CG  CD1  doub Y N 248 
PHE CG  CD2  sing Y N 249 
PHE CD1 CE1  sing Y N 250 
PHE CD1 HD1  sing N N 251 
PHE CD2 CE2  doub Y N 252 
PHE CD2 HD2  sing N N 253 
PHE CE1 CZ   doub Y N 254 
PHE CE1 HE1  sing N N 255 
PHE CE2 CZ   sing Y N 256 
PHE CE2 HE2  sing N N 257 
PHE CZ  HZ   sing N N 258 
PHE OXT HXT  sing N N 259 
PRO N   CA   sing N N 260 
PRO N   CD   sing N N 261 
PRO N   H    sing N N 262 
PRO CA  C    sing N N 263 
PRO CA  CB   sing N N 264 
PRO CA  HA   sing N N 265 
PRO C   O    doub N N 266 
PRO C   OXT  sing N N 267 
PRO CB  CG   sing N N 268 
PRO CB  HB2  sing N N 269 
PRO CB  HB3  sing N N 270 
PRO CG  CD   sing N N 271 
PRO CG  HG2  sing N N 272 
PRO CG  HG3  sing N N 273 
PRO CD  HD2  sing N N 274 
PRO CD  HD3  sing N N 275 
PRO OXT HXT  sing N N 276 
SER N   CA   sing N N 277 
SER N   H    sing N N 278 
SER N   H2   sing N N 279 
SER CA  C    sing N N 280 
SER CA  CB   sing N N 281 
SER CA  HA   sing N N 282 
SER C   O    doub N N 283 
SER C   OXT  sing N N 284 
SER CB  OG   sing N N 285 
SER CB  HB2  sing N N 286 
SER CB  HB3  sing N N 287 
SER OG  HG   sing N N 288 
SER OXT HXT  sing N N 289 
THR N   CA   sing N N 290 
THR N   H    sing N N 291 
THR N   H2   sing N N 292 
THR CA  C    sing N N 293 
THR CA  CB   sing N N 294 
THR CA  HA   sing N N 295 
THR C   O    doub N N 296 
THR C   OXT  sing N N 297 
THR CB  OG1  sing N N 298 
THR CB  CG2  sing N N 299 
THR CB  HB   sing N N 300 
THR OG1 HG1  sing N N 301 
THR CG2 HG21 sing N N 302 
THR CG2 HG22 sing N N 303 
THR CG2 HG23 sing N N 304 
THR OXT HXT  sing N N 305 
TRP N   CA   sing N N 306 
TRP N   H    sing N N 307 
TRP N   H2   sing N N 308 
TRP CA  C    sing N N 309 
TRP CA  CB   sing N N 310 
TRP CA  HA   sing N N 311 
TRP C   O    doub N N 312 
TRP C   OXT  sing N N 313 
TRP CB  CG   sing N N 314 
TRP CB  HB2  sing N N 315 
TRP CB  HB3  sing N N 316 
TRP CG  CD1  doub Y N 317 
TRP CG  CD2  sing Y N 318 
TRP CD1 NE1  sing Y N 319 
TRP CD1 HD1  sing N N 320 
TRP CD2 CE2  doub Y N 321 
TRP CD2 CE3  sing Y N 322 
TRP NE1 CE2  sing Y N 323 
TRP NE1 HE1  sing N N 324 
TRP CE2 CZ2  sing Y N 325 
TRP CE3 CZ3  doub Y N 326 
TRP CE3 HE3  sing N N 327 
TRP CZ2 CH2  doub Y N 328 
TRP CZ2 HZ2  sing N N 329 
TRP CZ3 CH2  sing Y N 330 
TRP CZ3 HZ3  sing N N 331 
TRP CH2 HH2  sing N N 332 
TRP OXT HXT  sing N N 333 
TYR N   CA   sing N N 334 
TYR N   H    sing N N 335 
TYR N   H2   sing N N 336 
TYR CA  C    sing N N 337 
TYR CA  CB   sing N N 338 
TYR CA  HA   sing N N 339 
TYR C   O    doub N N 340 
TYR C   OXT  sing N N 341 
TYR CB  CG   sing N N 342 
TYR CB  HB2  sing N N 343 
TYR CB  HB3  sing N N 344 
TYR CG  CD1  doub Y N 345 
TYR CG  CD2  sing Y N 346 
TYR CD1 CE1  sing Y N 347 
TYR CD1 HD1  sing N N 348 
TYR CD2 CE2  doub Y N 349 
TYR CD2 HD2  sing N N 350 
TYR CE1 CZ   doub Y N 351 
TYR CE1 HE1  sing N N 352 
TYR CE2 CZ   sing Y N 353 
TYR CE2 HE2  sing N N 354 
TYR CZ  OH   sing N N 355 
TYR OH  HH   sing N N 356 
TYR OXT HXT  sing N N 357 
VAL N   CA   sing N N 358 
VAL N   H    sing N N 359 
VAL N   H2   sing N N 360 
VAL CA  C    sing N N 361 
VAL CA  CB   sing N N 362 
VAL CA  HA   sing N N 363 
VAL C   O    doub N N 364 
VAL C   OXT  sing N N 365 
VAL CB  CG1  sing N N 366 
VAL CB  CG2  sing N N 367 
VAL CB  HB   sing N N 368 
VAL CG1 HG11 sing N N 369 
VAL CG1 HG12 sing N N 370 
VAL CG1 HG13 sing N N 371 
VAL CG2 HG21 sing N N 372 
VAL CG2 HG22 sing N N 373 
VAL CG2 HG23 sing N N 374 
VAL OXT HXT  sing N N 375 
# 
_pdbx_entity_nonpoly.entity_id   2 
_pdbx_entity_nonpoly.name        water 
_pdbx_entity_nonpoly.comp_id     HOH 
# 
_pdbx_initial_refinement_model.id               1 
_pdbx_initial_refinement_model.entity_id_list   ? 
_pdbx_initial_refinement_model.type             'experimental model' 
_pdbx_initial_refinement_model.source_name      PDB 
_pdbx_initial_refinement_model.accession_code   4FKX 
_pdbx_initial_refinement_model.details          ? 
# 
_pdbx_struct_assembly_auth_evidence.id                     1 
_pdbx_struct_assembly_auth_evidence.assembly_id            1 
_pdbx_struct_assembly_auth_evidence.experimental_support   'gel filtration' 
_pdbx_struct_assembly_auth_evidence.details                ? 
# 
